data_3UK9
#
_entry.id   3UK9
#
_cell.length_a   73.990
_cell.length_b   84.130
_cell.length_c   93.159
_cell.angle_alpha   89.92
_cell.angle_beta   76.01
_cell.angle_gamma   77.00
#
_symmetry.space_group_name_H-M   'P 1'
#
loop_
_entity.id
_entity.type
_entity.pdbx_description
1 polymer 'Legume lectin'
2 non-polymer 1,2-ETHANEDIOL
3 non-polymer DI(HYDROXYETHYL)ETHER
4 non-polymer 'TRIETHYLENE GLYCOL'
5 non-polymer 'CALCIUM ION'
6 non-polymer 'MANGANESE (II) ION'
7 water water
#
_entity_poly.entity_id   1
_entity_poly.type   'polypeptide(L)'
_entity_poly.pdbx_seq_one_letter_code
;NNLISFTMKRIVLFLILLTKAASANLISFTFKKFNETNLILQRDATVSSGKLRITKAAENGVPTAGSLGRAFYSTPIQIW
DNTTGTVASWATSFTFNLQAPNAASPADGLAFALVPVGSQPKDKGGFLGLFDSKNYASSNQTVAVEFDTFYNGGWDPTER
HIGIDVNSIKSIKTTSWDFANGENAEVLITYDSSTNLLVASLVHPSQKTSFIVSERVDLTSVLPEWVSVGFSATTGLSKG
YVETNEVLSWSFASKLSINKEDEENKLAIFNLEGKAINNLA
;
_entity_poly.pdbx_strand_id   A,B,C,D,E,F,G,H
#
# COMPACT_ATOMS: atom_id res chain seq x y z
N ALA A 24 20.69 -31.66 -12.41
CA ALA A 24 20.01 -30.80 -11.40
C ALA A 24 18.52 -31.15 -11.27
N ASN A 25 18.08 -31.37 -10.03
CA ASN A 25 16.68 -31.71 -9.73
C ASN A 25 15.76 -30.51 -9.63
N LEU A 26 14.52 -30.67 -10.07
CA LEU A 26 13.55 -29.57 -10.14
C LEU A 26 12.21 -29.91 -9.48
N ILE A 27 11.61 -28.89 -8.85
CA ILE A 27 10.25 -28.97 -8.31
C ILE A 27 9.53 -27.64 -8.58
N SER A 28 8.25 -27.71 -8.93
CA SER A 28 7.49 -26.53 -9.35
C SER A 28 5.98 -26.75 -9.37
N PHE A 29 5.25 -25.80 -8.79
CA PHE A 29 3.79 -25.80 -8.79
C PHE A 29 3.25 -24.38 -8.77
N THR A 30 2.11 -24.16 -9.42
CA THR A 30 1.44 -22.85 -9.38
C THR A 30 -0.06 -22.95 -9.07
N PHE A 31 -0.40 -22.80 -7.80
CA PHE A 31 -1.79 -22.61 -7.39
C PHE A 31 -2.26 -21.26 -7.86
N LYS A 32 -3.35 -21.24 -8.62
CA LYS A 32 -4.08 -19.99 -8.86
C LYS A 32 -5.27 -19.95 -7.92
N LYS A 33 -5.77 -21.13 -7.57
CA LYS A 33 -6.74 -21.29 -6.50
C LYS A 33 -6.27 -22.43 -5.60
N PHE A 34 -6.39 -22.21 -4.29
CA PHE A 34 -5.99 -23.22 -3.31
C PHE A 34 -6.96 -24.40 -3.24
N ASN A 35 -6.40 -25.60 -3.19
CA ASN A 35 -7.20 -26.81 -3.02
C ASN A 35 -6.72 -27.58 -1.81
N GLU A 36 -7.67 -28.09 -1.03
CA GLU A 36 -7.39 -28.84 0.18
C GLU A 36 -6.55 -30.09 -0.12
N THR A 37 -6.84 -30.71 -1.27
CA THR A 37 -6.31 -32.03 -1.61
C THR A 37 -4.78 -32.11 -1.77
N ASN A 38 -4.13 -31.00 -2.10
CA ASN A 38 -2.67 -30.98 -2.25
C ASN A 38 -1.92 -30.05 -1.30
N LEU A 39 -2.37 -30.01 -0.05
CA LEU A 39 -1.69 -29.29 1.02
C LEU A 39 -1.78 -30.11 2.30
N ILE A 40 -0.99 -29.70 3.30
CA ILE A 40 -1.06 -30.31 4.62
C ILE A 40 -1.51 -29.22 5.59
N LEU A 41 -2.77 -29.31 6.02
CA LEU A 41 -3.38 -28.30 6.87
C LEU A 41 -3.24 -28.65 8.35
N GLN A 42 -2.79 -27.68 9.13
CA GLN A 42 -2.62 -27.82 10.57
C GLN A 42 -3.39 -26.72 11.31
N ARG A 43 -3.96 -27.06 12.46
CA ARG A 43 -4.74 -26.14 13.28
C ARG A 43 -5.93 -25.52 12.52
N ASP A 44 -6.14 -24.21 12.70
CA ASP A 44 -7.35 -23.52 12.17
C ASP A 44 -7.33 -23.23 10.67
N ALA A 45 -6.27 -23.64 9.98
CA ALA A 45 -6.13 -23.45 8.54
C ALA A 45 -7.19 -24.25 7.78
N THR A 46 -7.90 -23.57 6.89
CA THR A 46 -8.97 -24.21 6.11
C THR A 46 -9.12 -23.60 4.71
N VAL A 47 -9.35 -24.43 3.71
CA VAL A 47 -9.55 -23.99 2.33
C VAL A 47 -11.03 -23.77 2.06
N SER A 48 -11.37 -22.57 1.60
CA SER A 48 -12.76 -22.23 1.28
C SER A 48 -12.89 -21.27 0.10
N SER A 49 -13.79 -21.62 -0.83
CA SER A 49 -14.01 -20.88 -2.09
C SER A 49 -12.71 -20.50 -2.81
N GLY A 50 -11.72 -21.38 -2.73
CA GLY A 50 -10.44 -21.15 -3.39
C GLY A 50 -9.46 -20.32 -2.59
N LYS A 51 -9.91 -19.75 -1.47
CA LYS A 51 -9.01 -19.01 -0.58
C LYS A 51 -8.41 -19.94 0.46
N LEU A 52 -7.18 -19.64 0.86
CA LEU A 52 -6.53 -20.31 1.98
C LEU A 52 -6.66 -19.42 3.19
N ARG A 53 -7.72 -19.64 3.95
CA ARG A 53 -7.94 -18.87 5.17
C ARG A 53 -7.21 -19.54 6.34
N ILE A 54 -6.09 -18.95 6.73
CA ILE A 54 -5.20 -19.56 7.72
C ILE A 54 -5.60 -19.24 9.18
N THR A 55 -6.46 -18.24 9.36
CA THR A 55 -7.05 -17.96 10.68
C THR A 55 -8.58 -17.96 10.65
N LYS A 56 -9.18 -18.27 11.80
CA LYS A 56 -10.64 -18.44 11.93
C LYS A 56 -11.45 -17.19 11.58
N ALA A 57 -12.57 -17.41 10.88
CA ALA A 57 -13.54 -16.35 10.61
C ALA A 57 -14.95 -16.81 10.96
N ALA A 58 -15.71 -15.92 11.62
CA ALA A 58 -17.08 -16.22 12.08
C ALA A 58 -18.08 -16.43 10.94
N GLU A 59 -19.31 -16.76 11.31
CA GLU A 59 -20.38 -17.01 10.34
C GLU A 59 -20.71 -15.76 9.50
N ASN A 60 -20.61 -14.59 10.12
CA ASN A 60 -20.88 -13.32 9.44
C ASN A 60 -19.71 -12.83 8.58
N GLY A 61 -18.61 -13.58 8.59
CA GLY A 61 -17.39 -13.17 7.90
C GLY A 61 -16.63 -12.16 8.74
N VAL A 62 -16.36 -12.54 9.98
CA VAL A 62 -15.69 -11.66 10.95
C VAL A 62 -14.52 -12.43 11.57
N PRO A 63 -13.30 -11.85 11.55
CA PRO A 63 -12.09 -12.47 12.11
C PRO A 63 -12.21 -12.77 13.61
N THR A 64 -11.76 -13.96 14.01
CA THR A 64 -11.84 -14.41 15.40
C THR A 64 -10.47 -14.32 16.08
N ALA A 65 -10.47 -14.00 17.37
CA ALA A 65 -9.24 -13.91 18.16
C ALA A 65 -8.80 -15.28 18.67
N GLY A 66 -7.54 -15.38 19.10
CA GLY A 66 -6.97 -16.62 19.62
C GLY A 66 -6.83 -17.75 18.61
N SER A 67 -6.58 -17.39 17.36
CA SER A 67 -6.50 -18.36 16.25
C SER A 67 -5.07 -18.65 15.80
N LEU A 68 -4.89 -19.83 15.21
CA LEU A 68 -3.61 -20.30 14.73
C LEU A 68 -3.84 -21.14 13.48
N GLY A 69 -3.02 -20.95 12.45
CA GLY A 69 -3.13 -21.75 11.23
C GLY A 69 -1.80 -22.08 10.61
N ARG A 70 -1.77 -23.15 9.82
CA ARG A 70 -0.58 -23.58 9.10
C ARG A 70 -0.95 -24.37 7.84
N ALA A 71 -0.33 -24.02 6.72
CA ALA A 71 -0.56 -24.72 5.46
C ALA A 71 0.75 -24.90 4.71
N PHE A 72 1.06 -26.16 4.38
CA PHE A 72 2.34 -26.51 3.76
C PHE A 72 2.13 -27.33 2.51
N TYR A 73 3.19 -27.47 1.71
CA TYR A 73 3.10 -28.25 0.49
C TYR A 73 3.17 -29.74 0.78
N SER A 74 2.64 -30.54 -0.14
CA SER A 74 2.47 -31.97 0.06
C SER A 74 3.76 -32.78 -0.19
N THR A 75 4.75 -32.19 -0.86
CA THR A 75 6.09 -32.79 -0.94
C THR A 75 7.10 -31.92 -0.18
N PRO A 76 7.93 -32.56 0.67
CA PRO A 76 9.09 -31.90 1.25
C PRO A 76 10.12 -31.58 0.19
N ILE A 77 11.04 -30.67 0.48
CA ILE A 77 12.00 -30.16 -0.51
C ILE A 77 13.43 -30.23 0.01
N GLN A 78 14.34 -30.72 -0.83
CA GLN A 78 15.76 -30.71 -0.49
C GLN A 78 16.34 -29.33 -0.82
N ILE A 79 16.82 -28.66 0.23
CA ILE A 79 17.36 -27.30 0.12
C ILE A 79 18.89 -27.26 0.18
N TRP A 80 19.49 -28.29 0.78
CA TRP A 80 20.93 -28.50 0.72
C TRP A 80 21.30 -29.98 0.89
N ASP A 81 22.18 -30.46 0.02
CA ASP A 81 22.58 -31.87 -0.03
C ASP A 81 23.91 -32.06 0.69
N ASN A 82 23.86 -32.78 1.82
CA ASN A 82 25.03 -32.97 2.68
C ASN A 82 26.24 -33.57 1.96
N THR A 83 25.98 -34.60 1.16
CA THR A 83 27.04 -35.37 0.50
C THR A 83 27.85 -34.59 -0.55
N THR A 84 27.19 -33.71 -1.27
CA THR A 84 27.85 -32.90 -2.31
C THR A 84 28.02 -31.44 -1.89
N GLY A 85 27.50 -31.10 -0.71
CA GLY A 85 27.60 -29.75 -0.16
C GLY A 85 26.87 -28.68 -0.96
N THR A 86 26.08 -29.11 -1.93
CA THR A 86 25.35 -28.20 -2.82
C THR A 86 24.14 -27.60 -2.11
N VAL A 87 23.69 -26.45 -2.60
CA VAL A 87 22.55 -25.73 -2.01
C VAL A 87 21.55 -25.31 -3.09
N ALA A 88 20.26 -25.55 -2.83
CA ALA A 88 19.19 -25.24 -3.77
C ALA A 88 18.90 -23.75 -3.86
N SER A 89 18.72 -23.28 -5.09
CA SER A 89 18.21 -21.93 -5.37
C SER A 89 16.71 -22.03 -5.61
N TRP A 90 15.93 -21.23 -4.89
CA TRP A 90 14.47 -21.35 -4.96
C TRP A 90 13.72 -20.01 -4.98
N ALA A 91 12.48 -20.06 -5.45
CA ALA A 91 11.65 -18.86 -5.59
C ALA A 91 10.19 -19.15 -5.28
N THR A 92 9.59 -18.32 -4.44
CA THR A 92 8.17 -18.39 -4.15
C THR A 92 7.47 -17.08 -4.52
N SER A 93 6.22 -17.19 -4.96
CA SER A 93 5.39 -16.02 -5.19
C SER A 93 3.97 -16.34 -4.76
N PHE A 94 3.32 -15.39 -4.10
CA PHE A 94 1.95 -15.55 -3.63
C PHE A 94 1.26 -14.21 -3.39
N THR A 95 -0.06 -14.21 -3.54
CA THR A 95 -0.88 -13.04 -3.25
C THR A 95 -1.61 -13.26 -1.94
N PHE A 96 -1.41 -12.36 -0.98
CA PHE A 96 -2.12 -12.47 0.29
C PHE A 96 -3.05 -11.27 0.54
N ASN A 97 -3.82 -11.35 1.63
CA ASN A 97 -4.80 -10.33 1.97
C ASN A 97 -5.13 -10.35 3.47
N LEU A 98 -4.78 -9.26 4.15
CA LEU A 98 -5.11 -9.11 5.57
C LEU A 98 -6.14 -8.00 5.76
N GLN A 99 -7.36 -8.39 6.16
CA GLN A 99 -8.44 -7.45 6.41
C GLN A 99 -8.78 -7.38 7.90
N ALA A 100 -8.65 -6.20 8.48
CA ALA A 100 -9.01 -5.99 9.87
C ALA A 100 -10.13 -4.95 9.98
N PRO A 101 -11.05 -5.13 10.95
CA PRO A 101 -12.08 -4.13 11.19
C PRO A 101 -11.50 -2.84 11.78
N ASN A 102 -10.66 -2.96 12.81
CA ASN A 102 -10.07 -1.79 13.46
C ASN A 102 -8.56 -1.74 13.30
N ALA A 103 -8.11 -0.80 12.47
CA ALA A 103 -6.68 -0.64 12.15
C ALA A 103 -5.82 -0.40 13.39
N ALA A 104 -6.41 0.18 14.42
CA ALA A 104 -5.70 0.53 15.65
C ALA A 104 -5.36 -0.69 16.51
N SER A 105 -6.19 -1.73 16.42
CA SER A 105 -5.99 -2.95 17.19
C SER A 105 -6.08 -4.22 16.34
N PRO A 106 -5.02 -4.53 15.57
CA PRO A 106 -4.96 -5.79 14.84
C PRO A 106 -3.87 -6.72 15.39
N ALA A 107 -3.86 -7.97 14.93
CA ALA A 107 -2.88 -8.96 15.37
C ALA A 107 -3.11 -10.30 14.68
N ASP A 108 -2.04 -11.03 14.37
CA ASP A 108 -0.66 -10.56 14.53
C ASP A 108 0.00 -10.40 13.16
N GLY A 109 -0.25 -11.36 12.27
CA GLY A 109 0.26 -11.33 10.89
C GLY A 109 0.36 -12.72 10.29
N LEU A 110 0.73 -12.78 9.01
CA LEU A 110 1.02 -14.05 8.33
C LEU A 110 2.50 -14.16 8.00
N ALA A 111 2.95 -15.37 7.66
CA ALA A 111 4.36 -15.63 7.32
C ALA A 111 4.52 -16.82 6.39
N PHE A 112 5.45 -16.68 5.43
CA PHE A 112 5.89 -17.80 4.60
C PHE A 112 7.14 -18.38 5.25
N ALA A 113 7.13 -19.69 5.49
CA ALA A 113 8.21 -20.31 6.24
C ALA A 113 8.65 -21.68 5.71
N LEU A 114 9.90 -22.03 6.03
CA LEU A 114 10.48 -23.32 5.70
C LEU A 114 10.75 -24.05 7.02
N VAL A 115 9.91 -25.04 7.32
CA VAL A 115 9.98 -25.78 8.58
C VAL A 115 10.52 -27.20 8.35
N PRO A 116 11.02 -27.86 9.41
CA PRO A 116 11.46 -29.26 9.27
C PRO A 116 10.33 -30.18 8.76
N VAL A 117 10.70 -31.36 8.24
CA VAL A 117 9.74 -32.27 7.60
C VAL A 117 8.47 -32.49 8.42
N GLY A 118 8.62 -33.00 9.64
CA GLY A 118 7.49 -33.32 10.49
C GLY A 118 7.27 -32.33 11.62
N SER A 119 7.26 -31.04 11.26
CA SER A 119 7.13 -29.97 12.25
C SER A 119 5.70 -29.76 12.72
N GLN A 120 5.56 -29.48 14.02
CA GLN A 120 4.28 -29.16 14.64
C GLN A 120 4.20 -27.69 15.03
N PRO A 121 2.99 -27.11 15.04
CA PRO A 121 2.80 -25.70 15.39
C PRO A 121 3.32 -25.37 16.78
N LYS A 122 3.76 -24.12 16.96
CA LYS A 122 4.32 -23.68 18.24
C LYS A 122 3.44 -22.60 18.89
N ASP A 123 4.03 -21.47 19.26
CA ASP A 123 3.29 -20.44 19.99
C ASP A 123 2.51 -19.52 19.07
N LYS A 124 1.22 -19.37 19.36
CA LYS A 124 0.36 -18.40 18.68
C LYS A 124 0.70 -16.96 19.12
N GLY A 125 -0.13 -16.00 18.72
CA GLY A 125 0.10 -14.60 19.06
C GLY A 125 1.31 -14.05 18.30
N GLY A 126 2.17 -13.34 19.02
CA GLY A 126 3.34 -12.71 18.42
C GLY A 126 4.51 -13.61 18.06
N PHE A 127 4.22 -14.90 17.85
CA PHE A 127 5.24 -15.86 17.46
C PHE A 127 4.88 -16.54 16.14
N LEU A 128 3.65 -16.31 15.69
CA LEU A 128 3.15 -16.77 14.39
C LEU A 128 3.16 -18.30 14.21
N GLY A 129 3.13 -19.03 15.32
CA GLY A 129 3.11 -20.50 15.31
C GLY A 129 4.39 -21.13 14.79
N LEU A 130 5.49 -20.36 14.81
CA LEU A 130 6.76 -20.80 14.24
C LEU A 130 7.92 -20.80 15.23
N PHE A 131 7.90 -19.86 16.18
CA PHE A 131 9.04 -19.67 17.09
C PHE A 131 8.66 -19.74 18.57
N ASP A 132 9.68 -20.01 19.39
CA ASP A 132 9.52 -20.20 20.83
C ASP A 132 9.93 -18.97 21.63
N SER A 133 11.11 -18.41 21.32
CA SER A 133 11.65 -17.26 22.06
C SER A 133 12.43 -16.29 21.18
N LYS A 134 12.74 -15.11 21.73
CA LYS A 134 13.43 -14.04 21.00
C LYS A 134 14.91 -14.34 20.73
N ASN A 135 15.50 -15.21 21.55
CA ASN A 135 16.91 -15.59 21.41
C ASN A 135 17.12 -16.67 20.35
N TYR A 136 18.33 -16.68 19.77
CA TYR A 136 18.70 -17.60 18.69
C TYR A 136 18.58 -19.06 19.13
N ALA A 137 17.43 -19.66 18.84
CA ALA A 137 17.17 -21.05 19.19
C ALA A 137 17.38 -21.95 17.98
N SER A 138 18.62 -22.44 17.82
CA SER A 138 19.00 -23.27 16.68
C SER A 138 18.24 -24.60 16.62
N SER A 139 17.59 -24.96 17.72
CA SER A 139 16.83 -26.20 17.83
C SER A 139 15.51 -26.17 17.06
N ASN A 140 15.07 -24.97 16.70
CA ASN A 140 13.86 -24.78 15.90
C ASN A 140 14.06 -25.12 14.43
N GLN A 141 15.21 -24.71 13.88
CA GLN A 141 15.57 -24.90 12.47
C GLN A 141 14.48 -24.39 11.52
N THR A 142 14.27 -23.07 11.54
CA THR A 142 13.20 -22.46 10.76
C THR A 142 13.62 -21.13 10.13
N VAL A 143 13.50 -21.05 8.81
CA VAL A 143 13.67 -19.78 8.08
C VAL A 143 12.31 -19.31 7.60
N ALA A 144 11.99 -18.04 7.91
CA ALA A 144 10.71 -17.46 7.55
C ALA A 144 10.82 -16.00 7.12
N VAL A 145 9.95 -15.61 6.20
CA VAL A 145 9.77 -14.21 5.85
C VAL A 145 8.39 -13.79 6.37
N GLU A 146 8.39 -13.03 7.46
CA GLU A 146 7.15 -12.60 8.10
C GLU A 146 6.55 -11.34 7.46
N PHE A 147 5.25 -11.16 7.67
CA PHE A 147 4.57 -9.92 7.33
C PHE A 147 3.76 -9.50 8.56
N ASP A 148 4.40 -8.68 9.38
CA ASP A 148 3.93 -8.35 10.72
C ASP A 148 3.00 -7.14 10.74
N THR A 149 1.87 -7.28 11.42
CA THR A 149 0.93 -6.17 11.61
C THR A 149 1.02 -5.61 13.04
N PHE A 150 1.10 -6.50 14.04
CA PHE A 150 1.10 -6.06 15.44
C PHE A 150 2.51 -5.92 16.03
N TYR A 151 2.78 -4.74 16.57
CA TYR A 151 4.10 -4.36 17.08
C TYR A 151 4.30 -4.79 18.55
N ASN A 152 5.21 -5.73 18.76
CA ASN A 152 5.58 -6.18 20.11
C ASN A 152 6.92 -5.60 20.53
N GLY A 153 6.87 -4.47 21.22
CA GLY A 153 8.07 -3.73 21.63
C GLY A 153 9.30 -4.58 21.90
N GLY A 154 9.12 -5.64 22.68
CA GLY A 154 10.19 -6.53 23.10
C GLY A 154 11.16 -6.95 22.00
N TRP A 155 10.61 -7.17 20.80
CA TRP A 155 11.41 -7.64 19.67
C TRP A 155 11.20 -6.86 18.37
N ASP A 156 10.04 -6.24 18.21
CA ASP A 156 9.65 -5.59 16.95
C ASP A 156 10.13 -4.14 16.79
N PRO A 157 10.33 -3.69 15.53
CA PRO A 157 10.57 -2.28 15.22
C PRO A 157 9.28 -1.48 15.25
N THR A 158 9.38 -0.18 15.05
CA THR A 158 8.23 0.72 15.19
C THR A 158 7.05 0.44 14.23
N GLU A 159 7.21 0.73 12.94
CA GLU A 159 6.10 0.59 11.98
C GLU A 159 5.96 -0.82 11.40
N ARG A 160 4.80 -1.07 10.79
CA ARG A 160 4.47 -2.36 10.15
C ARG A 160 5.59 -2.80 9.22
N HIS A 161 6.11 -4.00 9.44
CA HIS A 161 7.38 -4.40 8.83
C HIS A 161 7.37 -5.77 8.17
N ILE A 162 8.19 -5.91 7.12
CA ILE A 162 8.55 -7.23 6.60
C ILE A 162 9.76 -7.66 7.39
N GLY A 163 9.75 -8.87 7.92
CA GLY A 163 10.85 -9.37 8.74
C GLY A 163 11.38 -10.71 8.26
N ILE A 164 12.70 -10.88 8.37
CA ILE A 164 13.35 -12.14 8.04
C ILE A 164 13.73 -12.86 9.33
N ASP A 165 13.07 -13.99 9.57
CA ASP A 165 13.22 -14.73 10.82
C ASP A 165 14.11 -15.96 10.65
N VAL A 166 15.24 -15.95 11.34
CA VAL A 166 16.17 -17.08 11.36
C VAL A 166 16.26 -17.62 12.79
N ASN A 167 15.83 -18.86 12.99
CA ASN A 167 15.89 -19.55 14.30
C ASN A 167 15.35 -18.78 15.51
N SER A 168 14.60 -17.71 15.25
CA SER A 168 14.10 -16.81 16.29
C SER A 168 12.98 -15.92 15.74
N ILE A 169 12.19 -15.34 16.63
CA ILE A 169 11.15 -14.38 16.23
C ILE A 169 11.74 -12.97 16.01
N LYS A 170 12.79 -12.64 16.76
CA LYS A 170 13.50 -11.38 16.57
C LYS A 170 14.26 -11.37 15.24
N SER A 171 13.63 -10.78 14.22
CA SER A 171 14.20 -10.74 12.86
C SER A 171 15.60 -10.15 12.86
N ILE A 172 16.48 -10.74 12.06
CA ILE A 172 17.85 -10.24 11.93
C ILE A 172 17.95 -8.99 11.06
N LYS A 173 16.89 -8.72 10.29
CA LYS A 173 16.75 -7.51 9.50
C LYS A 173 15.27 -7.27 9.22
N THR A 174 14.89 -5.99 9.15
CA THR A 174 13.50 -5.59 8.90
C THR A 174 13.46 -4.39 7.95
N THR A 175 12.26 -4.05 7.48
CA THR A 175 12.04 -2.87 6.64
C THR A 175 10.61 -2.35 6.73
N SER A 176 10.42 -1.08 6.39
CA SER A 176 9.11 -0.43 6.41
C SER A 176 8.19 -1.02 5.34
N TRP A 177 7.07 -1.58 5.78
CA TRP A 177 6.03 -2.05 4.89
C TRP A 177 4.73 -1.34 5.24
N ASP A 178 4.27 -0.50 4.33
CA ASP A 178 3.04 0.25 4.56
C ASP A 178 1.80 -0.63 4.30
N PHE A 179 1.42 -1.38 5.33
CA PHE A 179 0.29 -2.31 5.28
C PHE A 179 -1.00 -1.62 4.83
N ALA A 180 -1.55 -2.12 3.73
CA ALA A 180 -2.83 -1.65 3.21
C ALA A 180 -3.91 -2.64 3.62
N ASN A 181 -4.93 -2.13 4.31
CA ASN A 181 -5.99 -2.97 4.90
C ASN A 181 -6.92 -3.56 3.86
N GLY A 182 -7.10 -4.87 3.91
CA GLY A 182 -8.00 -5.59 3.01
C GLY A 182 -7.57 -5.60 1.55
N GLU A 183 -6.37 -5.10 1.28
CA GLU A 183 -5.84 -5.01 -0.08
C GLU A 183 -4.97 -6.22 -0.42
N ASN A 184 -4.86 -6.50 -1.73
CA ASN A 184 -4.03 -7.59 -2.21
C ASN A 184 -2.55 -7.22 -2.17
N ALA A 185 -1.71 -8.21 -1.85
CA ALA A 185 -0.27 -8.04 -1.81
C ALA A 185 0.43 -9.16 -2.58
N GLU A 186 0.95 -8.83 -3.77
CA GLU A 186 1.75 -9.77 -4.56
C GLU A 186 3.16 -9.82 -3.97
N VAL A 187 3.63 -11.02 -3.65
CA VAL A 187 4.89 -11.21 -2.91
C VAL A 187 5.86 -12.13 -3.66
N LEU A 188 7.13 -11.74 -3.71
CA LEU A 188 8.18 -12.55 -4.35
C LEU A 188 9.37 -12.72 -3.40
N ILE A 189 9.68 -13.98 -3.11
CA ILE A 189 10.76 -14.32 -2.19
C ILE A 189 11.74 -15.28 -2.85
N THR A 190 12.99 -14.85 -2.96
CA THR A 190 14.02 -15.63 -3.65
C THR A 190 15.26 -15.86 -2.78
N TYR A 191 15.78 -17.10 -2.80
CA TYR A 191 17.06 -17.43 -2.20
C TYR A 191 18.05 -17.87 -3.27
N ASP A 192 19.20 -17.21 -3.31
CA ASP A 192 20.24 -17.55 -4.27
C ASP A 192 21.41 -18.26 -3.58
N SER A 193 21.83 -19.39 -4.14
CA SER A 193 22.86 -20.22 -3.51
C SER A 193 24.26 -19.66 -3.71
N SER A 194 24.51 -19.10 -4.90
CA SER A 194 25.82 -18.56 -5.26
C SER A 194 26.15 -17.24 -4.56
N THR A 195 25.12 -16.51 -4.13
CA THR A 195 25.31 -15.27 -3.39
C THR A 195 24.88 -15.37 -1.92
N ASN A 196 24.11 -16.42 -1.62
CA ASN A 196 23.59 -16.69 -0.27
C ASN A 196 22.60 -15.62 0.21
N LEU A 197 22.04 -14.90 -0.75
CA LEU A 197 21.21 -13.74 -0.49
C LEU A 197 19.72 -14.09 -0.61
N LEU A 198 18.95 -13.74 0.43
CA LEU A 198 17.50 -13.97 0.44
C LEU A 198 16.79 -12.64 0.24
N VAL A 199 16.05 -12.51 -0.86
CA VAL A 199 15.38 -11.25 -1.18
C VAL A 199 13.85 -11.40 -1.24
N ALA A 200 13.18 -10.62 -0.39
CA ALA A 200 11.71 -10.60 -0.33
C ALA A 200 11.17 -9.24 -0.80
N SER A 201 10.23 -9.27 -1.75
CA SER A 201 9.65 -8.04 -2.30
C SER A 201 8.13 -8.09 -2.37
N LEU A 202 7.49 -6.99 -1.97
CA LEU A 202 6.03 -6.92 -1.89
C LEU A 202 5.46 -5.74 -2.68
N VAL A 203 4.32 -5.96 -3.33
CA VAL A 203 3.60 -4.90 -4.05
C VAL A 203 2.09 -4.94 -3.81
N HIS A 204 1.51 -3.78 -3.47
CA HIS A 204 0.06 -3.59 -3.46
C HIS A 204 -0.34 -2.93 -4.78
N PRO A 205 -0.77 -3.74 -5.77
CA PRO A 205 -1.01 -3.26 -7.15
C PRO A 205 -2.12 -2.22 -7.26
N SER A 206 -3.01 -2.18 -6.26
CA SER A 206 -4.07 -1.18 -6.19
C SER A 206 -3.52 0.19 -5.80
N GLN A 207 -2.40 0.19 -5.07
CA GLN A 207 -1.78 1.42 -4.58
C GLN A 207 -0.48 1.75 -5.31
N LYS A 208 0.07 0.78 -6.04
CA LYS A 208 1.34 0.91 -6.77
C LYS A 208 2.50 1.15 -5.81
N THR A 209 2.41 0.57 -4.61
CA THR A 209 3.42 0.71 -3.58
C THR A 209 4.25 -0.56 -3.46
N SER A 210 5.57 -0.41 -3.40
CA SER A 210 6.49 -1.54 -3.42
C SER A 210 7.42 -1.56 -2.21
N PHE A 211 7.76 -2.75 -1.74
CA PHE A 211 8.55 -2.91 -0.50
C PHE A 211 9.50 -4.11 -0.56
N ILE A 212 10.78 -3.89 -0.24
CA ILE A 212 11.82 -4.90 -0.38
C ILE A 212 12.79 -4.98 0.82
N VAL A 213 13.24 -6.20 1.14
CA VAL A 213 14.33 -6.42 2.10
C VAL A 213 15.17 -7.65 1.72
N SER A 214 16.49 -7.50 1.78
CA SER A 214 17.42 -8.58 1.45
C SER A 214 18.53 -8.75 2.50
N GLU A 215 18.81 -10.01 2.83
CA GLU A 215 19.81 -10.34 3.85
C GLU A 215 20.51 -11.66 3.52
N ARG A 216 21.83 -11.68 3.68
CA ARG A 216 22.65 -12.86 3.45
C ARG A 216 22.37 -13.94 4.51
N VAL A 217 21.94 -15.12 4.05
CA VAL A 217 21.58 -16.21 4.96
C VAL A 217 22.21 -17.54 4.50
N ASP A 218 22.77 -18.27 5.47
CA ASP A 218 23.34 -19.60 5.23
C ASP A 218 22.36 -20.69 5.66
N LEU A 219 21.80 -21.41 4.69
CA LEU A 219 20.80 -22.44 4.95
C LEU A 219 21.38 -23.68 5.63
N THR A 220 22.58 -24.08 5.22
CA THR A 220 23.28 -25.23 5.80
C THR A 220 23.42 -25.14 7.33
N SER A 221 23.69 -23.93 7.81
CA SER A 221 23.85 -23.68 9.25
C SER A 221 22.53 -23.64 10.00
N VAL A 222 21.44 -23.34 9.30
CA VAL A 222 20.14 -23.10 9.94
C VAL A 222 19.15 -24.24 9.73
N LEU A 223 18.85 -24.54 8.47
CA LEU A 223 17.77 -25.46 8.12
C LEU A 223 18.25 -26.90 7.92
N PRO A 224 17.35 -27.88 8.17
CA PRO A 224 17.65 -29.30 7.87
C PRO A 224 17.70 -29.59 6.37
N GLU A 225 18.29 -30.73 6.01
CA GLU A 225 18.44 -31.13 4.60
C GLU A 225 17.13 -31.05 3.80
N TRP A 226 16.07 -31.60 4.38
CA TRP A 226 14.74 -31.56 3.77
C TRP A 226 13.82 -30.70 4.61
N VAL A 227 12.94 -29.96 3.94
CA VAL A 227 12.03 -29.01 4.62
C VAL A 227 10.63 -28.96 4.03
N SER A 228 9.66 -28.68 4.90
CA SER A 228 8.29 -28.37 4.48
C SER A 228 8.18 -26.87 4.16
N VAL A 229 7.75 -26.56 2.94
CA VAL A 229 7.55 -25.20 2.49
C VAL A 229 6.05 -24.84 2.56
N GLY A 230 5.74 -23.67 3.13
CA GLY A 230 4.35 -23.23 3.28
C GLY A 230 4.12 -21.98 4.11
N PHE A 231 2.95 -21.91 4.76
CA PHE A 231 2.50 -20.70 5.46
C PHE A 231 2.11 -20.94 6.91
N SER A 232 2.08 -19.84 7.69
CA SER A 232 1.71 -19.86 9.11
C SER A 232 1.26 -18.47 9.55
N ALA A 233 0.13 -18.41 10.26
CA ALA A 233 -0.50 -17.13 10.64
C ALA A 233 -1.28 -17.20 11.95
N THR A 234 -1.33 -16.09 12.69
CA THR A 234 -2.01 -16.03 14.01
C THR A 234 -2.78 -14.74 14.30
N THR A 235 -3.65 -14.79 15.33
CA THR A 235 -4.34 -13.62 15.86
C THR A 235 -3.99 -13.37 17.34
N GLY A 236 -4.36 -12.20 17.85
CA GLY A 236 -3.86 -11.70 19.13
C GLY A 236 -4.41 -12.32 20.40
N LEU A 237 -3.87 -11.86 21.54
CA LEU A 237 -4.25 -12.31 22.87
C LEU A 237 -5.66 -11.84 23.26
N SER A 238 -5.96 -10.58 22.96
CA SER A 238 -7.22 -9.95 23.35
C SER A 238 -8.34 -10.18 22.33
N LYS A 239 -9.58 -9.95 22.76
CA LYS A 239 -10.76 -10.05 21.91
C LYS A 239 -10.68 -9.13 20.69
N GLY A 240 -10.42 -7.84 20.93
CA GLY A 240 -10.47 -6.81 19.90
C GLY A 240 -9.44 -6.92 18.78
N TYR A 241 -8.31 -7.59 19.07
CA TYR A 241 -7.18 -7.64 18.14
C TYR A 241 -7.31 -8.71 17.06
N VAL A 242 -8.20 -8.45 16.11
CA VAL A 242 -8.56 -9.42 15.07
C VAL A 242 -8.30 -8.92 13.65
N GLU A 243 -7.93 -9.87 12.78
CA GLU A 243 -7.69 -9.63 11.35
C GLU A 243 -7.80 -10.95 10.57
N THR A 244 -7.98 -10.86 9.25
CA THR A 244 -7.91 -12.04 8.38
C THR A 244 -6.45 -12.30 7.98
N ASN A 245 -6.11 -13.58 7.85
CA ASN A 245 -4.77 -14.00 7.43
C ASN A 245 -4.90 -14.98 6.27
N GLU A 246 -5.13 -14.43 5.08
CA GLU A 246 -5.54 -15.24 3.93
C GLU A 246 -4.53 -15.22 2.80
N VAL A 247 -4.34 -16.36 2.15
CA VAL A 247 -3.54 -16.45 0.94
C VAL A 247 -4.46 -16.80 -0.23
N LEU A 248 -4.39 -15.99 -1.29
CA LEU A 248 -5.27 -16.15 -2.45
C LEU A 248 -4.74 -17.15 -3.47
N SER A 249 -3.43 -17.11 -3.74
CA SER A 249 -2.78 -17.99 -4.72
C SER A 249 -1.31 -18.24 -4.32
N TRP A 250 -0.65 -19.19 -4.98
CA TRP A 250 0.71 -19.60 -4.60
C TRP A 250 1.51 -20.24 -5.74
N SER A 251 2.74 -19.78 -5.93
CA SER A 251 3.70 -20.39 -6.88
C SER A 251 5.05 -20.62 -6.21
N PHE A 252 5.67 -21.76 -6.51
CA PHE A 252 6.97 -22.10 -5.94
C PHE A 252 7.76 -23.00 -6.88
N ALA A 253 9.07 -22.74 -6.97
CA ALA A 253 9.97 -23.58 -7.74
C ALA A 253 11.32 -23.66 -7.04
N SER A 254 12.04 -24.75 -7.28
CA SER A 254 13.34 -24.98 -6.66
C SER A 254 14.28 -25.69 -7.64
N LYS A 255 15.58 -25.54 -7.41
CA LYS A 255 16.59 -26.18 -8.25
C LYS A 255 17.84 -26.55 -7.44
N LEU A 256 18.02 -27.85 -7.23
CA LEU A 256 19.23 -28.36 -6.58
C LEU A 256 20.20 -28.90 -7.63
N SER A 257 21.36 -28.26 -7.72
CA SER A 257 22.40 -28.66 -8.67
C SER A 257 23.09 -29.96 -8.25
N ILE A 258 23.15 -30.94 -9.15
CA ILE A 258 23.79 -32.23 -8.87
C ILE A 258 25.31 -32.10 -8.83
N ASN A 259 25.89 -31.59 -9.92
CA ASN A 259 27.31 -31.31 -9.98
C ASN A 259 27.60 -29.85 -9.62
N LYS A 260 28.46 -29.65 -8.63
CA LYS A 260 28.95 -28.32 -8.20
C LYS A 260 27.85 -27.25 -8.12
N ASN A 265 18.35 -20.47 -11.23
CA ASN A 265 16.89 -20.46 -11.28
C ASN A 265 16.34 -19.23 -12.00
N LYS A 266 15.72 -19.45 -13.16
CA LYS A 266 15.15 -18.35 -13.94
C LYS A 266 14.12 -17.57 -13.13
N LEU A 267 14.20 -16.25 -13.21
CA LEU A 267 13.27 -15.37 -12.51
C LEU A 267 12.30 -14.74 -13.49
N ALA A 268 12.54 -14.96 -14.78
CA ALA A 268 11.70 -14.40 -15.82
C ALA A 268 10.57 -15.34 -16.21
N ILE A 269 10.90 -16.62 -16.37
CA ILE A 269 9.91 -17.61 -16.79
C ILE A 269 9.20 -18.26 -15.60
N PHE A 270 9.48 -17.76 -14.41
CA PHE A 270 8.90 -18.32 -13.18
C PHE A 270 7.60 -17.64 -12.78
N ASN A 271 7.61 -16.31 -12.81
CA ASN A 271 6.47 -15.51 -12.33
C ASN A 271 5.43 -15.22 -13.41
N LEU A 272 5.67 -15.70 -14.63
CA LEU A 272 4.69 -15.57 -15.69
C LEU A 272 3.80 -16.80 -15.76
N GLU A 273 4.37 -17.95 -15.39
CA GLU A 273 3.60 -19.18 -15.30
C GLU A 273 2.75 -19.16 -14.04
N GLY A 274 3.14 -18.31 -13.09
CA GLY A 274 2.46 -18.24 -11.80
C GLY A 274 1.88 -16.89 -11.45
N LYS A 275 2.75 -15.94 -11.08
CA LYS A 275 2.31 -14.61 -10.67
C LYS A 275 1.51 -13.90 -11.76
N ALA A 276 2.15 -13.68 -12.90
CA ALA A 276 1.51 -12.99 -14.02
C ALA A 276 1.17 -13.96 -15.15
N ALA B 24 -4.45 -20.73 -15.67
CA ALA B 24 -4.37 -22.21 -15.63
C ALA B 24 -3.50 -22.69 -14.45
N ASN B 25 -3.77 -23.91 -13.98
CA ASN B 25 -3.00 -24.54 -12.90
C ASN B 25 -1.90 -25.46 -13.42
N LEU B 26 -0.78 -25.50 -12.69
CA LEU B 26 0.44 -26.18 -13.16
C LEU B 26 1.14 -26.95 -12.07
N ILE B 27 1.67 -28.12 -12.44
CA ILE B 27 2.54 -28.91 -11.57
C ILE B 27 3.63 -29.59 -12.38
N SER B 28 4.87 -29.49 -11.89
CA SER B 28 6.02 -30.05 -12.58
C SER B 28 7.14 -30.44 -11.61
N PHE B 29 7.79 -31.55 -11.91
CA PHE B 29 8.99 -31.95 -11.17
C PHE B 29 9.95 -32.77 -12.04
N THR B 30 11.24 -32.71 -11.70
CA THR B 30 12.25 -33.52 -12.36
C THR B 30 13.07 -34.30 -11.34
N PHE B 31 12.92 -35.63 -11.38
CA PHE B 31 13.75 -36.57 -10.63
C PHE B 31 14.87 -37.07 -11.53
N LYS B 32 16.10 -36.58 -11.35
CA LYS B 32 17.24 -37.18 -12.02
C LYS B 32 17.87 -38.22 -11.11
N LYS B 33 17.69 -38.00 -9.81
CA LYS B 33 18.03 -38.98 -8.76
C LYS B 33 16.88 -39.03 -7.75
N PHE B 34 16.40 -40.23 -7.47
CA PHE B 34 15.29 -40.44 -6.54
C PHE B 34 15.67 -40.27 -5.07
N ASN B 35 14.69 -39.87 -4.27
CA ASN B 35 14.85 -39.75 -2.83
C ASN B 35 13.62 -40.28 -2.07
N GLU B 36 13.89 -40.94 -0.95
CA GLU B 36 12.87 -41.60 -0.14
C GLU B 36 11.70 -40.69 0.29
N THR B 37 12.04 -39.47 0.71
CA THR B 37 11.12 -38.62 1.46
C THR B 37 10.03 -37.92 0.64
N ASN B 38 10.29 -37.66 -0.64
CA ASN B 38 9.25 -37.11 -1.53
C ASN B 38 8.46 -38.18 -2.28
N LEU B 39 8.56 -39.43 -1.82
CA LEU B 39 7.86 -40.57 -2.42
C LEU B 39 6.93 -41.30 -1.47
N ILE B 40 5.77 -41.68 -1.99
CA ILE B 40 4.88 -42.62 -1.31
C ILE B 40 5.23 -44.01 -1.81
N LEU B 41 5.79 -44.82 -0.92
CA LEU B 41 6.25 -46.16 -1.29
C LEU B 41 5.29 -47.21 -0.76
N GLN B 42 5.02 -48.22 -1.59
CA GLN B 42 4.13 -49.29 -1.24
C GLN B 42 4.81 -50.62 -1.48
N ARG B 43 4.78 -51.47 -0.45
CA ARG B 43 5.39 -52.81 -0.44
C ARG B 43 6.86 -52.85 -0.89
N ASP B 44 7.22 -53.83 -1.72
CA ASP B 44 8.60 -54.16 -2.03
C ASP B 44 9.41 -53.04 -2.70
N ALA B 45 8.71 -51.97 -3.10
CA ALA B 45 9.33 -50.78 -3.67
C ALA B 45 10.34 -50.18 -2.69
N THR B 46 11.55 -49.94 -3.18
CA THR B 46 12.63 -49.36 -2.37
C THR B 46 13.49 -48.39 -3.19
N VAL B 47 14.17 -47.48 -2.49
CA VAL B 47 15.09 -46.54 -3.12
C VAL B 47 16.46 -46.68 -2.50
N SER B 48 17.44 -47.03 -3.33
CA SER B 48 18.83 -47.16 -2.89
C SER B 48 19.79 -46.49 -3.87
N SER B 49 20.77 -45.78 -3.31
CA SER B 49 21.80 -45.03 -4.06
C SER B 49 21.29 -44.37 -5.35
N GLY B 50 20.26 -43.55 -5.21
CA GLY B 50 19.74 -42.75 -6.32
C GLY B 50 18.86 -43.47 -7.32
N LYS B 51 18.65 -44.78 -7.12
CA LYS B 51 17.82 -45.57 -8.02
C LYS B 51 16.55 -46.05 -7.35
N LEU B 52 15.47 -46.08 -8.12
CA LEU B 52 14.21 -46.62 -7.66
C LEU B 52 14.11 -48.09 -8.05
N ARG B 53 14.47 -48.97 -7.10
CA ARG B 53 14.31 -50.40 -7.26
C ARG B 53 12.90 -50.78 -6.82
N ILE B 54 12.01 -50.92 -7.78
CA ILE B 54 10.60 -51.19 -7.51
C ILE B 54 10.40 -52.61 -6.99
N THR B 55 11.21 -53.54 -7.50
CA THR B 55 11.20 -54.93 -7.01
C THR B 55 12.45 -55.26 -6.18
N LYS B 56 12.43 -56.42 -5.53
CA LYS B 56 13.51 -56.84 -4.64
C LYS B 56 14.82 -57.16 -5.36
N ALA B 57 15.92 -57.07 -4.60
CA ALA B 57 17.24 -57.46 -5.09
C ALA B 57 18.07 -58.04 -3.94
N ALA B 58 18.90 -59.02 -4.27
CA ALA B 58 19.82 -59.61 -3.30
C ALA B 58 21.01 -58.67 -3.07
N GLU B 59 21.83 -58.97 -2.07
CA GLU B 59 23.04 -58.20 -1.80
C GLU B 59 24.09 -58.46 -2.89
N ASN B 60 24.05 -59.64 -3.49
CA ASN B 60 24.92 -60.01 -4.61
C ASN B 60 24.41 -59.49 -5.95
N GLY B 61 23.12 -59.13 -6.00
CA GLY B 61 22.53 -58.51 -7.19
C GLY B 61 21.61 -59.42 -7.98
N VAL B 62 20.86 -60.27 -7.28
CA VAL B 62 19.93 -61.20 -7.91
C VAL B 62 18.48 -60.79 -7.67
N PRO B 63 17.70 -60.63 -8.75
CA PRO B 63 16.26 -60.33 -8.65
C PRO B 63 15.49 -61.46 -7.96
N THR B 64 14.67 -61.11 -6.98
CA THR B 64 13.91 -62.10 -6.20
C THR B 64 12.47 -62.22 -6.73
N ALA B 65 11.96 -63.45 -6.77
CA ALA B 65 10.61 -63.76 -7.23
C ALA B 65 9.52 -63.30 -6.26
N GLY B 66 8.27 -63.34 -6.73
CA GLY B 66 7.11 -62.98 -5.90
C GLY B 66 7.15 -61.57 -5.35
N SER B 67 7.86 -60.69 -6.06
CA SER B 67 8.00 -59.30 -5.65
C SER B 67 6.94 -58.41 -6.28
N LEU B 68 6.51 -57.42 -5.51
CA LEU B 68 5.44 -56.51 -5.90
C LEU B 68 5.78 -55.12 -5.38
N GLY B 69 6.03 -54.19 -6.30
CA GLY B 69 6.42 -52.84 -5.94
C GLY B 69 5.54 -51.76 -6.56
N ARG B 70 5.24 -50.75 -5.77
CA ARG B 70 4.51 -49.56 -6.23
C ARG B 70 5.05 -48.31 -5.54
N ALA B 71 5.40 -47.31 -6.34
CA ALA B 71 5.85 -46.02 -5.82
C ALA B 71 5.08 -44.88 -6.48
N PHE B 72 4.73 -43.86 -5.69
CA PHE B 72 3.96 -42.72 -6.20
C PHE B 72 4.48 -41.38 -5.66
N TYR B 73 4.16 -40.31 -6.38
CA TYR B 73 4.52 -38.96 -5.98
C TYR B 73 3.65 -38.52 -4.81
N SER B 74 4.22 -37.73 -3.92
CA SER B 74 3.53 -37.30 -2.69
C SER B 74 2.26 -36.49 -2.98
N THR B 75 2.40 -35.40 -3.74
CA THR B 75 1.27 -34.52 -4.04
C THR B 75 0.32 -35.12 -5.08
N PRO B 76 -0.97 -35.27 -4.70
CA PRO B 76 -1.99 -35.67 -5.66
C PRO B 76 -2.20 -34.64 -6.76
N ILE B 77 -2.77 -35.07 -7.88
CA ILE B 77 -2.90 -34.24 -9.08
C ILE B 77 -4.34 -34.24 -9.59
N GLN B 78 -4.94 -33.05 -9.67
CA GLN B 78 -6.25 -32.92 -10.30
C GLN B 78 -6.11 -33.01 -11.82
N ILE B 79 -6.70 -34.06 -12.38
CA ILE B 79 -6.60 -34.29 -13.83
C ILE B 79 -7.82 -33.76 -14.56
N TRP B 80 -8.94 -33.62 -13.85
CA TRP B 80 -10.12 -32.93 -14.38
C TRP B 80 -10.94 -32.30 -13.26
N ASP B 81 -11.57 -31.17 -13.57
CA ASP B 81 -12.34 -30.41 -12.59
C ASP B 81 -13.84 -30.42 -12.89
N ASN B 82 -14.57 -31.14 -12.04
CA ASN B 82 -16.02 -31.32 -12.12
C ASN B 82 -16.77 -30.06 -12.53
N THR B 83 -16.61 -29.00 -11.74
CA THR B 83 -17.39 -27.76 -11.91
C THR B 83 -17.13 -27.07 -13.25
N THR B 84 -15.86 -26.83 -13.54
CA THR B 84 -15.48 -26.12 -14.75
C THR B 84 -15.63 -26.98 -16.01
N GLY B 85 -15.64 -28.30 -15.80
CA GLY B 85 -15.73 -29.25 -16.91
C GLY B 85 -14.48 -29.23 -17.77
N THR B 86 -13.33 -29.04 -17.13
CA THR B 86 -12.06 -29.00 -17.84
C THR B 86 -11.20 -30.20 -17.47
N VAL B 87 -10.50 -30.73 -18.47
CA VAL B 87 -9.62 -31.88 -18.30
C VAL B 87 -8.19 -31.44 -18.52
N ALA B 88 -7.31 -31.77 -17.57
CA ALA B 88 -5.91 -31.39 -17.66
C ALA B 88 -5.19 -32.14 -18.79
N SER B 89 -4.08 -31.56 -19.23
CA SER B 89 -3.19 -32.18 -20.20
C SER B 89 -1.83 -32.39 -19.55
N TRP B 90 -1.36 -33.62 -19.55
CA TRP B 90 -0.14 -33.99 -18.84
C TRP B 90 0.86 -34.75 -19.71
N ALA B 91 2.13 -34.67 -19.34
CA ALA B 91 3.21 -35.41 -19.99
C ALA B 91 4.20 -35.91 -18.95
N THR B 92 4.76 -37.09 -19.20
CA THR B 92 5.75 -37.69 -18.30
C THR B 92 6.85 -38.41 -19.08
N SER B 93 8.09 -38.21 -18.66
CA SER B 93 9.24 -38.84 -19.31
C SER B 93 10.18 -39.47 -18.29
N PHE B 94 10.47 -40.76 -18.47
CA PHE B 94 11.30 -41.51 -17.52
C PHE B 94 12.25 -42.51 -18.18
N THR B 95 13.29 -42.90 -17.43
CA THR B 95 14.23 -43.93 -17.88
C THR B 95 14.15 -45.15 -16.97
N PHE B 96 13.96 -46.32 -17.57
CA PHE B 96 13.92 -47.57 -16.83
C PHE B 96 14.81 -48.65 -17.44
N ASN B 97 15.28 -49.55 -16.57
CA ASN B 97 16.10 -50.67 -17.00
C ASN B 97 15.54 -51.97 -16.45
N LEU B 98 15.36 -52.95 -17.35
CA LEU B 98 14.87 -54.28 -16.97
C LEU B 98 15.91 -55.35 -17.31
N GLN B 99 16.56 -55.87 -16.26
CA GLN B 99 17.62 -56.85 -16.43
C GLN B 99 17.24 -58.19 -15.81
N ALA B 100 17.02 -59.17 -16.68
CA ALA B 100 16.77 -60.55 -16.28
C ALA B 100 18.03 -61.38 -16.50
N PRO B 101 18.33 -62.32 -15.58
CA PRO B 101 19.46 -63.21 -15.79
C PRO B 101 19.22 -64.12 -16.99
N ASN B 102 18.11 -64.86 -16.96
CA ASN B 102 17.70 -65.71 -18.06
C ASN B 102 16.61 -65.01 -18.87
N ALA B 103 16.99 -64.51 -20.04
CA ALA B 103 16.10 -63.70 -20.88
C ALA B 103 14.92 -64.48 -21.46
N ALA B 104 15.09 -65.79 -21.61
CA ALA B 104 14.04 -66.66 -22.15
C ALA B 104 12.85 -66.82 -21.20
N SER B 105 13.06 -66.58 -19.91
CA SER B 105 12.01 -66.66 -18.91
C SER B 105 11.97 -65.44 -17.98
N PRO B 106 11.41 -64.31 -18.46
CA PRO B 106 11.29 -63.09 -17.66
C PRO B 106 9.88 -62.87 -17.11
N ALA B 107 9.76 -61.99 -16.11
CA ALA B 107 8.47 -61.64 -15.49
C ALA B 107 8.62 -60.51 -14.47
N ASP B 108 7.78 -59.47 -14.54
CA ASP B 108 6.68 -59.36 -15.51
C ASP B 108 6.73 -58.05 -16.31
N GLY B 109 7.19 -56.99 -15.66
CA GLY B 109 7.28 -55.68 -16.28
C GLY B 109 6.85 -54.56 -15.36
N LEU B 110 7.05 -53.33 -15.82
CA LEU B 110 6.67 -52.15 -15.06
C LEU B 110 5.65 -51.31 -15.82
N ALA B 111 5.10 -50.31 -15.14
CA ALA B 111 4.02 -49.50 -15.69
C ALA B 111 3.94 -48.11 -15.07
N PHE B 112 3.63 -47.12 -15.91
CA PHE B 112 3.21 -45.82 -15.43
C PHE B 112 1.71 -45.95 -15.17
N ALA B 113 1.25 -45.38 -14.06
CA ALA B 113 -0.15 -45.51 -13.68
C ALA B 113 -0.72 -44.29 -12.96
N LEU B 114 -1.95 -43.95 -13.33
CA LEU B 114 -2.69 -42.89 -12.66
C LEU B 114 -3.78 -43.60 -11.87
N VAL B 115 -3.65 -43.55 -10.55
CA VAL B 115 -4.44 -44.39 -9.63
C VAL B 115 -5.08 -43.50 -8.55
N PRO B 116 -6.22 -43.92 -7.96
CA PRO B 116 -6.82 -43.12 -6.89
C PRO B 116 -5.87 -42.89 -5.70
N VAL B 117 -6.02 -41.73 -5.06
CA VAL B 117 -5.06 -41.22 -4.07
C VAL B 117 -4.84 -42.12 -2.84
N GLY B 118 -5.83 -42.91 -2.49
CA GLY B 118 -5.70 -43.83 -1.36
C GLY B 118 -5.62 -45.29 -1.76
N SER B 119 -5.31 -45.53 -3.04
CA SER B 119 -5.31 -46.89 -3.59
C SER B 119 -4.21 -47.76 -3.00
N GLN B 120 -4.52 -49.05 -2.83
CA GLN B 120 -3.60 -50.04 -2.29
C GLN B 120 -3.25 -51.07 -3.36
N PRO B 121 -1.98 -51.52 -3.40
CA PRO B 121 -1.49 -52.46 -4.41
C PRO B 121 -2.41 -53.66 -4.62
N LYS B 122 -2.59 -54.05 -5.88
CA LYS B 122 -3.50 -55.14 -6.23
C LYS B 122 -2.77 -56.44 -6.57
N ASP B 123 -3.33 -57.22 -7.50
CA ASP B 123 -2.84 -58.58 -7.79
C ASP B 123 -1.41 -58.62 -8.32
N LYS B 124 -0.63 -59.56 -7.81
CA LYS B 124 0.76 -59.74 -8.20
C LYS B 124 0.87 -60.29 -9.64
N GLY B 125 2.05 -60.78 -9.99
CA GLY B 125 2.29 -61.41 -11.29
C GLY B 125 2.07 -60.50 -12.48
N GLY B 126 1.42 -61.04 -13.51
CA GLY B 126 1.15 -60.31 -14.74
C GLY B 126 0.07 -59.26 -14.63
N PHE B 127 -0.52 -59.13 -13.44
CA PHE B 127 -1.48 -58.08 -13.15
C PHE B 127 -0.77 -56.79 -12.72
N LEU B 128 0.54 -56.92 -12.47
CA LEU B 128 1.45 -55.80 -12.20
C LEU B 128 1.11 -54.96 -10.95
N GLY B 129 0.03 -55.34 -10.25
CA GLY B 129 -0.40 -54.66 -9.03
C GLY B 129 -1.38 -53.54 -9.28
N LEU B 130 -2.13 -53.62 -10.37
CA LEU B 130 -2.99 -52.52 -10.80
C LEU B 130 -4.44 -52.93 -11.09
N PHE B 131 -4.67 -54.22 -11.33
CA PHE B 131 -6.00 -54.70 -11.72
C PHE B 131 -6.40 -56.02 -11.05
N ASP B 132 -7.68 -56.36 -11.16
CA ASP B 132 -8.24 -57.59 -10.60
C ASP B 132 -8.56 -58.64 -11.67
N SER B 133 -9.10 -58.20 -12.80
CA SER B 133 -9.52 -59.10 -13.87
C SER B 133 -9.29 -58.49 -15.26
N LYS B 134 -9.31 -59.35 -16.28
CA LYS B 134 -9.16 -58.93 -17.67
C LYS B 134 -10.39 -58.19 -18.20
N ASN B 135 -11.53 -58.41 -17.56
CA ASN B 135 -12.78 -57.75 -17.94
C ASN B 135 -12.91 -56.35 -17.32
N TYR B 136 -13.49 -55.43 -18.09
CA TYR B 136 -13.65 -54.03 -17.71
C TYR B 136 -14.43 -53.86 -16.40
N ALA B 137 -13.76 -53.34 -15.37
CA ALA B 137 -14.37 -53.07 -14.08
C ALA B 137 -14.03 -51.65 -13.61
N SER B 138 -15.00 -50.74 -13.74
CA SER B 138 -14.78 -49.31 -13.49
C SER B 138 -14.54 -48.94 -12.03
N SER B 139 -14.73 -49.90 -11.13
CA SER B 139 -14.52 -49.68 -9.68
C SER B 139 -13.06 -49.43 -9.31
N ASN B 140 -12.14 -49.81 -10.19
CA ASN B 140 -10.71 -49.54 -10.01
C ASN B 140 -10.38 -48.07 -10.21
N GLN B 141 -10.96 -47.47 -11.25
CA GLN B 141 -10.65 -46.11 -11.68
C GLN B 141 -9.15 -45.95 -11.92
N THR B 142 -8.63 -46.65 -12.92
CA THR B 142 -7.20 -46.66 -13.18
C THR B 142 -6.85 -46.67 -14.67
N VAL B 143 -6.10 -45.66 -15.10
CA VAL B 143 -5.45 -45.64 -16.40
C VAL B 143 -3.98 -45.97 -16.16
N ALA B 144 -3.44 -46.87 -16.97
CA ALA B 144 -2.03 -47.24 -16.87
C ALA B 144 -1.41 -47.57 -18.22
N VAL B 145 -0.12 -47.25 -18.37
CA VAL B 145 0.64 -47.64 -19.55
C VAL B 145 1.65 -48.71 -19.13
N GLU B 146 1.48 -49.92 -19.65
CA GLU B 146 2.28 -51.08 -19.26
C GLU B 146 3.37 -51.44 -20.26
N PHE B 147 4.54 -51.79 -19.74
CA PHE B 147 5.63 -52.35 -20.54
C PHE B 147 5.79 -53.81 -20.19
N ASP B 148 5.47 -54.66 -21.17
CA ASP B 148 5.22 -56.07 -20.93
C ASP B 148 6.36 -56.96 -21.43
N THR B 149 7.04 -57.61 -20.48
CA THR B 149 8.12 -58.55 -20.80
C THR B 149 7.62 -60.00 -20.85
N PHE B 150 6.65 -60.33 -20.01
CA PHE B 150 6.10 -61.68 -19.95
C PHE B 150 4.74 -61.76 -20.63
N TYR B 151 4.68 -62.51 -21.73
CA TYR B 151 3.47 -62.69 -22.52
C TYR B 151 2.51 -63.66 -21.83
N ASN B 152 1.38 -63.16 -21.38
CA ASN B 152 0.34 -63.99 -20.78
C ASN B 152 -0.75 -64.34 -21.79
N GLY B 153 -0.78 -65.61 -22.19
CA GLY B 153 -1.67 -66.11 -23.25
C GLY B 153 -3.08 -65.54 -23.25
N GLY B 154 -3.70 -65.52 -22.07
CA GLY B 154 -5.10 -65.11 -21.91
C GLY B 154 -5.47 -63.74 -22.43
N TRP B 155 -4.56 -62.77 -22.31
CA TRP B 155 -4.87 -61.40 -22.68
C TRP B 155 -3.86 -60.75 -23.63
N ASP B 156 -2.58 -61.03 -23.40
CA ASP B 156 -1.48 -60.40 -24.17
C ASP B 156 -1.40 -60.90 -25.61
N PRO B 157 -1.00 -60.01 -26.54
CA PRO B 157 -0.57 -60.45 -27.88
C PRO B 157 0.85 -61.02 -27.80
N THR B 158 1.21 -61.81 -28.82
CA THR B 158 2.44 -62.64 -28.80
C THR B 158 3.70 -61.95 -28.25
N GLU B 159 4.22 -60.99 -29.01
CA GLU B 159 5.50 -60.34 -28.69
C GLU B 159 5.42 -59.38 -27.49
N ARG B 160 6.59 -59.01 -26.96
CA ARG B 160 6.70 -58.01 -25.89
C ARG B 160 6.06 -56.70 -26.34
N HIS B 161 5.36 -56.01 -25.45
CA HIS B 161 4.56 -54.85 -25.89
C HIS B 161 4.45 -53.67 -24.92
N ILE B 162 3.94 -52.56 -25.48
CA ILE B 162 3.52 -51.40 -24.70
C ILE B 162 2.01 -51.32 -24.79
N GLY B 163 1.35 -51.36 -23.63
CA GLY B 163 -0.11 -51.41 -23.59
C GLY B 163 -0.78 -50.29 -22.82
N ILE B 164 -1.88 -49.77 -23.37
CA ILE B 164 -2.74 -48.81 -22.70
C ILE B 164 -3.83 -49.59 -21.96
N ASP B 165 -3.79 -49.55 -20.62
CA ASP B 165 -4.73 -50.31 -19.80
C ASP B 165 -5.81 -49.42 -19.22
N VAL B 166 -7.06 -49.74 -19.54
CA VAL B 166 -8.22 -48.98 -19.04
C VAL B 166 -9.04 -49.89 -18.13
N ASN B 167 -8.89 -49.68 -16.82
CA ASN B 167 -9.61 -50.45 -15.78
C ASN B 167 -9.47 -51.97 -15.90
N SER B 168 -8.63 -52.41 -16.83
CA SER B 168 -8.45 -53.82 -17.15
C SER B 168 -6.98 -54.13 -17.35
N ILE B 169 -6.58 -55.37 -17.08
CA ILE B 169 -5.20 -55.80 -17.32
C ILE B 169 -4.97 -56.14 -18.79
N LYS B 170 -6.05 -56.40 -19.51
CA LYS B 170 -6.02 -56.59 -20.96
C LYS B 170 -6.03 -55.21 -21.61
N SER B 171 -4.91 -54.88 -22.27
CA SER B 171 -4.74 -53.59 -22.92
C SER B 171 -5.72 -53.41 -24.07
N ILE B 172 -6.31 -52.22 -24.15
CA ILE B 172 -7.22 -51.87 -25.24
C ILE B 172 -6.47 -51.71 -26.57
N LYS B 173 -5.19 -51.38 -26.49
CA LYS B 173 -4.31 -51.36 -27.66
C LYS B 173 -2.88 -51.69 -27.24
N THR B 174 -2.14 -52.32 -28.17
CA THR B 174 -0.76 -52.75 -27.94
C THR B 174 0.10 -52.47 -29.17
N THR B 175 1.43 -52.45 -28.99
CA THR B 175 2.36 -52.35 -30.11
C THR B 175 3.66 -53.11 -29.83
N SER B 176 4.28 -53.60 -30.90
CA SER B 176 5.49 -54.42 -30.83
C SER B 176 6.64 -53.70 -30.12
N TRP B 177 7.33 -54.43 -29.24
CA TRP B 177 8.44 -53.86 -28.46
C TRP B 177 9.63 -54.81 -28.41
N ASP B 178 10.74 -54.39 -29.02
CA ASP B 178 12.00 -55.13 -28.95
C ASP B 178 12.73 -54.85 -27.63
N PHE B 179 12.22 -55.44 -26.55
CA PHE B 179 12.83 -55.35 -25.24
C PHE B 179 14.26 -55.90 -25.29
N ALA B 180 15.23 -55.00 -25.13
CA ALA B 180 16.62 -55.39 -25.03
C ALA B 180 16.96 -55.55 -23.56
N ASN B 181 17.44 -56.75 -23.20
CA ASN B 181 17.67 -57.09 -21.80
C ASN B 181 18.79 -56.29 -21.13
N GLY B 182 18.47 -55.68 -19.99
CA GLY B 182 19.44 -54.94 -19.19
C GLY B 182 19.82 -53.58 -19.72
N GLU B 183 19.01 -53.04 -20.64
CA GLU B 183 19.31 -51.77 -21.29
C GLU B 183 18.42 -50.63 -20.82
N ASN B 184 18.96 -49.41 -20.87
CA ASN B 184 18.19 -48.21 -20.54
C ASN B 184 17.13 -47.92 -21.60
N ALA B 185 15.91 -47.64 -21.13
CA ALA B 185 14.79 -47.33 -21.99
C ALA B 185 14.15 -46.00 -21.61
N GLU B 186 14.37 -44.98 -22.45
CA GLU B 186 13.74 -43.68 -22.24
C GLU B 186 12.33 -43.68 -22.80
N VAL B 187 11.37 -43.32 -21.96
CA VAL B 187 9.94 -43.36 -22.32
C VAL B 187 9.33 -41.97 -22.26
N LEU B 188 8.37 -41.73 -23.14
CA LEU B 188 7.60 -40.49 -23.14
C LEU B 188 6.11 -40.76 -23.34
N ILE B 189 5.33 -40.49 -22.31
CA ILE B 189 3.87 -40.63 -22.38
C ILE B 189 3.25 -39.24 -22.30
N THR B 190 2.32 -38.98 -23.21
CA THR B 190 1.71 -37.67 -23.32
C THR B 190 0.19 -37.77 -23.47
N TYR B 191 -0.55 -37.05 -22.64
CA TYR B 191 -2.00 -36.95 -22.82
C TYR B 191 -2.41 -35.54 -23.18
N ASP B 192 -3.23 -35.44 -24.22
CA ASP B 192 -3.77 -34.18 -24.69
C ASP B 192 -5.28 -34.26 -24.72
N SER B 193 -5.95 -33.38 -23.96
CA SER B 193 -7.40 -33.47 -23.75
C SER B 193 -8.23 -33.01 -24.94
N SER B 194 -7.70 -32.08 -25.74
CA SER B 194 -8.43 -31.53 -26.88
C SER B 194 -8.72 -32.56 -27.98
N THR B 195 -7.95 -33.63 -28.02
CA THR B 195 -8.21 -34.75 -28.94
C THR B 195 -8.44 -36.06 -28.18
N ASN B 196 -8.46 -35.95 -26.85
CA ASN B 196 -8.54 -37.10 -25.94
C ASN B 196 -7.54 -38.21 -26.26
N LEU B 197 -6.33 -37.81 -26.67
CA LEU B 197 -5.34 -38.75 -27.21
C LEU B 197 -4.17 -38.98 -26.25
N LEU B 198 -3.96 -40.24 -25.90
CA LEU B 198 -2.80 -40.65 -25.12
C LEU B 198 -1.78 -41.31 -26.04
N VAL B 199 -0.55 -40.81 -26.02
CA VAL B 199 0.53 -41.29 -26.89
C VAL B 199 1.71 -41.77 -26.06
N ALA B 200 1.97 -43.07 -26.08
CA ALA B 200 3.13 -43.63 -25.38
C ALA B 200 4.21 -44.04 -26.37
N SER B 201 5.44 -43.61 -26.08
CA SER B 201 6.59 -43.91 -26.93
C SER B 201 7.79 -44.37 -26.11
N LEU B 202 8.55 -45.31 -26.67
CA LEU B 202 9.75 -45.84 -26.04
C LEU B 202 10.91 -45.84 -27.02
N VAL B 203 12.05 -45.34 -26.58
CA VAL B 203 13.29 -45.44 -27.34
C VAL B 203 14.36 -46.18 -26.53
N HIS B 204 14.96 -47.19 -27.15
CA HIS B 204 16.18 -47.81 -26.64
C HIS B 204 17.36 -47.18 -27.37
N PRO B 205 18.00 -46.16 -26.74
CA PRO B 205 19.07 -45.41 -27.39
C PRO B 205 20.35 -46.21 -27.62
N SER B 206 20.51 -47.32 -26.88
CA SER B 206 21.65 -48.22 -27.04
C SER B 206 21.68 -48.86 -28.42
N GLN B 207 20.53 -49.38 -28.87
CA GLN B 207 20.43 -50.00 -30.19
C GLN B 207 19.64 -49.15 -31.19
N LYS B 208 19.39 -47.89 -30.83
CA LYS B 208 18.77 -46.89 -31.73
C LYS B 208 17.40 -47.31 -32.27
N THR B 209 16.63 -48.00 -31.44
CA THR B 209 15.30 -48.50 -31.80
C THR B 209 14.20 -47.65 -31.17
N SER B 210 13.03 -47.62 -31.81
CA SER B 210 11.92 -46.78 -31.39
C SER B 210 10.55 -47.41 -31.62
N PHE B 211 9.64 -47.21 -30.68
CA PHE B 211 8.29 -47.78 -30.72
C PHE B 211 7.27 -46.74 -30.24
N ILE B 212 6.03 -46.83 -30.71
CA ILE B 212 5.00 -45.84 -30.40
C ILE B 212 3.58 -46.41 -30.48
N VAL B 213 2.71 -46.00 -29.55
CA VAL B 213 1.30 -46.43 -29.52
C VAL B 213 0.38 -45.24 -29.18
N SER B 214 -0.80 -45.22 -29.80
CA SER B 214 -1.75 -44.12 -29.63
C SER B 214 -3.20 -44.58 -29.75
N GLU B 215 -4.02 -44.16 -28.78
CA GLU B 215 -5.45 -44.47 -28.76
C GLU B 215 -6.24 -43.40 -28.02
N ARG B 216 -7.54 -43.31 -28.31
CA ARG B 216 -8.43 -42.31 -27.71
C ARG B 216 -8.93 -42.76 -26.33
N VAL B 217 -8.89 -41.85 -25.36
CA VAL B 217 -9.28 -42.14 -23.97
C VAL B 217 -9.92 -40.92 -23.30
N ASP B 218 -11.10 -41.12 -22.73
CA ASP B 218 -11.78 -40.09 -21.94
C ASP B 218 -11.46 -40.26 -20.44
N LEU B 219 -10.73 -39.31 -19.88
CA LEU B 219 -10.27 -39.39 -18.50
C LEU B 219 -11.35 -39.14 -17.45
N THR B 220 -12.38 -38.38 -17.83
CA THR B 220 -13.51 -38.09 -16.94
C THR B 220 -14.25 -39.36 -16.52
N SER B 221 -14.37 -40.30 -17.45
CA SER B 221 -15.01 -41.59 -17.18
C SER B 221 -14.12 -42.51 -16.36
N VAL B 222 -12.90 -42.72 -16.84
CA VAL B 222 -12.01 -43.73 -16.27
C VAL B 222 -11.47 -43.32 -14.91
N LEU B 223 -10.89 -42.12 -14.83
CA LEU B 223 -10.22 -41.66 -13.63
C LEU B 223 -11.09 -40.70 -12.81
N PRO B 224 -10.87 -40.65 -11.47
CA PRO B 224 -11.53 -39.64 -10.64
C PRO B 224 -10.89 -38.26 -10.87
N GLU B 225 -11.33 -37.25 -10.13
CA GLU B 225 -10.79 -35.89 -10.27
C GLU B 225 -9.32 -35.83 -9.87
N TRP B 226 -9.03 -36.26 -8.64
CA TRP B 226 -7.66 -36.26 -8.12
C TRP B 226 -7.09 -37.66 -8.14
N VAL B 227 -5.82 -37.78 -8.51
CA VAL B 227 -5.13 -39.08 -8.57
C VAL B 227 -3.72 -39.03 -7.97
N SER B 228 -3.15 -40.20 -7.75
CA SER B 228 -1.73 -40.30 -7.45
C SER B 228 -1.03 -40.73 -8.73
N VAL B 229 0.14 -40.16 -8.97
CA VAL B 229 0.92 -40.49 -10.15
C VAL B 229 2.24 -41.14 -9.75
N GLY B 230 2.54 -42.28 -10.38
CA GLY B 230 3.79 -42.98 -10.15
C GLY B 230 3.95 -44.27 -10.90
N PHE B 231 4.61 -45.23 -10.26
CA PHE B 231 5.02 -46.48 -10.89
C PHE B 231 4.47 -47.73 -10.19
N SER B 232 4.51 -48.84 -10.93
CA SER B 232 4.03 -50.14 -10.46
C SER B 232 4.73 -51.27 -11.22
N ALA B 233 5.39 -52.16 -10.48
CA ALA B 233 6.15 -53.26 -11.10
C ALA B 233 6.15 -54.52 -10.25
N THR B 234 6.28 -55.68 -10.92
CA THR B 234 6.25 -56.98 -10.24
C THR B 234 7.24 -57.99 -10.83
N THR B 235 7.46 -59.08 -10.09
CA THR B 235 8.18 -60.26 -10.61
C THR B 235 7.23 -61.46 -10.63
N GLY B 236 7.65 -62.53 -11.29
CA GLY B 236 6.80 -63.70 -11.53
C GLY B 236 6.53 -64.61 -10.36
N LEU B 237 6.12 -65.84 -10.67
CA LEU B 237 5.77 -66.85 -9.67
C LEU B 237 6.89 -67.86 -9.45
N SER B 238 7.57 -68.23 -10.54
CA SER B 238 8.63 -69.24 -10.51
C SER B 238 9.95 -68.70 -9.97
N LYS B 239 10.82 -69.61 -9.52
CA LYS B 239 12.16 -69.25 -9.05
C LYS B 239 13.11 -68.85 -10.18
N GLY B 240 12.68 -69.09 -11.42
CA GLY B 240 13.47 -68.73 -12.61
C GLY B 240 12.96 -67.51 -13.35
N TYR B 241 11.69 -67.18 -13.16
CA TYR B 241 11.05 -66.06 -13.86
C TYR B 241 11.25 -64.73 -13.13
N VAL B 242 12.51 -64.28 -13.08
CA VAL B 242 12.90 -63.08 -12.35
C VAL B 242 13.58 -62.04 -13.24
N GLU B 243 13.31 -60.77 -12.96
CA GLU B 243 13.95 -59.64 -13.64
C GLU B 243 14.02 -58.41 -12.72
N THR B 244 15.01 -57.55 -12.94
CA THR B 244 15.06 -56.28 -12.21
C THR B 244 14.03 -55.33 -12.78
N ASN B 245 13.40 -54.57 -11.88
CA ASN B 245 12.47 -53.52 -12.27
C ASN B 245 12.93 -52.20 -11.63
N GLU B 246 13.71 -51.44 -12.38
CA GLU B 246 14.33 -50.22 -11.87
C GLU B 246 14.01 -49.01 -12.72
N VAL B 247 13.87 -47.86 -12.06
CA VAL B 247 13.64 -46.58 -12.73
C VAL B 247 14.79 -45.65 -12.36
N LEU B 248 15.54 -45.23 -13.36
CA LEU B 248 16.72 -44.39 -13.14
C LEU B 248 16.36 -42.93 -12.88
N SER B 249 15.51 -42.37 -13.74
CA SER B 249 15.10 -40.97 -13.64
C SER B 249 13.64 -40.79 -14.08
N TRP B 250 13.00 -39.73 -13.60
CA TRP B 250 11.56 -39.51 -13.83
C TRP B 250 11.18 -38.03 -13.93
N SER B 251 10.47 -37.67 -14.99
CA SER B 251 9.94 -36.31 -15.16
C SER B 251 8.41 -36.34 -15.31
N PHE B 252 7.74 -35.30 -14.82
CA PHE B 252 6.29 -35.17 -14.93
C PHE B 252 5.84 -33.72 -14.89
N ALA B 253 4.92 -33.36 -15.78
CA ALA B 253 4.27 -32.06 -15.77
C ALA B 253 2.81 -32.18 -16.17
N SER B 254 1.97 -31.28 -15.64
CA SER B 254 0.54 -31.25 -15.96
C SER B 254 0.00 -29.82 -15.99
N LYS B 255 -1.07 -29.61 -16.76
CA LYS B 255 -1.69 -28.29 -16.90
C LYS B 255 -3.22 -28.34 -16.89
N LEU B 256 -3.81 -27.93 -15.77
CA LEU B 256 -5.26 -27.81 -15.64
C LEU B 256 -5.69 -26.40 -16.00
N SER B 257 -6.41 -26.26 -17.10
CA SER B 257 -6.87 -24.95 -17.55
C SER B 257 -8.07 -24.46 -16.75
N ILE B 258 -8.34 -23.16 -16.84
CA ILE B 258 -9.51 -22.54 -16.20
C ILE B 258 -10.73 -22.62 -17.12
N ASN B 259 -10.58 -22.14 -18.36
CA ASN B 259 -11.68 -22.11 -19.32
C ASN B 259 -11.22 -22.43 -20.74
N GLU B 263 -5.86 -25.89 -24.01
CA GLU B 263 -4.58 -25.70 -24.71
C GLU B 263 -3.71 -26.95 -24.66
N GLU B 264 -2.96 -27.18 -25.73
CA GLU B 264 -2.00 -28.29 -25.82
C GLU B 264 -0.87 -28.07 -24.81
N ASN B 265 -0.17 -29.15 -24.46
CA ASN B 265 0.97 -29.05 -23.55
C ASN B 265 2.28 -28.89 -24.30
N LYS B 266 3.09 -27.92 -23.86
CA LYS B 266 4.36 -27.63 -24.52
C LYS B 266 5.39 -28.73 -24.26
N LEU B 267 5.47 -29.69 -25.19
CA LEU B 267 6.37 -30.83 -25.05
C LEU B 267 7.80 -30.48 -25.45
N ALA B 268 7.96 -29.36 -26.15
CA ALA B 268 9.27 -28.91 -26.57
C ALA B 268 10.09 -28.40 -25.39
N ILE B 269 9.51 -27.48 -24.62
CA ILE B 269 10.19 -26.89 -23.47
C ILE B 269 10.22 -27.82 -22.27
N PHE B 270 9.36 -28.83 -22.28
CA PHE B 270 9.27 -29.77 -21.17
C PHE B 270 10.40 -30.79 -21.16
N ASN B 271 10.52 -31.55 -22.25
CA ASN B 271 11.49 -32.64 -22.33
C ASN B 271 12.92 -32.20 -22.04
N LEU B 272 13.17 -30.90 -22.17
CA LEU B 272 14.49 -30.35 -21.85
C LEU B 272 14.50 -29.85 -20.41
N GLU B 273 13.36 -29.35 -19.97
CA GLU B 273 13.16 -28.97 -18.57
C GLU B 273 12.76 -30.20 -17.77
N GLY B 274 12.92 -31.36 -18.39
CA GLY B 274 12.79 -32.64 -17.71
C GLY B 274 14.18 -33.21 -17.49
N LYS B 275 14.38 -34.46 -17.88
CA LYS B 275 15.68 -35.10 -17.74
C LYS B 275 16.77 -34.28 -18.43
N ALA C 24 -2.36 -19.22 -26.32
CA ALA C 24 -1.40 -18.16 -25.92
C ALA C 24 -0.01 -18.41 -26.52
N ASN C 25 0.58 -17.38 -27.11
CA ASN C 25 1.92 -17.46 -27.67
C ASN C 25 2.99 -17.21 -26.60
N LEU C 26 4.09 -17.94 -26.70
CA LEU C 26 5.22 -17.74 -25.80
C LEU C 26 6.53 -17.42 -26.53
N ILE C 27 7.45 -16.77 -25.82
CA ILE C 27 8.81 -16.49 -26.29
C ILE C 27 9.71 -16.20 -25.08
N SER C 28 10.88 -16.83 -25.05
CA SER C 28 11.75 -16.84 -23.89
C SER C 28 13.21 -17.18 -24.23
N PHE C 29 14.15 -16.57 -23.50
CA PHE C 29 15.60 -16.79 -23.70
C PHE C 29 16.42 -16.35 -22.49
N THR C 30 17.48 -17.11 -22.20
CA THR C 30 18.38 -16.77 -21.09
C THR C 30 19.85 -16.77 -21.52
N PHE C 31 20.49 -15.61 -21.47
CA PHE C 31 21.94 -15.49 -21.68
C PHE C 31 22.65 -15.48 -20.34
N LYS C 32 23.49 -16.47 -20.08
CA LYS C 32 24.39 -16.41 -18.93
C LYS C 32 25.75 -15.86 -19.36
N LYS C 33 25.98 -15.88 -20.67
CA LYS C 33 27.08 -15.20 -21.31
C LYS C 33 26.50 -14.58 -22.57
N PHE C 34 27.15 -13.56 -23.10
CA PHE C 34 26.65 -12.89 -24.29
C PHE C 34 27.32 -13.35 -25.57
N ASN C 35 26.50 -13.50 -26.62
CA ASN C 35 26.99 -13.85 -27.95
C ASN C 35 26.62 -12.77 -28.96
N GLU C 36 27.57 -12.46 -29.84
CA GLU C 36 27.39 -11.50 -30.91
C GLU C 36 26.32 -11.94 -31.91
N THR C 37 26.32 -13.23 -32.22
CA THR C 37 25.56 -13.78 -33.34
C THR C 37 24.02 -13.70 -33.20
N ASN C 38 23.52 -13.51 -31.99
CA ASN C 38 22.06 -13.46 -31.79
C ASN C 38 21.48 -12.11 -31.33
N LEU C 39 22.27 -11.05 -31.48
CA LEU C 39 21.82 -9.71 -31.08
C LEU C 39 21.92 -8.70 -32.22
N ILE C 40 21.01 -7.73 -32.21
CA ILE C 40 21.10 -6.57 -33.10
C ILE C 40 21.89 -5.51 -32.35
N LEU C 41 23.15 -5.33 -32.73
CA LEU C 41 24.05 -4.36 -32.10
C LEU C 41 23.97 -2.99 -32.76
N GLN C 42 24.03 -1.95 -31.94
CA GLN C 42 23.95 -0.57 -32.41
C GLN C 42 24.98 0.32 -31.71
N ARG C 43 25.78 1.02 -32.51
CA ARG C 43 26.81 1.97 -32.04
C ARG C 43 27.95 1.29 -31.26
N ASP C 44 28.32 1.87 -30.12
CA ASP C 44 29.48 1.43 -29.34
C ASP C 44 29.24 0.14 -28.54
N ALA C 45 27.98 -0.28 -28.45
CA ALA C 45 27.63 -1.55 -27.81
C ALA C 45 28.30 -2.69 -28.56
N THR C 46 29.19 -3.40 -27.88
CA THR C 46 29.87 -4.55 -28.47
C THR C 46 30.10 -5.67 -27.46
N VAL C 47 30.06 -6.90 -27.96
CA VAL C 47 30.23 -8.09 -27.14
C VAL C 47 31.68 -8.53 -27.20
N SER C 48 32.27 -8.76 -26.03
CA SER C 48 33.67 -9.16 -25.92
C SER C 48 33.92 -9.88 -24.60
N SER C 49 34.40 -11.12 -24.69
CA SER C 49 34.69 -11.99 -23.54
C SER C 49 33.46 -12.21 -22.63
N GLY C 50 32.36 -12.65 -23.23
CA GLY C 50 31.16 -13.00 -22.49
C GLY C 50 30.29 -11.83 -22.03
N LYS C 51 30.92 -10.67 -21.80
CA LYS C 51 30.22 -9.48 -21.32
C LYS C 51 29.65 -8.62 -22.43
N LEU C 52 28.53 -7.95 -22.14
CA LEU C 52 27.89 -7.02 -23.08
C LEU C 52 28.32 -5.59 -22.75
N ARG C 53 29.47 -5.18 -23.29
CA ARG C 53 29.99 -3.84 -23.03
C ARG C 53 29.31 -2.83 -23.94
N ILE C 54 28.34 -2.11 -23.37
CA ILE C 54 27.51 -1.20 -24.14
C ILE C 54 28.28 0.06 -24.55
N THR C 55 29.25 0.46 -23.72
CA THR C 55 30.11 1.62 -24.03
C THR C 55 31.56 1.21 -24.32
N LYS C 56 32.38 2.19 -24.70
CA LYS C 56 33.76 1.92 -25.16
C LYS C 56 34.84 2.13 -24.09
N ALA C 57 35.60 1.07 -23.82
CA ALA C 57 36.70 1.12 -22.87
C ALA C 57 38.05 1.16 -23.59
N ALA C 58 38.95 2.01 -23.09
CA ALA C 58 40.28 2.21 -23.71
C ALA C 58 41.19 0.98 -23.60
N GLU C 59 42.36 1.07 -24.20
CA GLU C 59 43.36 -0.01 -24.18
C GLU C 59 43.53 -0.63 -22.79
N ASN C 60 43.81 0.21 -21.80
CA ASN C 60 44.00 -0.23 -20.42
C ASN C 60 42.75 -0.89 -19.85
N GLY C 61 41.59 -0.49 -20.36
CA GLY C 61 40.30 -0.94 -19.86
C GLY C 61 39.47 0.19 -19.32
N VAL C 62 40.12 1.33 -19.07
CA VAL C 62 39.47 2.51 -18.49
C VAL C 62 38.44 3.10 -19.45
N PRO C 63 37.19 3.29 -18.99
CA PRO C 63 36.06 3.81 -19.79
C PRO C 63 36.32 5.16 -20.45
N THR C 64 35.70 5.37 -21.61
CA THR C 64 35.89 6.59 -22.39
C THR C 64 34.59 7.42 -22.48
N ALA C 65 34.74 8.75 -22.51
CA ALA C 65 33.61 9.67 -22.49
C ALA C 65 33.05 10.02 -23.87
N GLY C 66 31.72 10.12 -23.95
CA GLY C 66 31.02 10.46 -25.20
C GLY C 66 30.52 9.24 -25.94
N SER C 67 30.40 8.13 -25.20
CA SER C 67 30.08 6.83 -25.77
C SER C 67 28.58 6.53 -25.66
N LEU C 68 28.05 5.89 -26.70
CA LEU C 68 26.64 5.49 -26.76
C LEU C 68 26.56 4.09 -27.37
N GLY C 69 25.78 3.21 -26.76
CA GLY C 69 25.57 1.87 -27.30
C GLY C 69 24.15 1.37 -27.12
N ARG C 70 23.71 0.50 -28.03
CA ARG C 70 22.40 -0.13 -27.97
C ARG C 70 22.47 -1.58 -28.43
N ALA C 71 21.81 -2.47 -27.69
CA ALA C 71 21.82 -3.90 -27.98
C ALA C 71 20.42 -4.49 -27.78
N PHE C 72 19.93 -5.18 -28.81
CA PHE C 72 18.55 -5.69 -28.81
C PHE C 72 18.49 -7.14 -29.23
N TYR C 73 17.48 -7.85 -28.73
CA TYR C 73 17.29 -9.25 -29.04
C TYR C 73 16.80 -9.43 -30.48
N SER C 74 17.27 -10.51 -31.11
CA SER C 74 17.12 -10.75 -32.55
C SER C 74 15.67 -10.84 -33.06
N THR C 75 14.81 -11.54 -32.32
CA THR C 75 13.38 -11.64 -32.69
C THR C 75 12.52 -10.54 -32.06
N PRO C 76 11.63 -9.92 -32.85
CA PRO C 76 10.61 -9.01 -32.34
C PRO C 76 9.69 -9.68 -31.32
N ILE C 77 9.03 -8.86 -30.51
CA ILE C 77 8.06 -9.34 -29.53
C ILE C 77 6.76 -8.57 -29.70
N GLN C 78 5.65 -9.28 -29.81
CA GLN C 78 4.35 -8.64 -29.78
C GLN C 78 3.92 -8.46 -28.32
N ILE C 79 3.78 -7.20 -27.91
CA ILE C 79 3.40 -6.87 -26.54
C ILE C 79 1.89 -6.65 -26.38
N TRP C 80 1.20 -6.33 -27.47
CA TRP C 80 -0.27 -6.26 -27.46
C TRP C 80 -0.88 -6.48 -28.85
N ASP C 81 -2.16 -6.87 -28.86
CA ASP C 81 -2.89 -7.16 -30.10
C ASP C 81 -3.97 -6.13 -30.37
N ASN C 82 -4.05 -5.70 -31.63
CA ASN C 82 -5.03 -4.72 -32.07
C ASN C 82 -6.45 -5.30 -32.08
N THR C 83 -6.62 -6.46 -32.69
CA THR C 83 -7.96 -7.04 -32.90
C THR C 83 -8.54 -7.73 -31.66
N THR C 84 -7.74 -8.56 -31.01
CA THR C 84 -8.20 -9.29 -29.82
C THR C 84 -8.15 -8.46 -28.54
N GLY C 85 -7.45 -7.33 -28.61
CA GLY C 85 -7.40 -6.38 -27.50
C GLY C 85 -6.67 -6.87 -26.26
N THR C 86 -5.91 -7.96 -26.40
CA THR C 86 -5.18 -8.56 -25.28
C THR C 86 -3.76 -8.00 -25.17
N VAL C 87 -3.28 -7.89 -23.93
CA VAL C 87 -1.95 -7.34 -23.63
C VAL C 87 -1.05 -8.42 -23.03
N ALA C 88 0.17 -8.53 -23.54
CA ALA C 88 1.13 -9.53 -23.04
C ALA C 88 1.66 -9.18 -21.66
N SER C 89 1.93 -10.22 -20.87
CA SER C 89 2.67 -10.06 -19.62
C SER C 89 4.11 -10.51 -19.86
N TRP C 90 5.07 -9.73 -19.38
CA TRP C 90 6.48 -10.08 -19.54
C TRP C 90 7.33 -9.90 -18.27
N ALA C 91 8.59 -10.33 -18.35
CA ALA C 91 9.54 -10.27 -17.25
C ALA C 91 10.97 -10.33 -17.77
N THR C 92 11.83 -9.44 -17.27
CA THR C 92 13.25 -9.53 -17.60
C THR C 92 14.16 -9.45 -16.36
N SER C 93 15.26 -10.20 -16.41
CA SER C 93 16.25 -10.18 -15.35
C SER C 93 17.67 -10.17 -15.93
N PHE C 94 18.53 -9.34 -15.34
CA PHE C 94 19.91 -9.16 -15.79
C PHE C 94 20.83 -8.65 -14.67
N THR C 95 22.13 -8.94 -14.80
CA THR C 95 23.14 -8.43 -13.87
C THR C 95 24.05 -7.42 -14.56
N PHE C 96 24.00 -6.17 -14.09
CA PHE C 96 24.85 -5.11 -14.66
C PHE C 96 25.87 -4.59 -13.67
N ASN C 97 26.93 -3.98 -14.21
CA ASN C 97 28.05 -3.47 -13.42
C ASN C 97 28.60 -2.16 -13.95
N LEU C 98 28.27 -1.06 -13.27
CA LEU C 98 28.80 0.24 -13.63
C LEU C 98 30.07 0.48 -12.82
N GLN C 99 31.18 0.71 -13.52
CA GLN C 99 32.47 0.92 -12.88
C GLN C 99 33.06 2.27 -13.28
N ALA C 100 33.03 3.21 -12.34
CA ALA C 100 33.61 4.53 -12.53
C ALA C 100 34.91 4.65 -11.74
N PRO C 101 36.02 5.05 -12.41
CA PRO C 101 37.29 5.25 -11.73
C PRO C 101 37.18 6.23 -10.56
N ASN C 102 36.42 7.31 -10.75
CA ASN C 102 36.15 8.28 -9.70
C ASN C 102 34.64 8.44 -9.48
N ALA C 103 34.15 7.99 -8.33
CA ALA C 103 32.73 8.01 -8.01
C ALA C 103 32.13 9.42 -7.99
N ALA C 104 32.97 10.41 -7.71
CA ALA C 104 32.55 11.81 -7.63
C ALA C 104 32.17 12.39 -8.99
N SER C 105 32.70 11.82 -10.07
CA SER C 105 32.40 12.31 -11.42
C SER C 105 32.17 11.18 -12.45
N PRO C 106 30.95 10.58 -12.45
CA PRO C 106 30.56 9.58 -13.45
C PRO C 106 29.38 10.02 -14.33
N ALA C 107 29.11 9.25 -15.40
CA ALA C 107 28.00 9.51 -16.32
C ALA C 107 27.95 8.42 -17.40
N ASP C 108 26.75 7.96 -17.78
CA ASP C 108 25.47 8.46 -17.28
C ASP C 108 24.62 7.38 -16.63
N GLY C 109 24.43 6.27 -17.34
CA GLY C 109 23.64 5.15 -16.84
C GLY C 109 23.34 4.13 -17.93
N LEU C 110 22.45 3.18 -17.60
CA LEU C 110 22.00 2.17 -18.55
C LEU C 110 20.51 1.86 -18.32
N ALA C 111 19.84 1.44 -19.38
CA ALA C 111 18.41 1.20 -19.32
C ALA C 111 17.98 -0.02 -20.14
N PHE C 112 17.08 -0.82 -19.58
CA PHE C 112 16.36 -1.84 -20.35
C PHE C 112 15.25 -1.11 -21.09
N ALA C 113 15.08 -1.43 -22.36
CA ALA C 113 14.13 -0.68 -23.17
C ALA C 113 13.36 -1.56 -24.13
N LEU C 114 12.08 -1.24 -24.29
CA LEU C 114 11.24 -1.83 -25.32
C LEU C 114 11.09 -0.74 -26.37
N VAL C 115 11.58 -1.02 -27.57
CA VAL C 115 11.73 0.00 -28.59
C VAL C 115 11.17 -0.50 -29.93
N PRO C 116 10.61 0.40 -30.76
CA PRO C 116 10.06 0.04 -32.09
C PRO C 116 11.05 -0.76 -32.94
N VAL C 117 10.52 -1.70 -33.72
CA VAL C 117 11.33 -2.78 -34.30
C VAL C 117 12.57 -2.38 -35.12
N GLY C 118 12.40 -1.48 -36.09
CA GLY C 118 13.53 -1.01 -36.89
C GLY C 118 14.09 0.32 -36.40
N SER C 119 13.98 0.56 -35.09
CA SER C 119 14.26 1.87 -34.52
C SER C 119 15.73 2.14 -34.21
N GLN C 120 16.19 3.34 -34.56
CA GLN C 120 17.58 3.75 -34.41
C GLN C 120 17.80 4.70 -33.22
N PRO C 121 19.04 4.75 -32.69
CA PRO C 121 19.40 5.50 -31.47
C PRO C 121 19.04 6.98 -31.49
N LYS C 122 18.96 7.57 -30.31
CA LYS C 122 18.60 8.99 -30.18
C LYS C 122 19.73 9.83 -29.56
N ASP C 123 19.45 10.49 -28.44
CA ASP C 123 20.43 11.40 -27.85
C ASP C 123 21.38 10.74 -26.85
N LYS C 124 22.68 10.90 -27.11
CA LYS C 124 23.74 10.49 -26.18
C LYS C 124 23.64 11.27 -24.85
N GLY C 125 24.39 10.83 -23.86
CA GLY C 125 24.42 11.51 -22.56
C GLY C 125 23.24 11.16 -21.67
N GLY C 126 22.74 12.15 -20.94
CA GLY C 126 21.64 11.97 -19.99
C GLY C 126 20.29 11.67 -20.61
N PHE C 127 20.28 11.42 -21.92
CA PHE C 127 19.09 10.98 -22.64
C PHE C 127 19.22 9.49 -22.98
N LEU C 128 20.39 8.93 -22.67
CA LEU C 128 20.66 7.48 -22.73
C LEU C 128 20.45 6.82 -24.10
N GLY C 129 20.32 7.63 -25.15
CA GLY C 129 20.15 7.14 -26.51
C GLY C 129 18.78 6.56 -26.78
N LEU C 130 17.78 7.07 -26.07
CA LEU C 130 16.40 6.58 -26.16
C LEU C 130 15.38 7.71 -26.41
N PHE C 131 15.66 8.89 -25.87
CA PHE C 131 14.73 10.02 -25.93
C PHE C 131 15.33 11.29 -26.52
N ASP C 132 14.46 12.14 -27.06
CA ASP C 132 14.86 13.43 -27.64
C ASP C 132 14.72 14.60 -26.66
N SER C 133 13.63 14.60 -25.89
CA SER C 133 13.29 15.73 -25.01
C SER C 133 12.73 15.29 -23.65
N LYS C 134 12.50 16.27 -22.79
CA LYS C 134 11.91 16.03 -21.47
C LYS C 134 10.38 16.08 -21.51
N ASN C 135 9.83 16.79 -22.49
CA ASN C 135 8.38 16.84 -22.68
C ASN C 135 7.83 15.60 -23.35
N TYR C 136 6.57 15.27 -23.03
CA TYR C 136 5.91 14.06 -23.50
C TYR C 136 5.75 14.03 -25.03
N ALA C 137 6.56 13.19 -25.68
CA ALA C 137 6.46 12.98 -27.12
C ALA C 137 6.25 11.49 -27.39
N SER C 138 4.99 11.11 -27.56
CA SER C 138 4.62 9.71 -27.75
C SER C 138 5.11 9.10 -29.08
N SER C 139 5.56 9.96 -29.99
CA SER C 139 6.08 9.54 -31.30
C SER C 139 7.29 8.61 -31.20
N ASN C 140 8.04 8.71 -30.09
CA ASN C 140 9.15 7.79 -29.79
C ASN C 140 8.65 6.37 -29.62
N GLN C 141 7.50 6.23 -28.95
CA GLN C 141 6.90 4.95 -28.59
C GLN C 141 7.89 4.08 -27.81
N THR C 142 8.39 4.62 -26.70
CA THR C 142 9.45 3.96 -25.92
C THR C 142 9.12 3.89 -24.44
N VAL C 143 9.19 2.67 -23.88
CA VAL C 143 9.17 2.44 -22.44
C VAL C 143 10.56 1.98 -22.06
N ALA C 144 11.07 2.49 -20.95
CA ALA C 144 12.38 2.06 -20.44
C ALA C 144 12.49 2.20 -18.93
N VAL C 145 13.31 1.35 -18.33
CA VAL C 145 13.64 1.45 -16.92
C VAL C 145 15.10 1.87 -16.79
N GLU C 146 15.33 3.10 -16.35
CA GLU C 146 16.68 3.66 -16.27
C GLU C 146 17.34 3.40 -14.92
N PHE C 147 18.67 3.29 -14.97
CA PHE C 147 19.48 3.13 -13.76
C PHE C 147 20.56 4.20 -13.77
N ASP C 148 20.21 5.34 -13.18
CA ASP C 148 20.90 6.61 -13.39
C ASP C 148 21.89 6.95 -12.28
N THR C 149 23.15 7.14 -12.67
CA THR C 149 24.23 7.57 -11.76
C THR C 149 24.41 9.09 -11.73
N PHE C 150 24.06 9.76 -12.84
CA PHE C 150 24.35 11.18 -13.00
C PHE C 150 23.12 12.08 -12.93
N TYR C 151 23.16 13.05 -12.01
CA TYR C 151 22.03 13.91 -11.71
C TYR C 151 21.90 15.11 -12.66
N ASN C 152 21.09 14.93 -13.70
CA ASN C 152 20.75 16.01 -14.62
C ASN C 152 19.60 16.82 -14.04
N GLY C 153 19.93 17.95 -13.41
CA GLY C 153 18.94 18.83 -12.78
C GLY C 153 17.77 19.17 -13.68
N GLY C 154 17.98 19.06 -14.99
CA GLY C 154 16.95 19.33 -15.99
C GLY C 154 15.70 18.48 -15.84
N TRP C 155 15.84 17.29 -15.25
CA TRP C 155 14.72 16.37 -15.12
C TRP C 155 14.86 15.38 -13.95
N ASP C 156 16.10 15.11 -13.53
CA ASP C 156 16.36 14.08 -12.52
C ASP C 156 16.02 14.51 -11.09
N PRO C 157 15.74 13.53 -10.21
CA PRO C 157 15.54 13.75 -8.78
C PRO C 157 16.85 13.91 -8.02
N THR C 158 16.73 14.19 -6.72
CA THR C 158 17.85 14.59 -5.87
C THR C 158 19.09 13.69 -5.93
N GLU C 159 18.89 12.37 -5.84
CA GLU C 159 20.01 11.43 -5.79
C GLU C 159 19.94 10.32 -6.86
N ARG C 160 20.77 9.29 -6.70
CA ARG C 160 20.79 8.14 -7.59
C ARG C 160 19.43 7.43 -7.56
N HIS C 161 18.93 7.04 -8.72
CA HIS C 161 17.55 6.57 -8.81
C HIS C 161 17.32 5.46 -9.83
N ILE C 162 16.21 4.75 -9.68
CA ILE C 162 15.71 3.83 -10.71
C ILE C 162 14.46 4.47 -11.30
N GLY C 163 14.52 4.86 -12.57
CA GLY C 163 13.41 5.56 -13.19
C GLY C 163 12.59 4.68 -14.11
N ILE C 164 11.32 5.01 -14.25
CA ILE C 164 10.44 4.39 -15.24
C ILE C 164 10.12 5.44 -16.31
N ASP C 165 10.63 5.20 -17.52
CA ASP C 165 10.57 6.18 -18.59
C ASP C 165 9.49 5.83 -19.62
N VAL C 166 8.58 6.77 -19.86
CA VAL C 166 7.51 6.58 -20.84
C VAL C 166 7.51 7.75 -21.81
N ASN C 167 7.98 7.51 -23.02
CA ASN C 167 8.07 8.53 -24.09
C ASN C 167 8.98 9.72 -23.78
N SER C 168 9.48 9.79 -22.54
CA SER C 168 10.29 10.91 -22.08
C SER C 168 11.42 10.47 -21.15
N ILE C 169 12.46 11.29 -21.07
CA ILE C 169 13.59 11.04 -20.17
C ILE C 169 13.27 11.54 -18.75
N LYS C 170 12.24 12.37 -18.63
CA LYS C 170 11.70 12.73 -17.33
C LYS C 170 10.91 11.52 -16.84
N SER C 171 11.46 10.84 -15.84
CA SER C 171 10.86 9.62 -15.29
C SER C 171 9.60 9.96 -14.52
N ILE C 172 8.55 9.17 -14.76
CA ILE C 172 7.25 9.42 -14.12
C ILE C 172 7.25 8.99 -12.66
N LYS C 173 8.06 8.01 -12.30
CA LYS C 173 8.23 7.60 -10.90
C LYS C 173 9.61 6.98 -10.64
N THR C 174 10.33 7.56 -9.67
CA THR C 174 11.68 7.12 -9.32
C THR C 174 11.80 6.64 -7.87
N THR C 175 12.87 5.91 -7.59
CA THR C 175 13.18 5.44 -6.23
C THR C 175 14.66 5.64 -5.89
N SER C 176 14.94 5.83 -4.60
CA SER C 176 16.30 6.00 -4.09
C SER C 176 17.20 4.80 -4.43
N TRP C 177 18.46 5.08 -4.74
CA TRP C 177 19.41 4.04 -5.10
C TRP C 177 20.78 4.28 -4.46
N ASP C 178 21.26 3.30 -3.70
CA ASP C 178 22.64 3.26 -3.26
C ASP C 178 23.43 2.60 -4.37
N PHE C 179 24.06 3.42 -5.20
CA PHE C 179 24.92 2.92 -6.27
C PHE C 179 26.26 2.51 -5.67
N ALA C 180 26.52 1.21 -5.64
CA ALA C 180 27.78 0.67 -5.16
C ALA C 180 28.75 0.59 -6.33
N ASN C 181 29.85 1.35 -6.23
CA ASN C 181 30.79 1.48 -7.33
C ASN C 181 31.47 0.17 -7.71
N GLY C 182 31.35 -0.21 -8.98
CA GLY C 182 31.97 -1.43 -9.51
C GLY C 182 31.45 -2.71 -8.89
N GLU C 183 30.23 -2.68 -8.38
CA GLU C 183 29.62 -3.86 -7.76
C GLU C 183 28.42 -4.37 -8.55
N ASN C 184 28.30 -5.69 -8.62
CA ASN C 184 27.23 -6.35 -9.39
C ASN C 184 25.83 -6.03 -8.91
N ALA C 185 24.98 -5.63 -9.85
CA ALA C 185 23.58 -5.33 -9.59
C ALA C 185 22.72 -6.34 -10.33
N GLU C 186 21.94 -7.13 -9.59
CA GLU C 186 20.96 -8.05 -10.18
C GLU C 186 19.61 -7.37 -10.21
N VAL C 187 18.99 -7.34 -11.40
CA VAL C 187 17.74 -6.61 -11.63
C VAL C 187 16.60 -7.54 -12.05
N LEU C 188 15.38 -7.16 -11.69
CA LEU C 188 14.16 -7.82 -12.19
C LEU C 188 13.08 -6.80 -12.52
N ILE C 189 12.54 -6.92 -13.74
CA ILE C 189 11.48 -6.06 -14.22
C ILE C 189 10.32 -6.94 -14.68
N THR C 190 9.11 -6.64 -14.19
CA THR C 190 7.93 -7.43 -14.52
C THR C 190 6.72 -6.57 -14.86
N TYR C 191 6.05 -6.92 -15.95
CA TYR C 191 4.79 -6.29 -16.35
C TYR C 191 3.64 -7.29 -16.23
N ASP C 192 2.64 -6.95 -15.44
CA ASP C 192 1.44 -7.77 -15.28
C ASP C 192 0.25 -7.14 -16.01
N SER C 193 -0.24 -7.81 -17.05
CA SER C 193 -1.30 -7.27 -17.89
C SER C 193 -2.58 -6.94 -17.10
N SER C 194 -2.95 -7.83 -16.18
CA SER C 194 -4.20 -7.69 -15.44
C SER C 194 -4.26 -6.46 -14.54
N THR C 195 -3.10 -5.93 -14.14
CA THR C 195 -3.05 -4.70 -13.34
C THR C 195 -2.27 -3.55 -14.00
N ASN C 196 -1.76 -3.78 -15.21
CA ASN C 196 -0.93 -2.80 -15.93
C ASN C 196 0.29 -2.32 -15.14
N LEU C 197 0.63 -3.04 -14.07
CA LEU C 197 1.67 -2.63 -13.15
C LEU C 197 3.06 -3.00 -13.68
N LEU C 198 4.02 -2.12 -13.45
CA LEU C 198 5.41 -2.35 -13.84
C LEU C 198 6.28 -2.27 -12.59
N VAL C 199 7.10 -3.29 -12.36
CA VAL C 199 7.94 -3.33 -11.16
C VAL C 199 9.42 -3.50 -11.54
N ALA C 200 10.26 -2.58 -11.10
CA ALA C 200 11.70 -2.69 -11.27
C ALA C 200 12.37 -2.82 -9.91
N SER C 201 13.17 -3.88 -9.75
CA SER C 201 13.90 -4.12 -8.50
C SER C 201 15.40 -4.26 -8.77
N LEU C 202 16.20 -3.99 -7.75
CA LEU C 202 17.66 -4.07 -7.88
C LEU C 202 18.33 -4.47 -6.56
N VAL C 203 19.28 -5.41 -6.65
CA VAL C 203 20.03 -5.85 -5.48
C VAL C 203 21.54 -5.87 -5.73
N HIS C 204 22.30 -5.43 -4.72
CA HIS C 204 23.75 -5.57 -4.71
C HIS C 204 24.14 -6.64 -3.68
N PRO C 205 24.20 -7.91 -4.13
CA PRO C 205 24.41 -9.06 -3.24
C PRO C 205 25.67 -8.94 -2.37
N SER C 206 26.69 -8.27 -2.90
CA SER C 206 27.95 -8.04 -2.20
C SER C 206 27.79 -7.08 -1.02
N GLN C 207 26.71 -6.30 -1.03
CA GLN C 207 26.49 -5.27 -0.02
C GLN C 207 25.16 -5.39 0.72
N LYS C 208 24.29 -6.28 0.23
CA LYS C 208 22.99 -6.54 0.86
C LYS C 208 22.01 -5.38 0.78
N THR C 209 22.19 -4.49 -0.21
CA THR C 209 21.27 -3.38 -0.43
C THR C 209 20.26 -3.72 -1.52
N SER C 210 18.98 -3.50 -1.23
CA SER C 210 17.89 -3.80 -2.15
C SER C 210 16.99 -2.59 -2.39
N PHE C 211 16.46 -2.50 -3.61
CA PHE C 211 15.63 -1.37 -4.06
C PHE C 211 14.46 -1.84 -4.93
N ILE C 212 13.40 -1.03 -4.97
CA ILE C 212 12.19 -1.38 -5.72
C ILE C 212 11.31 -0.17 -6.09
N VAL C 213 10.95 -0.06 -7.37
CA VAL C 213 9.99 0.96 -7.84
C VAL C 213 8.82 0.28 -8.56
N SER C 214 7.62 0.85 -8.43
CA SER C 214 6.41 0.29 -9.03
C SER C 214 5.47 1.37 -9.58
N GLU C 215 4.97 1.16 -10.80
CA GLU C 215 4.05 2.10 -11.44
C GLU C 215 3.12 1.44 -12.45
N ARG C 216 1.92 2.00 -12.59
CA ARG C 216 0.91 1.54 -13.55
C ARG C 216 1.20 2.14 -14.93
N VAL C 217 1.26 1.28 -15.95
CA VAL C 217 1.57 1.73 -17.32
C VAL C 217 0.68 1.05 -18.37
N ASP C 218 0.10 1.85 -19.27
CA ASP C 218 -0.69 1.32 -20.38
C ASP C 218 0.20 1.09 -21.59
N LEU C 219 0.47 -0.18 -21.90
CA LEU C 219 1.33 -0.52 -23.01
C LEU C 219 0.68 -0.24 -24.36
N THR C 220 -0.64 -0.37 -24.42
CA THR C 220 -1.40 -0.21 -25.66
C THR C 220 -1.43 1.24 -26.14
N SER C 221 -1.30 2.17 -25.21
CA SER C 221 -1.26 3.59 -25.54
C SER C 221 0.15 4.09 -25.87
N VAL C 222 1.17 3.34 -25.44
CA VAL C 222 2.57 3.78 -25.56
C VAL C 222 3.34 3.11 -26.70
N LEU C 223 3.54 1.80 -26.58
CA LEU C 223 4.34 1.05 -27.56
C LEU C 223 3.46 0.54 -28.71
N PRO C 224 4.08 0.28 -29.89
CA PRO C 224 3.34 -0.35 -30.98
C PRO C 224 3.13 -1.83 -30.68
N GLU C 225 2.34 -2.53 -31.48
CA GLU C 225 2.09 -3.95 -31.28
C GLU C 225 3.39 -4.75 -31.18
N TRP C 226 4.32 -4.49 -32.09
CA TRP C 226 5.61 -5.20 -32.15
C TRP C 226 6.80 -4.33 -31.78
N VAL C 227 7.59 -4.80 -30.80
CA VAL C 227 8.79 -4.08 -30.35
C VAL C 227 10.03 -4.96 -30.26
N SER C 228 11.20 -4.35 -30.42
CA SER C 228 12.49 -4.98 -30.12
C SER C 228 12.78 -4.83 -28.63
N VAL C 229 13.50 -5.78 -28.06
CA VAL C 229 13.79 -5.76 -26.62
C VAL C 229 15.30 -5.81 -26.32
N GLY C 230 15.77 -4.87 -25.51
CA GLY C 230 17.20 -4.82 -25.16
C GLY C 230 17.64 -3.66 -24.30
N PHE C 231 18.92 -3.29 -24.43
CA PHE C 231 19.55 -2.30 -23.58
C PHE C 231 20.08 -1.04 -24.31
N SER C 232 20.24 0.04 -23.56
CA SER C 232 20.93 1.25 -24.03
C SER C 232 21.67 1.93 -22.88
N ALA C 233 22.91 2.37 -23.16
CA ALA C 233 23.75 3.02 -22.16
C ALA C 233 24.67 4.07 -22.79
N THR C 234 25.03 5.09 -22.00
CA THR C 234 25.90 6.18 -22.49
C THR C 234 26.87 6.69 -21.42
N THR C 235 27.87 7.43 -21.87
CA THR C 235 28.75 8.20 -20.98
C THR C 235 28.54 9.70 -21.24
N GLY C 236 28.94 10.54 -20.28
CA GLY C 236 28.60 11.97 -20.29
C GLY C 236 29.24 12.82 -21.37
N LEU C 237 29.04 14.13 -21.27
CA LEU C 237 29.65 15.10 -22.19
C LEU C 237 31.11 15.38 -21.85
N SER C 238 31.38 15.62 -20.57
CA SER C 238 32.74 15.95 -20.10
C SER C 238 33.69 14.77 -20.18
N LYS C 239 34.93 15.04 -20.59
CA LYS C 239 35.95 14.01 -20.81
C LYS C 239 36.31 13.22 -19.54
N GLY C 240 36.45 13.92 -18.42
CA GLY C 240 36.76 13.29 -17.13
C GLY C 240 35.65 12.39 -16.58
N TYR C 241 34.40 12.70 -16.93
CA TYR C 241 33.24 12.01 -16.36
C TYR C 241 32.99 10.65 -17.02
N VAL C 242 33.78 9.66 -16.64
CA VAL C 242 33.76 8.32 -17.25
C VAL C 242 33.27 7.20 -16.33
N GLU C 243 32.65 6.19 -16.94
CA GLU C 243 32.20 4.97 -16.28
C GLU C 243 31.91 3.88 -17.31
N THR C 244 31.98 2.63 -16.89
CA THR C 244 31.60 1.53 -17.78
C THR C 244 30.08 1.33 -17.73
N ASN C 245 29.57 0.56 -18.68
CA ASN C 245 28.15 0.20 -18.74
C ASN C 245 28.07 -1.23 -19.21
N GLU C 246 28.29 -2.14 -18.27
CA GLU C 246 28.45 -3.56 -18.59
C GLU C 246 27.30 -4.38 -18.08
N VAL C 247 26.83 -5.28 -18.95
CA VAL C 247 25.81 -6.28 -18.61
C VAL C 247 26.45 -7.65 -18.75
N LEU C 248 26.39 -8.44 -17.67
CA LEU C 248 27.04 -9.75 -17.63
C LEU C 248 26.13 -10.87 -18.15
N SER C 249 24.86 -10.83 -17.74
CA SER C 249 23.86 -11.84 -18.12
C SER C 249 22.48 -11.20 -18.34
N TRP C 250 21.59 -11.93 -19.01
CA TRP C 250 20.26 -11.39 -19.35
C TRP C 250 19.25 -12.50 -19.60
N SER C 251 18.12 -12.44 -18.90
CA SER C 251 17.01 -13.38 -19.10
C SER C 251 15.69 -12.66 -19.36
N PHE C 252 14.85 -13.27 -20.20
CA PHE C 252 13.61 -12.64 -20.64
C PHE C 252 12.53 -13.67 -20.97
N ALA C 253 11.29 -13.37 -20.57
CA ALA C 253 10.14 -14.20 -20.92
C ALA C 253 8.93 -13.33 -21.19
N SER C 254 8.09 -13.75 -22.13
CA SER C 254 6.86 -13.03 -22.46
C SER C 254 5.73 -14.02 -22.73
N LYS C 255 4.51 -13.64 -22.34
CA LYS C 255 3.32 -14.45 -22.60
C LYS C 255 2.16 -13.60 -23.13
N LEU C 256 1.83 -13.77 -24.40
CA LEU C 256 0.71 -13.06 -25.01
C LEU C 256 -0.52 -13.93 -25.01
N SER C 257 -1.49 -13.56 -24.19
CA SER C 257 -2.71 -14.32 -24.00
C SER C 257 -3.62 -14.31 -25.23
N ILE C 258 -4.23 -15.45 -25.51
CA ILE C 258 -5.28 -15.56 -26.53
C ILE C 258 -6.52 -16.23 -25.92
N ASN C 265 2.00 -15.15 -16.07
CA ASN C 265 3.39 -15.40 -16.40
C ASN C 265 4.21 -15.80 -15.17
N LYS C 266 4.58 -17.07 -15.09
CA LYS C 266 5.31 -17.60 -13.93
C LYS C 266 6.53 -16.76 -13.57
N LEU C 267 6.72 -16.55 -12.27
CA LEU C 267 7.88 -15.82 -11.78
C LEU C 267 8.80 -16.76 -11.00
N ALA C 268 8.18 -17.75 -10.35
CA ALA C 268 8.93 -18.73 -9.57
C ALA C 268 9.77 -19.63 -10.48
N ILE C 269 9.20 -20.03 -11.60
CA ILE C 269 9.89 -20.94 -12.52
C ILE C 269 10.71 -20.20 -13.58
N PHE C 270 10.70 -18.87 -13.52
CA PHE C 270 11.40 -18.04 -14.51
C PHE C 270 12.83 -17.70 -14.11
N ASN C 271 12.99 -17.08 -12.95
CA ASN C 271 14.29 -16.59 -12.50
C ASN C 271 15.22 -17.68 -11.97
N LEU C 272 14.81 -18.94 -12.11
CA LEU C 272 15.63 -20.07 -11.69
C LEU C 272 16.31 -20.74 -12.87
N GLU C 273 15.71 -20.59 -14.04
CA GLU C 273 16.32 -21.06 -15.29
C GLU C 273 17.29 -19.99 -15.80
N GLY C 274 17.10 -18.76 -15.34
CA GLY C 274 17.95 -17.66 -15.74
C GLY C 274 18.79 -17.11 -14.59
N LYS C 275 18.21 -16.20 -13.81
CA LYS C 275 18.91 -15.58 -12.69
C LYS C 275 19.51 -16.62 -11.74
N ALA C 276 18.65 -17.35 -11.05
CA ALA C 276 19.10 -18.35 -10.07
C ALA C 276 19.41 -19.69 -10.74
N ALA D 24 23.80 -22.63 -17.64
CA ALA D 24 23.45 -23.05 -19.03
C ALA D 24 22.69 -21.95 -19.76
N ASN D 25 22.74 -21.99 -21.09
CA ASN D 25 22.00 -21.06 -21.95
C ASN D 25 20.75 -21.70 -22.52
N LEU D 26 19.65 -20.95 -22.55
CA LEU D 26 18.35 -21.48 -23.00
C LEU D 26 17.69 -20.58 -24.05
N ILE D 27 16.94 -21.21 -24.96
CA ILE D 27 16.09 -20.50 -25.91
C ILE D 27 14.80 -21.30 -26.15
N SER D 28 13.66 -20.61 -26.17
CA SER D 28 12.36 -21.27 -26.30
C SER D 28 11.34 -20.37 -26.99
N PHE D 29 10.35 -20.98 -27.65
CA PHE D 29 9.19 -20.26 -28.18
C PHE D 29 8.03 -21.21 -28.48
N THR D 30 6.84 -20.63 -28.70
CA THR D 30 5.63 -21.39 -28.97
C THR D 30 4.67 -20.57 -29.85
N PHE D 31 4.72 -20.81 -31.16
CA PHE D 31 3.76 -20.26 -32.10
C PHE D 31 2.50 -21.08 -31.95
N LYS D 32 1.37 -20.43 -31.65
CA LYS D 32 0.08 -21.12 -31.72
C LYS D 32 -0.72 -20.56 -32.88
N LYS D 33 -0.27 -19.42 -33.37
CA LYS D 33 -0.65 -18.88 -34.66
C LYS D 33 0.55 -18.12 -35.22
N PHE D 34 0.83 -18.29 -36.50
CA PHE D 34 2.03 -17.73 -37.11
C PHE D 34 1.88 -16.24 -37.43
N ASN D 35 2.99 -15.52 -37.24
CA ASN D 35 3.07 -14.12 -37.62
C ASN D 35 4.27 -13.88 -38.53
N GLU D 36 4.07 -13.00 -39.52
CA GLU D 36 5.13 -12.60 -40.43
C GLU D 36 6.25 -11.88 -39.69
N THR D 37 5.88 -11.17 -38.63
CA THR D 37 6.75 -10.22 -37.94
C THR D 37 7.99 -10.83 -37.26
N ASN D 38 7.95 -12.12 -36.94
CA ASN D 38 9.09 -12.79 -36.30
C ASN D 38 9.58 -14.04 -37.04
N LEU D 39 9.60 -13.95 -38.37
CA LEU D 39 10.06 -15.07 -39.20
C LEU D 39 10.85 -14.58 -40.42
N ILE D 40 11.65 -15.48 -40.98
CA ILE D 40 12.36 -15.23 -42.23
C ILE D 40 11.68 -16.06 -43.33
N LEU D 41 10.95 -15.38 -44.20
CA LEU D 41 10.19 -16.05 -45.25
C LEU D 41 10.96 -16.06 -46.56
N GLN D 42 10.91 -17.20 -47.25
CA GLN D 42 11.62 -17.36 -48.51
C GLN D 42 10.74 -17.94 -49.62
N ARG D 43 10.85 -17.34 -50.80
CA ARG D 43 10.10 -17.75 -52.00
C ARG D 43 8.58 -17.66 -51.78
N ASP D 44 7.87 -18.75 -52.10
CA ASP D 44 6.41 -18.76 -52.07
C ASP D 44 5.80 -18.84 -50.67
N ALA D 45 6.64 -19.02 -49.65
CA ALA D 45 6.20 -19.11 -48.27
C ALA D 45 5.46 -17.84 -47.85
N THR D 46 4.33 -18.03 -47.17
CA THR D 46 3.44 -16.92 -46.81
C THR D 46 2.65 -17.19 -45.52
N VAL D 47 2.33 -16.12 -44.79
CA VAL D 47 1.52 -16.23 -43.58
C VAL D 47 0.16 -15.58 -43.82
N SER D 48 -0.89 -16.39 -43.76
CA SER D 48 -2.26 -15.87 -43.87
C SER D 48 -3.17 -16.41 -42.76
N SER D 49 -3.84 -15.48 -42.08
CA SER D 49 -4.78 -15.77 -40.99
C SER D 49 -4.22 -16.67 -39.87
N GLY D 50 -2.90 -16.59 -39.65
CA GLY D 50 -2.24 -17.34 -38.60
C GLY D 50 -1.84 -18.75 -38.96
N LYS D 51 -2.06 -19.15 -40.20
CA LYS D 51 -1.61 -20.45 -40.70
C LYS D 51 -0.46 -20.22 -41.65
N LEU D 52 0.72 -20.73 -41.29
CA LEU D 52 1.90 -20.63 -42.15
C LEU D 52 1.73 -21.52 -43.39
N ARG D 53 1.45 -20.88 -44.52
CA ARG D 53 1.31 -21.58 -45.78
C ARG D 53 2.63 -21.51 -46.51
N ILE D 54 3.21 -22.67 -46.81
CA ILE D 54 4.55 -22.71 -47.36
C ILE D 54 4.56 -22.64 -48.90
N THR D 55 3.77 -23.49 -49.53
CA THR D 55 3.64 -23.48 -50.99
C THR D 55 2.36 -22.78 -51.43
N LYS D 56 2.29 -22.44 -52.70
CA LYS D 56 1.19 -21.65 -53.26
C LYS D 56 -0.15 -22.36 -53.24
N ALA D 57 -1.19 -21.61 -52.91
CA ALA D 57 -2.58 -22.04 -53.03
C ALA D 57 -3.37 -20.89 -53.65
N ALA D 58 -4.08 -21.19 -54.74
CA ALA D 58 -4.85 -20.20 -55.49
C ALA D 58 -5.90 -19.49 -54.63
N GLU D 59 -6.36 -18.33 -55.10
CA GLU D 59 -7.37 -17.54 -54.39
C GLU D 59 -8.55 -18.40 -53.92
N ASN D 60 -8.98 -19.30 -54.80
CA ASN D 60 -10.13 -20.17 -54.54
C ASN D 60 -9.82 -21.37 -53.63
N GLY D 61 -8.54 -21.58 -53.32
CA GLY D 61 -8.10 -22.65 -52.43
C GLY D 61 -7.47 -23.85 -53.13
N VAL D 62 -7.06 -23.64 -54.38
CA VAL D 62 -6.49 -24.69 -55.23
C VAL D 62 -4.96 -24.69 -55.12
N PRO D 63 -4.36 -25.83 -54.71
CA PRO D 63 -2.90 -25.91 -54.59
C PRO D 63 -2.23 -25.81 -55.96
N THR D 64 -1.05 -25.19 -56.01
CA THR D 64 -0.36 -24.97 -57.29
C THR D 64 0.95 -25.76 -57.42
N ALA D 65 1.22 -26.23 -58.64
CA ALA D 65 2.45 -26.95 -58.97
C ALA D 65 3.62 -25.99 -59.18
N GLY D 66 4.84 -26.52 -59.11
CA GLY D 66 6.05 -25.72 -59.29
C GLY D 66 6.19 -24.61 -58.27
N SER D 67 5.92 -24.95 -57.01
CA SER D 67 6.04 -24.01 -55.91
C SER D 67 7.18 -24.42 -54.98
N LEU D 68 7.73 -23.44 -54.25
CA LEU D 68 8.76 -23.68 -53.25
C LEU D 68 8.64 -22.66 -52.13
N GLY D 69 8.66 -23.11 -50.88
CA GLY D 69 8.63 -22.22 -49.73
C GLY D 69 9.60 -22.60 -48.63
N ARG D 70 9.99 -21.61 -47.84
CA ARG D 70 10.89 -21.81 -46.71
C ARG D 70 10.61 -20.77 -45.63
N ALA D 71 10.48 -21.21 -44.38
CA ALA D 71 10.26 -20.28 -43.27
C ALA D 71 11.17 -20.63 -42.09
N PHE D 72 11.84 -19.61 -41.55
CA PHE D 72 12.80 -19.82 -40.47
C PHE D 72 12.64 -18.78 -39.35
N TYR D 73 13.03 -19.18 -38.14
CA TYR D 73 12.95 -18.31 -36.97
C TYR D 73 14.01 -17.22 -36.99
N SER D 74 13.67 -16.04 -36.46
CA SER D 74 14.50 -14.84 -36.57
C SER D 74 15.84 -14.89 -35.86
N THR D 75 15.91 -15.62 -34.75
CA THR D 75 17.19 -15.79 -34.06
C THR D 75 17.85 -17.07 -34.50
N PRO D 76 19.17 -17.01 -34.76
CA PRO D 76 19.98 -18.20 -34.90
C PRO D 76 20.09 -18.93 -33.57
N ILE D 77 20.52 -20.20 -33.60
CA ILE D 77 20.60 -21.02 -32.40
C ILE D 77 21.91 -21.81 -32.35
N GLN D 78 22.64 -21.66 -31.25
CA GLN D 78 23.90 -22.38 -31.05
C GLN D 78 23.66 -23.81 -30.56
N ILE D 79 23.94 -24.76 -31.44
CA ILE D 79 23.71 -26.19 -31.19
C ILE D 79 24.95 -26.90 -30.65
N TRP D 80 26.12 -26.33 -30.91
CA TRP D 80 27.36 -26.77 -30.27
C TRP D 80 28.40 -25.65 -30.19
N ASP D 81 29.20 -25.68 -29.13
CA ASP D 81 30.25 -24.68 -28.90
C ASP D 81 31.63 -25.30 -29.07
N ASN D 82 32.42 -24.68 -29.95
CA ASN D 82 33.75 -25.18 -30.31
C ASN D 82 34.74 -25.17 -29.16
N THR D 83 34.76 -24.06 -28.42
CA THR D 83 35.77 -23.83 -27.39
C THR D 83 35.67 -24.76 -26.17
N THR D 84 34.45 -25.19 -25.84
CA THR D 84 34.22 -26.01 -24.66
C THR D 84 33.69 -27.40 -24.99
N GLY D 85 33.43 -27.65 -26.28
CA GLY D 85 32.99 -28.95 -26.77
C GLY D 85 31.56 -29.29 -26.40
N THR D 86 30.87 -28.34 -25.78
CA THR D 86 29.50 -28.54 -25.33
C THR D 86 28.53 -28.55 -26.51
N VAL D 87 27.67 -29.56 -26.54
CA VAL D 87 26.66 -29.71 -27.58
C VAL D 87 25.27 -29.56 -26.97
N ALA D 88 24.40 -28.82 -27.66
CA ALA D 88 23.08 -28.50 -27.13
C ALA D 88 22.05 -29.57 -27.44
N SER D 89 21.30 -29.95 -26.40
CA SER D 89 20.10 -30.76 -26.56
C SER D 89 18.96 -29.83 -26.96
N TRP D 90 18.09 -30.29 -27.84
CA TRP D 90 16.93 -29.49 -28.27
C TRP D 90 15.71 -30.35 -28.63
N ALA D 91 14.58 -29.68 -28.85
CA ALA D 91 13.32 -30.33 -29.18
C ALA D 91 12.40 -29.37 -29.91
N THR D 92 11.64 -29.89 -30.87
CA THR D 92 10.68 -29.07 -31.61
C THR D 92 9.37 -29.80 -31.87
N SER D 93 8.25 -29.10 -31.67
CA SER D 93 6.95 -29.66 -31.96
C SER D 93 6.10 -28.71 -32.80
N PHE D 94 5.46 -29.27 -33.83
CA PHE D 94 4.64 -28.48 -34.76
C PHE D 94 3.56 -29.34 -35.40
N THR D 95 2.40 -28.72 -35.63
CA THR D 95 1.29 -29.40 -36.29
C THR D 95 1.16 -28.96 -37.76
N PHE D 96 1.22 -29.93 -38.68
CA PHE D 96 1.09 -29.63 -40.10
C PHE D 96 -0.05 -30.41 -40.76
N ASN D 97 -0.60 -29.83 -41.82
CA ASN D 97 -1.66 -30.46 -42.60
C ASN D 97 -1.30 -30.46 -44.08
N LEU D 98 -1.37 -31.62 -44.71
CA LEU D 98 -1.17 -31.72 -46.16
C LEU D 98 -2.44 -32.20 -46.85
N GLN D 99 -2.91 -31.39 -47.81
CA GLN D 99 -4.19 -31.63 -48.47
C GLN D 99 -4.06 -31.60 -50.00
N ALA D 100 -4.46 -32.70 -50.63
CA ALA D 100 -4.40 -32.86 -52.07
C ALA D 100 -5.79 -33.01 -52.68
N PRO D 101 -6.01 -32.43 -53.88
CA PRO D 101 -7.28 -32.67 -54.56
C PRO D 101 -7.36 -34.11 -55.01
N ASN D 102 -6.24 -34.64 -55.49
CA ASN D 102 -6.14 -36.01 -55.99
C ASN D 102 -5.02 -36.77 -55.28
N ALA D 103 -5.41 -37.60 -54.31
CA ALA D 103 -4.43 -38.31 -53.46
C ALA D 103 -3.50 -39.23 -54.26
N ALA D 104 -3.96 -39.65 -55.43
CA ALA D 104 -3.22 -40.56 -56.30
C ALA D 104 -2.00 -39.90 -56.97
N SER D 105 -1.98 -38.57 -57.02
CA SER D 105 -0.86 -37.83 -57.62
C SER D 105 -0.54 -36.48 -56.95
N PRO D 106 0.03 -36.52 -55.72
CA PRO D 106 0.54 -35.30 -55.08
C PRO D 106 2.07 -35.23 -55.05
N ALA D 107 2.60 -34.06 -54.71
CA ALA D 107 4.04 -33.81 -54.64
C ALA D 107 4.29 -32.47 -53.96
N ASP D 108 5.35 -32.36 -53.15
CA ASP D 108 6.27 -33.46 -52.85
C ASP D 108 6.33 -33.80 -51.37
N GLY D 109 6.24 -32.78 -50.53
CA GLY D 109 6.29 -32.96 -49.07
C GLY D 109 6.79 -31.70 -48.40
N LEU D 110 7.04 -31.79 -47.10
CA LEU D 110 7.59 -30.67 -46.34
C LEU D 110 8.59 -31.19 -45.30
N ALA D 111 9.45 -30.31 -44.80
CA ALA D 111 10.51 -30.72 -43.88
C ALA D 111 10.89 -29.68 -42.83
N PHE D 112 11.16 -30.15 -41.61
CA PHE D 112 11.79 -29.32 -40.58
C PHE D 112 13.30 -29.43 -40.75
N ALA D 113 13.99 -28.29 -40.66
CA ALA D 113 15.43 -28.27 -40.89
C ALA D 113 16.17 -27.33 -39.95
N LEU D 114 17.43 -27.70 -39.67
CA LEU D 114 18.38 -26.82 -39.01
C LEU D 114 19.37 -26.42 -40.08
N VAL D 115 19.42 -25.13 -40.38
CA VAL D 115 20.04 -24.63 -41.60
C VAL D 115 21.13 -23.59 -41.32
N PRO D 116 22.14 -23.47 -42.23
CA PRO D 116 23.21 -22.46 -42.08
C PRO D 116 22.70 -21.02 -41.96
N VAL D 117 23.32 -20.26 -41.08
CA VAL D 117 22.86 -18.94 -40.63
C VAL D 117 22.35 -17.98 -41.72
N GLY D 118 22.76 -18.20 -42.97
CA GLY D 118 22.30 -17.35 -44.07
C GLY D 118 22.00 -18.09 -45.36
N SER D 119 21.52 -19.32 -45.25
CA SER D 119 21.32 -20.18 -46.41
C SER D 119 20.18 -19.73 -47.31
N GLN D 120 20.23 -20.17 -48.57
CA GLN D 120 19.21 -19.88 -49.57
C GLN D 120 18.54 -21.16 -50.08
N PRO D 121 17.25 -21.08 -50.50
CA PRO D 121 16.52 -22.22 -51.04
C PRO D 121 17.27 -22.91 -52.17
N LYS D 122 17.34 -24.24 -52.09
CA LYS D 122 18.04 -25.03 -53.10
C LYS D 122 17.05 -25.72 -54.05
N ASP D 123 17.34 -26.95 -54.48
CA ASP D 123 16.54 -27.63 -55.50
C ASP D 123 15.08 -27.86 -55.12
N LYS D 124 14.18 -27.27 -55.90
CA LYS D 124 12.73 -27.47 -55.78
C LYS D 124 12.30 -28.90 -56.11
N GLY D 125 11.00 -29.17 -55.99
CA GLY D 125 10.45 -30.48 -56.30
C GLY D 125 10.90 -31.57 -55.33
N GLY D 126 11.36 -32.68 -55.89
CA GLY D 126 11.76 -33.85 -55.12
C GLY D 126 12.84 -33.63 -54.07
N PHE D 127 13.61 -32.55 -54.22
CA PHE D 127 14.70 -32.25 -53.30
C PHE D 127 14.23 -31.42 -52.09
N LEU D 128 12.94 -31.04 -52.11
CA LEU D 128 12.28 -30.34 -51.00
C LEU D 128 12.83 -28.94 -50.67
N GLY D 129 13.55 -28.35 -51.62
CA GLY D 129 14.15 -27.03 -51.44
C GLY D 129 15.28 -27.03 -50.45
N LEU D 130 15.97 -28.17 -50.31
CA LEU D 130 16.98 -28.35 -49.28
C LEU D 130 18.31 -28.90 -49.79
N PHE D 131 18.25 -29.80 -50.78
CA PHE D 131 19.44 -30.52 -51.22
C PHE D 131 19.72 -30.41 -52.71
N ASP D 132 20.97 -30.71 -53.07
CA ASP D 132 21.46 -30.60 -54.45
C ASP D 132 21.43 -31.93 -55.20
N SER D 133 21.76 -33.02 -54.50
CA SER D 133 21.90 -34.34 -55.11
C SER D 133 21.76 -35.49 -54.11
N LYS D 134 21.73 -36.72 -54.64
CA LYS D 134 21.54 -37.94 -53.85
C LYS D 134 22.77 -38.35 -53.04
N ASN D 135 23.95 -37.94 -53.48
CA ASN D 135 25.19 -38.25 -52.78
C ASN D 135 25.51 -37.27 -51.65
N TYR D 136 26.29 -37.75 -50.68
CA TYR D 136 26.63 -36.99 -49.46
C TYR D 136 27.59 -35.85 -49.75
N ALA D 137 27.12 -34.62 -49.51
CA ALA D 137 27.92 -33.41 -49.70
C ALA D 137 27.79 -32.49 -48.49
N SER D 138 28.71 -32.64 -47.54
CA SER D 138 28.65 -31.91 -46.27
C SER D 138 28.92 -30.41 -46.39
N SER D 139 28.91 -29.89 -47.63
CA SER D 139 29.00 -28.45 -47.87
C SER D 139 27.69 -27.74 -47.56
N ASN D 140 26.58 -28.47 -47.62
CA ASN D 140 25.26 -27.93 -47.29
C ASN D 140 25.07 -27.71 -45.79
N GLN D 141 25.65 -28.60 -44.99
CA GLN D 141 25.54 -28.54 -43.52
C GLN D 141 24.08 -28.42 -43.09
N THR D 142 23.29 -29.46 -43.38
CA THR D 142 21.84 -29.44 -43.19
C THR D 142 21.29 -30.74 -42.62
N VAL D 143 20.87 -30.71 -41.35
CA VAL D 143 20.07 -31.80 -40.78
C VAL D 143 18.62 -31.42 -40.98
N ALA D 144 17.86 -32.34 -41.57
CA ALA D 144 16.42 -32.14 -41.78
C ALA D 144 15.65 -33.42 -41.53
N VAL D 145 14.49 -33.28 -40.90
CA VAL D 145 13.53 -34.38 -40.83
C VAL D 145 12.45 -34.11 -41.88
N GLU D 146 12.36 -35.00 -42.86
CA GLU D 146 11.44 -34.82 -43.98
C GLU D 146 10.13 -35.56 -43.75
N PHE D 147 9.07 -35.10 -44.42
CA PHE D 147 7.79 -35.78 -44.42
C PHE D 147 7.34 -35.94 -45.86
N ASP D 148 7.53 -37.15 -46.39
CA ASP D 148 7.57 -37.42 -47.82
C ASP D 148 6.28 -38.01 -48.38
N THR D 149 5.67 -37.29 -49.30
CA THR D 149 4.41 -37.69 -49.91
C THR D 149 4.66 -38.41 -51.24
N PHE D 150 5.71 -37.98 -51.95
CA PHE D 150 5.98 -38.50 -53.28
C PHE D 150 7.22 -39.39 -53.35
N TYR D 151 6.98 -40.68 -53.59
CA TYR D 151 8.04 -41.68 -53.73
C TYR D 151 8.82 -41.47 -55.03
N ASN D 152 10.03 -40.93 -54.89
CA ASN D 152 10.96 -40.80 -56.00
C ASN D 152 11.69 -42.12 -56.24
N GLY D 153 11.50 -42.69 -57.42
CA GLY D 153 12.14 -43.95 -57.81
C GLY D 153 13.65 -43.83 -57.93
N GLY D 154 14.19 -42.78 -57.31
CA GLY D 154 15.62 -42.50 -57.35
C GLY D 154 16.30 -42.68 -56.00
N TRP D 155 15.59 -42.37 -54.92
CA TRP D 155 16.19 -42.41 -53.58
C TRP D 155 15.21 -42.78 -52.46
N ASP D 156 13.91 -42.77 -52.76
CA ASP D 156 12.86 -43.01 -51.76
C ASP D 156 12.45 -44.48 -51.64
N PRO D 157 11.96 -44.90 -50.46
CA PRO D 157 11.29 -46.20 -50.33
C PRO D 157 9.92 -46.16 -51.01
N THR D 158 9.32 -47.33 -51.25
CA THR D 158 8.14 -47.45 -52.12
C THR D 158 6.82 -46.85 -51.60
N GLU D 159 6.87 -46.05 -50.54
CA GLU D 159 5.67 -45.40 -49.99
C GLU D 159 5.96 -44.06 -49.28
N ARG D 160 4.91 -43.51 -48.65
CA ARG D 160 5.04 -42.29 -47.85
C ARG D 160 5.92 -42.56 -46.64
N HIS D 161 6.81 -41.64 -46.32
CA HIS D 161 7.78 -41.87 -45.25
C HIS D 161 8.25 -40.62 -44.49
N ILE D 162 8.64 -40.84 -43.24
CA ILE D 162 9.41 -39.88 -42.45
C ILE D 162 10.88 -40.26 -42.63
N GLY D 163 11.74 -39.26 -42.80
CA GLY D 163 13.14 -39.54 -43.09
C GLY D 163 14.14 -38.54 -42.55
N ILE D 164 15.16 -39.05 -41.88
CA ILE D 164 16.25 -38.22 -41.38
C ILE D 164 17.24 -37.97 -42.52
N ASP D 165 17.31 -36.72 -42.96
CA ASP D 165 18.21 -36.33 -44.04
C ASP D 165 19.46 -35.68 -43.48
N VAL D 166 20.63 -36.12 -43.96
CA VAL D 166 21.88 -35.48 -43.59
C VAL D 166 22.69 -35.18 -44.85
N ASN D 167 22.84 -33.88 -45.13
CA ASN D 167 23.63 -33.37 -46.26
C ASN D 167 23.27 -33.94 -47.64
N SER D 168 22.18 -34.69 -47.69
CA SER D 168 21.69 -35.30 -48.91
C SER D 168 20.18 -35.49 -48.82
N ILE D 169 19.54 -35.70 -49.97
CA ILE D 169 18.09 -35.92 -50.01
C ILE D 169 17.73 -37.38 -49.66
N LYS D 170 18.61 -38.32 -50.05
CA LYS D 170 18.45 -39.72 -49.69
C LYS D 170 18.67 -39.89 -48.19
N SER D 171 17.68 -40.44 -47.50
CA SER D 171 17.70 -40.50 -46.04
C SER D 171 18.66 -41.58 -45.54
N ILE D 172 19.30 -41.31 -44.41
CA ILE D 172 20.16 -42.29 -43.75
C ILE D 172 19.33 -43.32 -42.97
N LYS D 173 18.03 -43.04 -42.83
CA LYS D 173 17.07 -43.94 -42.19
C LYS D 173 15.67 -43.42 -42.48
N THR D 174 14.71 -44.34 -42.63
CA THR D 174 13.30 -43.98 -42.84
C THR D 174 12.34 -44.85 -42.02
N THR D 175 11.05 -44.54 -42.11
CA THR D 175 9.97 -45.40 -41.60
C THR D 175 8.66 -45.12 -42.34
N SER D 176 7.85 -46.17 -42.50
CA SER D 176 6.57 -46.07 -43.20
C SER D 176 5.62 -45.09 -42.50
N TRP D 177 5.11 -44.14 -43.27
CA TRP D 177 4.15 -43.18 -42.78
C TRP D 177 2.85 -43.31 -43.57
N ASP D 178 1.73 -43.35 -42.85
CA ASP D 178 0.41 -43.46 -43.47
C ASP D 178 -0.21 -42.07 -43.61
N PHE D 179 0.26 -41.36 -44.64
CA PHE D 179 -0.22 -40.01 -44.96
C PHE D 179 -1.74 -39.99 -45.14
N ALA D 180 -2.40 -39.20 -44.29
CA ALA D 180 -3.86 -39.10 -44.25
C ALA D 180 -4.33 -37.76 -44.84
N ASN D 181 -4.93 -37.82 -46.03
CA ASN D 181 -5.19 -36.63 -46.84
C ASN D 181 -6.06 -35.56 -46.16
N GLY D 182 -5.49 -34.36 -46.03
CA GLY D 182 -6.18 -33.21 -45.45
C GLY D 182 -6.47 -33.38 -43.99
N GLU D 183 -5.57 -34.08 -43.29
CA GLU D 183 -5.70 -34.33 -41.87
C GLU D 183 -4.50 -33.79 -41.12
N ASN D 184 -4.78 -33.15 -39.98
CA ASN D 184 -3.75 -32.62 -39.10
C ASN D 184 -2.76 -33.68 -38.67
N ALA D 185 -1.49 -33.28 -38.59
CA ALA D 185 -0.43 -34.17 -38.10
C ALA D 185 0.43 -33.46 -37.07
N GLU D 186 0.38 -33.94 -35.83
CA GLU D 186 1.24 -33.44 -34.76
C GLU D 186 2.60 -34.15 -34.85
N VAL D 187 3.67 -33.37 -34.83
CA VAL D 187 5.05 -33.89 -34.95
C VAL D 187 5.90 -33.47 -33.76
N LEU D 188 6.70 -34.40 -33.25
CA LEU D 188 7.67 -34.09 -32.23
C LEU D 188 9.04 -34.62 -32.61
N ILE D 189 10.02 -33.70 -32.63
CA ILE D 189 11.41 -34.05 -32.91
C ILE D 189 12.26 -33.68 -31.71
N THR D 190 13.00 -34.66 -31.18
CA THR D 190 13.82 -34.44 -30.00
C THR D 190 15.24 -34.97 -30.19
N TYR D 191 16.22 -34.10 -29.98
CA TYR D 191 17.63 -34.49 -30.04
C TYR D 191 18.24 -34.45 -28.64
N ASP D 192 18.64 -35.61 -28.15
CA ASP D 192 19.29 -35.73 -26.85
C ASP D 192 20.80 -35.83 -27.02
N SER D 193 21.53 -34.83 -26.54
CA SER D 193 22.98 -34.76 -26.74
C SER D 193 23.77 -35.66 -25.79
N SER D 194 23.07 -36.30 -24.85
CA SER D 194 23.70 -37.26 -23.95
C SER D 194 23.67 -38.68 -24.55
N THR D 195 23.02 -38.79 -25.71
CA THR D 195 22.99 -40.04 -26.48
C THR D 195 23.21 -39.83 -27.98
N ASN D 196 23.41 -38.58 -28.38
CA ASN D 196 23.55 -38.21 -29.80
C ASN D 196 22.40 -38.73 -30.67
N LEU D 197 21.26 -38.99 -30.03
CA LEU D 197 20.12 -39.64 -30.68
C LEU D 197 19.03 -38.65 -31.09
N LEU D 198 18.74 -38.62 -32.39
CA LEU D 198 17.64 -37.81 -32.88
C LEU D 198 16.44 -38.72 -33.08
N VAL D 199 15.32 -38.33 -32.47
CA VAL D 199 14.08 -39.10 -32.57
C VAL D 199 13.00 -38.22 -33.17
N ALA D 200 12.41 -38.69 -34.26
CA ALA D 200 11.36 -37.94 -34.96
C ALA D 200 10.06 -38.75 -35.04
N SER D 201 8.98 -38.19 -34.51
CA SER D 201 7.68 -38.87 -34.50
C SER D 201 6.55 -38.04 -35.11
N LEU D 202 5.45 -38.71 -35.47
CA LEU D 202 4.29 -38.07 -36.08
C LEU D 202 3.02 -38.78 -35.64
N VAL D 203 2.06 -38.04 -35.10
CA VAL D 203 0.74 -38.62 -34.79
C VAL D 203 -0.38 -37.97 -35.61
N HIS D 204 -1.34 -38.78 -36.02
CA HIS D 204 -2.55 -38.32 -36.71
C HIS D 204 -3.73 -38.43 -35.76
N PRO D 205 -4.02 -37.35 -35.01
CA PRO D 205 -5.05 -37.37 -33.95
C PRO D 205 -6.45 -37.78 -34.43
N SER D 206 -6.77 -37.50 -35.70
CA SER D 206 -8.08 -37.82 -36.26
C SER D 206 -8.27 -39.32 -36.52
N GLN D 207 -7.17 -40.07 -36.59
CA GLN D 207 -7.21 -41.50 -36.87
C GLN D 207 -6.40 -42.38 -35.90
N LYS D 208 -5.88 -41.75 -34.85
CA LYS D 208 -5.18 -42.44 -33.76
C LYS D 208 -4.03 -43.33 -34.25
N THR D 209 -3.23 -42.79 -35.17
CA THR D 209 -2.06 -43.51 -35.69
C THR D 209 -0.77 -42.73 -35.47
N SER D 210 0.31 -43.46 -35.23
CA SER D 210 1.59 -42.87 -34.85
C SER D 210 2.77 -43.59 -35.51
N PHE D 211 3.84 -42.82 -35.74
CA PHE D 211 5.00 -43.30 -36.49
C PHE D 211 6.27 -42.69 -35.91
N ILE D 212 7.37 -43.43 -35.91
CA ILE D 212 8.59 -43.02 -35.22
C ILE D 212 9.89 -43.51 -35.89
N VAL D 213 10.87 -42.61 -35.98
CA VAL D 213 12.22 -42.98 -36.45
C VAL D 213 13.26 -42.38 -35.49
N SER D 214 14.35 -43.12 -35.27
CA SER D 214 15.43 -42.68 -34.37
C SER D 214 16.82 -43.13 -34.84
N GLU D 215 17.69 -42.15 -35.11
CA GLU D 215 19.06 -42.44 -35.53
C GLU D 215 20.08 -41.58 -34.78
N ARG D 216 21.29 -42.10 -34.65
CA ARG D 216 22.38 -41.39 -33.98
C ARG D 216 23.04 -40.41 -34.95
N VAL D 217 22.91 -39.13 -34.64
CA VAL D 217 23.49 -38.07 -35.47
C VAL D 217 24.38 -37.16 -34.62
N ASP D 218 25.66 -37.10 -34.99
CA ASP D 218 26.63 -36.22 -34.34
C ASP D 218 26.65 -34.86 -35.04
N LEU D 219 26.10 -33.86 -34.35
CA LEU D 219 25.94 -32.51 -34.90
C LEU D 219 27.27 -31.85 -35.23
N THR D 220 28.29 -32.17 -34.45
CA THR D 220 29.61 -31.53 -34.56
C THR D 220 30.30 -31.79 -35.90
N SER D 221 29.96 -32.92 -36.52
CA SER D 221 30.50 -33.27 -37.84
C SER D 221 29.52 -32.95 -38.98
N VAL D 222 28.38 -32.37 -38.64
CA VAL D 222 27.31 -32.10 -39.63
C VAL D 222 26.96 -30.62 -39.74
N LEU D 223 26.63 -29.99 -38.62
CA LEU D 223 26.10 -28.62 -38.60
C LEU D 223 27.09 -27.61 -38.02
N PRO D 224 27.04 -26.33 -38.50
CA PRO D 224 27.89 -25.28 -37.94
C PRO D 224 27.44 -24.89 -36.53
N GLU D 225 28.31 -24.18 -35.81
CA GLU D 225 28.01 -23.79 -34.43
C GLU D 225 26.64 -23.13 -34.29
N TRP D 226 26.36 -22.17 -35.18
CA TRP D 226 25.09 -21.44 -35.20
C TRP D 226 24.23 -21.85 -36.39
N VAL D 227 22.96 -22.14 -36.14
CA VAL D 227 22.02 -22.54 -37.19
C VAL D 227 20.69 -21.82 -37.11
N SER D 228 20.09 -21.57 -38.27
CA SER D 228 18.72 -21.12 -38.38
C SER D 228 17.83 -22.35 -38.28
N VAL D 229 16.61 -22.16 -37.79
CA VAL D 229 15.71 -23.27 -37.47
C VAL D 229 14.35 -23.03 -38.13
N GLY D 230 13.92 -23.95 -38.99
CA GLY D 230 12.63 -23.80 -39.65
C GLY D 230 12.14 -24.86 -40.63
N PHE D 231 11.29 -24.42 -41.57
CA PHE D 231 10.55 -25.32 -42.46
C PHE D 231 10.85 -25.08 -43.95
N SER D 232 10.61 -26.12 -44.74
CA SER D 232 10.93 -26.13 -46.16
C SER D 232 9.98 -27.08 -46.89
N ALA D 233 9.39 -26.64 -48.00
CA ALA D 233 8.48 -27.49 -48.78
C ALA D 233 8.49 -27.17 -50.27
N THR D 234 7.87 -28.06 -51.06
CA THR D 234 7.83 -27.96 -52.52
C THR D 234 6.60 -28.67 -53.11
N THR D 235 6.35 -28.42 -54.39
CA THR D 235 5.38 -29.18 -55.19
C THR D 235 6.02 -29.69 -56.48
N GLY D 236 5.36 -30.63 -57.15
CA GLY D 236 5.94 -31.33 -58.30
C GLY D 236 6.12 -30.51 -59.57
N LEU D 237 6.91 -31.04 -60.51
CA LEU D 237 7.13 -30.40 -61.81
C LEU D 237 5.88 -30.45 -62.70
N SER D 238 5.21 -31.60 -62.71
CA SER D 238 3.97 -31.77 -63.48
C SER D 238 2.83 -30.96 -62.87
N LYS D 239 1.94 -30.45 -63.72
CA LYS D 239 0.84 -29.59 -63.27
C LYS D 239 -0.17 -30.31 -62.39
N GLY D 240 -0.53 -31.54 -62.78
CA GLY D 240 -1.50 -32.35 -62.05
C GLY D 240 -1.10 -32.67 -60.62
N TYR D 241 0.21 -32.78 -60.38
CA TYR D 241 0.75 -33.21 -59.08
C TYR D 241 0.76 -32.11 -58.01
N VAL D 242 -0.41 -31.87 -57.42
CA VAL D 242 -0.60 -30.75 -56.48
C VAL D 242 -1.02 -31.14 -55.05
N GLU D 243 -0.51 -30.38 -54.07
CA GLU D 243 -0.90 -30.50 -52.66
C GLU D 243 -0.62 -29.22 -51.88
N THR D 244 -1.18 -29.12 -50.68
CA THR D 244 -0.93 -27.99 -49.78
C THR D 244 0.12 -28.36 -48.75
N ASN D 245 0.92 -27.38 -48.33
CA ASN D 245 1.98 -27.62 -47.35
C ASN D 245 1.91 -26.61 -46.20
N GLU D 246 1.07 -26.91 -45.22
CA GLU D 246 0.73 -25.95 -44.19
C GLU D 246 1.11 -26.38 -42.77
N VAL D 247 1.65 -25.43 -42.02
CA VAL D 247 1.99 -25.61 -40.61
C VAL D 247 1.08 -24.70 -39.77
N LEU D 248 0.37 -25.29 -38.82
CA LEU D 248 -0.64 -24.55 -38.03
C LEU D 248 -0.11 -24.00 -36.71
N SER D 249 0.95 -24.61 -36.17
CA SER D 249 1.56 -24.18 -34.91
C SER D 249 3.02 -24.62 -34.83
N TRP D 250 3.77 -24.05 -33.90
CA TRP D 250 5.20 -24.38 -33.77
C TRP D 250 5.78 -24.11 -32.39
N SER D 251 6.58 -25.06 -31.92
CA SER D 251 7.35 -24.91 -30.68
C SER D 251 8.77 -25.40 -30.88
N PHE D 252 9.71 -24.71 -30.24
CA PHE D 252 11.12 -25.10 -30.25
C PHE D 252 11.77 -24.66 -28.97
N ALA D 253 12.57 -25.55 -28.38
CA ALA D 253 13.36 -25.25 -27.21
C ALA D 253 14.78 -25.75 -27.39
N SER D 254 15.73 -25.16 -26.66
CA SER D 254 17.13 -25.61 -26.68
C SER D 254 17.83 -25.30 -25.35
N LYS D 255 18.86 -26.09 -25.06
CA LYS D 255 19.65 -25.94 -23.84
C LYS D 255 21.11 -26.27 -24.11
N LEU D 256 21.96 -25.25 -24.04
CA LEU D 256 23.40 -25.40 -24.23
C LEU D 256 24.14 -25.11 -22.94
N SER D 257 24.79 -26.12 -22.37
CA SER D 257 25.50 -25.97 -21.10
C SER D 257 26.89 -25.35 -21.28
N ILE D 258 27.54 -25.00 -20.16
CA ILE D 258 28.90 -24.47 -20.16
C ILE D 258 29.92 -25.60 -20.13
N ASN D 259 29.58 -26.69 -19.45
CA ASN D 259 30.54 -27.75 -19.14
C ASN D 259 30.26 -29.08 -19.81
N LYS D 260 31.32 -29.87 -19.99
CA LYS D 260 31.26 -31.19 -20.65
C LYS D 260 30.81 -31.11 -22.09
N ASN D 265 17.16 -32.03 -21.48
CA ASN D 265 15.97 -31.29 -21.90
C ASN D 265 14.68 -31.99 -21.47
N LYS D 266 13.92 -31.32 -20.61
CA LYS D 266 12.68 -31.88 -20.08
C LYS D 266 11.55 -31.85 -21.11
N LEU D 267 11.34 -32.97 -21.79
CA LEU D 267 10.26 -33.08 -22.78
C LEU D 267 8.90 -32.95 -22.09
N ALA D 268 8.86 -33.34 -20.82
CA ALA D 268 7.64 -33.25 -20.04
C ALA D 268 7.11 -31.82 -20.03
N ILE D 269 7.83 -30.92 -19.36
CA ILE D 269 7.40 -29.53 -19.23
C ILE D 269 7.30 -28.81 -20.57
N PHE D 270 8.14 -29.22 -21.53
CA PHE D 270 8.18 -28.55 -22.82
C PHE D 270 6.91 -28.73 -23.64
N ASN D 271 6.50 -29.99 -23.81
CA ASN D 271 5.37 -30.32 -24.67
C ASN D 271 4.05 -29.67 -24.25
N LEU D 272 3.94 -29.31 -22.98
CA LEU D 272 2.75 -28.62 -22.48
C LEU D 272 2.98 -27.12 -22.52
N GLU D 273 4.15 -26.70 -22.04
CA GLU D 273 4.57 -25.32 -22.17
C GLU D 273 4.76 -24.99 -23.65
N GLY D 274 4.56 -26.00 -24.49
CA GLY D 274 4.64 -25.84 -25.92
C GLY D 274 3.24 -25.66 -26.51
N LYS D 275 3.09 -25.99 -27.79
CA LYS D 275 1.81 -25.84 -28.45
C LYS D 275 0.68 -25.87 -27.42
N ALA E 24 -19.27 33.56 14.14
CA ALA E 24 -17.93 33.81 13.52
C ALA E 24 -17.64 32.83 12.38
N ASN E 25 -16.83 33.28 11.41
CA ASN E 25 -16.34 32.42 10.33
C ASN E 25 -14.86 32.11 10.49
N LEU E 26 -14.50 30.85 10.33
CA LEU E 26 -13.16 30.37 10.64
C LEU E 26 -12.46 29.75 9.44
N ILE E 27 -11.16 29.98 9.34
CA ILE E 27 -10.30 29.28 8.39
C ILE E 27 -9.01 28.84 9.08
N SER E 28 -8.57 27.62 8.75
CA SER E 28 -7.46 26.97 9.43
C SER E 28 -6.83 25.90 8.54
N PHE E 29 -5.50 25.85 8.54
CA PHE E 29 -4.73 24.80 7.87
C PHE E 29 -3.33 24.70 8.46
N THR E 30 -2.83 23.47 8.63
CA THR E 30 -1.46 23.26 9.09
C THR E 30 -0.70 22.24 8.24
N PHE E 31 0.33 22.71 7.53
CA PHE E 31 1.27 21.85 6.83
C PHE E 31 2.38 21.44 7.78
N LYS E 32 2.67 20.14 7.85
CA LYS E 32 3.89 19.66 8.48
C LYS E 32 4.92 19.35 7.39
N LYS E 33 4.39 19.19 6.18
CA LYS E 33 5.19 19.17 4.95
C LYS E 33 4.38 19.85 3.87
N PHE E 34 5.06 20.64 3.04
CA PHE E 34 4.43 21.31 1.91
C PHE E 34 4.13 20.35 0.79
N ASN E 35 2.97 20.55 0.15
CA ASN E 35 2.60 19.83 -1.05
C ASN E 35 2.34 20.81 -2.18
N GLU E 36 2.27 20.30 -3.40
CA GLU E 36 2.10 21.14 -4.58
C GLU E 36 0.62 21.48 -4.85
N THR E 37 -0.25 20.54 -4.48
CA THR E 37 -1.65 20.56 -4.91
C THR E 37 -2.51 21.63 -4.21
N ASN E 38 -2.06 22.13 -3.07
CA ASN E 38 -2.82 23.17 -2.38
C ASN E 38 -2.07 24.49 -2.23
N LEU E 39 -1.33 24.86 -3.28
CA LEU E 39 -0.67 26.16 -3.34
C LEU E 39 -0.82 26.80 -4.72
N ILE E 40 -0.62 28.10 -4.77
CA ILE E 40 -0.51 28.82 -6.03
C ILE E 40 0.95 29.25 -6.15
N LEU E 41 1.73 28.39 -6.81
CA LEU E 41 3.17 28.61 -6.99
C LEU E 41 3.46 29.65 -8.08
N GLN E 42 4.52 30.42 -7.88
CA GLN E 42 4.90 31.48 -8.82
C GLN E 42 6.42 31.55 -9.06
N ARG E 43 6.77 31.51 -10.34
CA ARG E 43 8.17 31.50 -10.81
C ARG E 43 9.04 30.41 -10.15
N ASP E 44 10.04 30.84 -9.38
CA ASP E 44 11.11 29.93 -8.95
C ASP E 44 10.78 29.11 -7.69
N ALA E 45 9.61 29.35 -7.11
CA ALA E 45 9.19 28.59 -5.93
C ALA E 45 8.69 27.22 -6.34
N THR E 46 9.34 26.18 -5.83
CA THR E 46 8.89 24.83 -6.09
C THR E 46 8.83 23.98 -4.79
N VAL E 47 7.92 23.00 -4.79
CA VAL E 47 7.78 22.08 -3.68
C VAL E 47 8.58 20.81 -3.99
N SER E 48 9.70 20.64 -3.30
CA SER E 48 10.57 19.49 -3.53
C SER E 48 10.75 18.69 -2.24
N SER E 49 10.24 17.46 -2.26
CA SER E 49 10.23 16.54 -1.12
C SER E 49 10.04 17.23 0.23
N GLY E 50 8.79 17.67 0.45
CA GLY E 50 8.38 18.28 1.70
C GLY E 50 8.70 19.76 1.79
N LYS E 51 9.96 20.11 1.55
CA LYS E 51 10.45 21.47 1.70
C LYS E 51 9.96 22.42 0.59
N LEU E 52 9.58 23.62 0.99
CA LEU E 52 9.22 24.69 0.06
C LEU E 52 10.47 25.51 -0.26
N ARG E 53 11.04 25.25 -1.43
CA ARG E 53 12.20 25.99 -1.92
C ARG E 53 11.74 27.16 -2.77
N ILE E 54 11.66 28.34 -2.14
CA ILE E 54 11.12 29.52 -2.80
C ILE E 54 12.09 30.07 -3.87
N THR E 55 13.39 30.03 -3.59
CA THR E 55 14.40 30.40 -4.58
C THR E 55 15.09 29.17 -5.16
N LYS E 56 15.63 29.31 -6.37
CA LYS E 56 16.25 28.19 -7.09
C LYS E 56 17.47 27.59 -6.37
N ALA E 57 17.73 26.32 -6.66
CA ALA E 57 18.96 25.64 -6.24
C ALA E 57 19.53 24.87 -7.44
N ALA E 58 20.86 24.75 -7.49
CA ALA E 58 21.53 24.04 -8.58
C ALA E 58 21.34 22.53 -8.48
N GLU E 59 21.95 21.80 -9.41
CA GLU E 59 21.96 20.34 -9.37
C GLU E 59 22.73 19.85 -8.14
N ASN E 60 23.86 20.51 -7.85
CA ASN E 60 24.71 20.14 -6.73
C ASN E 60 24.19 20.64 -5.37
N GLY E 61 22.97 21.16 -5.37
CA GLY E 61 22.37 21.71 -4.15
C GLY E 61 23.02 23.02 -3.74
N VAL E 62 23.23 23.89 -4.74
CA VAL E 62 23.90 25.16 -4.56
C VAL E 62 22.90 26.27 -4.93
N PRO E 63 22.76 27.29 -4.07
CA PRO E 63 21.87 28.42 -4.38
C PRO E 63 22.27 29.16 -5.66
N THR E 64 21.27 29.51 -6.48
CA THR E 64 21.49 30.29 -7.70
C THR E 64 21.04 31.74 -7.46
N ALA E 65 21.77 32.68 -8.05
CA ALA E 65 21.45 34.10 -7.92
C ALA E 65 20.29 34.53 -8.81
N GLY E 66 19.80 35.75 -8.59
CA GLY E 66 18.72 36.35 -9.37
C GLY E 66 17.42 35.57 -9.42
N SER E 67 17.11 34.88 -8.32
CA SER E 67 15.92 34.05 -8.20
C SER E 67 14.79 34.79 -7.50
N LEU E 68 13.56 34.46 -7.88
CA LEU E 68 12.36 35.10 -7.36
C LEU E 68 11.28 34.06 -7.14
N GLY E 69 10.92 33.83 -5.88
CA GLY E 69 9.89 32.86 -5.56
C GLY E 69 8.64 33.48 -4.96
N ARG E 70 7.54 32.74 -5.01
CA ARG E 70 6.26 33.14 -4.42
C ARG E 70 5.36 31.92 -4.31
N ALA E 71 4.88 31.64 -3.10
CA ALA E 71 3.88 30.59 -2.87
C ALA E 71 2.72 31.14 -2.05
N PHE E 72 1.49 30.78 -2.43
CA PHE E 72 0.29 31.30 -1.77
C PHE E 72 -0.75 30.23 -1.53
N TYR E 73 -1.52 30.39 -0.47
CA TYR E 73 -2.55 29.43 -0.09
C TYR E 73 -3.77 29.54 -1.00
N SER E 74 -4.36 28.40 -1.33
CA SER E 74 -5.36 28.31 -2.40
C SER E 74 -6.69 29.04 -2.15
N THR E 75 -7.18 29.05 -0.91
CA THR E 75 -8.39 29.81 -0.58
C THR E 75 -8.08 31.23 -0.11
N PRO E 76 -8.66 32.24 -0.78
CA PRO E 76 -8.56 33.61 -0.30
C PRO E 76 -9.11 33.76 1.12
N ILE E 77 -8.55 34.71 1.87
CA ILE E 77 -8.96 34.97 3.23
C ILE E 77 -9.51 36.39 3.35
N GLN E 78 -10.73 36.53 3.88
CA GLN E 78 -11.29 37.84 4.15
C GLN E 78 -10.78 38.35 5.50
N ILE E 79 -10.07 39.47 5.45
CA ILE E 79 -9.46 40.06 6.64
C ILE E 79 -10.28 41.19 7.24
N TRP E 80 -11.13 41.81 6.42
CA TRP E 80 -12.12 42.77 6.90
C TRP E 80 -13.39 42.77 6.05
N ASP E 81 -14.52 43.06 6.69
CA ASP E 81 -15.80 43.17 6.01
C ASP E 81 -16.17 44.64 5.86
N ASN E 82 -16.64 45.01 4.68
CA ASN E 82 -16.99 46.39 4.38
C ASN E 82 -18.27 46.85 5.10
N THR E 83 -19.31 46.03 5.03
CA THR E 83 -20.63 46.39 5.56
C THR E 83 -20.70 46.44 7.09
N THR E 84 -20.15 45.43 7.75
CA THR E 84 -20.22 45.31 9.22
C THR E 84 -19.02 45.92 9.93
N GLY E 85 -17.96 46.23 9.16
CA GLY E 85 -16.77 46.90 9.68
C GLY E 85 -15.88 46.04 10.55
N THR E 86 -16.23 44.76 10.67
CA THR E 86 -15.47 43.82 11.50
C THR E 86 -14.17 43.40 10.81
N VAL E 87 -13.10 43.29 11.61
CA VAL E 87 -11.78 42.94 11.09
C VAL E 87 -11.35 41.58 11.64
N ALA E 88 -10.98 40.68 10.73
CA ALA E 88 -10.54 39.33 11.09
C ALA E 88 -9.18 39.33 11.77
N SER E 89 -9.16 38.81 13.00
CA SER E 89 -7.91 38.50 13.71
C SER E 89 -7.38 37.18 13.16
N TRP E 90 -6.09 37.14 12.87
CA TRP E 90 -5.47 35.94 12.30
C TRP E 90 -4.10 35.63 12.90
N ALA E 91 -3.55 34.47 12.55
CA ALA E 91 -2.23 34.03 13.04
C ALA E 91 -1.58 33.03 12.09
N THR E 92 -0.28 33.18 11.90
CA THR E 92 0.50 32.25 11.09
C THR E 92 1.79 31.86 11.80
N SER E 93 2.21 30.61 11.59
CA SER E 93 3.46 30.10 12.15
C SER E 93 4.13 29.16 11.14
N PHE E 94 5.43 29.30 11.00
CA PHE E 94 6.22 28.54 10.02
C PHE E 94 7.69 28.49 10.44
N THR E 95 8.36 27.39 10.11
CA THR E 95 9.78 27.23 10.41
C THR E 95 10.57 27.31 9.11
N PHE E 96 11.46 28.29 9.03
CA PHE E 96 12.23 28.52 7.81
C PHE E 96 13.74 28.37 8.01
N ASN E 97 14.46 28.31 6.89
CA ASN E 97 15.90 28.09 6.90
C ASN E 97 16.58 28.76 5.69
N LEU E 98 17.40 29.77 5.97
CA LEU E 98 18.23 30.42 4.95
C LEU E 98 19.69 29.97 5.09
N GLN E 99 20.16 29.24 4.08
CA GLN E 99 21.53 28.73 4.07
C GLN E 99 22.35 29.39 2.97
N ALA E 100 23.47 30.00 3.38
CA ALA E 100 24.38 30.64 2.44
C ALA E 100 25.79 30.13 2.64
N PRO E 101 26.51 29.86 1.53
CA PRO E 101 27.88 29.34 1.63
C PRO E 101 28.84 30.35 2.25
N ASN E 102 28.65 31.62 1.90
CA ASN E 102 29.47 32.70 2.43
C ASN E 102 28.60 33.73 3.14
N ALA E 103 28.72 33.77 4.47
CA ALA E 103 27.94 34.68 5.31
C ALA E 103 28.19 36.14 4.94
N ALA E 104 29.36 36.42 4.39
CA ALA E 104 29.80 37.79 4.08
C ALA E 104 29.17 38.37 2.81
N SER E 105 28.61 37.52 1.96
CA SER E 105 27.97 38.00 0.72
C SER E 105 26.75 37.19 0.26
N PRO E 106 25.61 37.32 0.98
CA PRO E 106 24.36 36.68 0.59
C PRO E 106 23.23 37.70 0.27
N ALA E 107 22.08 37.19 -0.17
CA ALA E 107 20.91 38.00 -0.53
C ALA E 107 19.72 37.11 -0.91
N ASP E 108 18.48 37.52 -0.63
CA ASP E 108 18.15 38.78 0.05
C ASP E 108 17.38 38.56 1.35
N GLY E 109 16.46 37.59 1.33
CA GLY E 109 15.64 37.25 2.48
C GLY E 109 14.29 36.68 2.05
N LEU E 110 13.43 36.44 3.02
CA LEU E 110 12.09 35.91 2.75
C LEU E 110 11.07 36.71 3.54
N ALA E 111 9.81 36.62 3.12
CA ALA E 111 8.74 37.37 3.77
C ALA E 111 7.40 36.67 3.66
N PHE E 112 6.68 36.62 4.78
CA PHE E 112 5.29 36.21 4.78
C PHE E 112 4.47 37.42 4.33
N ALA E 113 3.47 37.21 3.49
CA ALA E 113 2.69 38.33 2.97
C ALA E 113 1.20 38.07 2.82
N LEU E 114 0.46 39.17 2.61
CA LEU E 114 -0.98 39.13 2.32
C LEU E 114 -1.26 39.98 1.07
N VAL E 115 -1.36 39.33 -0.09
CA VAL E 115 -1.52 40.01 -1.39
C VAL E 115 -2.96 39.90 -1.93
N PRO E 116 -3.38 40.83 -2.80
CA PRO E 116 -4.72 40.76 -3.40
C PRO E 116 -4.87 39.54 -4.31
N VAL E 117 -6.07 38.95 -4.27
CA VAL E 117 -6.36 37.62 -4.83
C VAL E 117 -5.53 37.15 -6.03
N GLY E 118 -5.56 37.90 -7.13
CA GLY E 118 -4.85 37.50 -8.35
C GLY E 118 -3.58 38.28 -8.59
N SER E 119 -2.76 38.40 -7.54
CA SER E 119 -1.53 39.21 -7.58
C SER E 119 -0.42 38.62 -8.44
N GLN E 120 0.41 39.51 -8.99
CA GLN E 120 1.56 39.10 -9.78
C GLN E 120 2.88 39.43 -9.09
N PRO E 121 3.92 38.61 -9.33
CA PRO E 121 5.28 38.87 -8.84
C PRO E 121 5.73 40.31 -9.08
N LYS E 122 6.48 40.86 -8.13
CA LYS E 122 7.05 42.20 -8.30
C LYS E 122 8.57 42.12 -8.53
N ASP E 123 9.33 43.07 -7.97
CA ASP E 123 10.76 43.16 -8.24
C ASP E 123 11.62 42.17 -7.44
N LYS E 124 12.51 41.47 -8.14
CA LYS E 124 13.50 40.62 -7.51
C LYS E 124 14.57 41.46 -6.79
N GLY E 125 15.58 40.79 -6.25
CA GLY E 125 16.61 41.48 -5.45
C GLY E 125 16.03 41.95 -4.13
N GLY E 126 16.55 43.07 -3.63
CA GLY E 126 16.19 43.58 -2.31
C GLY E 126 14.78 44.12 -2.14
N PHE E 127 13.89 43.74 -3.04
CA PHE E 127 12.48 44.13 -2.98
C PHE E 127 11.60 42.95 -2.60
N LEU E 128 12.17 41.75 -2.64
CA LEU E 128 11.51 40.51 -2.21
C LEU E 128 10.28 40.11 -3.04
N GLY E 129 10.20 40.63 -4.26
CA GLY E 129 9.11 40.32 -5.19
C GLY E 129 7.73 40.72 -4.72
N LEU E 130 7.68 41.68 -3.79
CA LEU E 130 6.43 42.12 -3.19
C LEU E 130 6.20 43.61 -3.34
N PHE E 131 7.24 44.34 -3.75
CA PHE E 131 7.18 45.80 -3.85
C PHE E 131 7.93 46.36 -5.05
N ASP E 132 7.63 47.61 -5.39
CA ASP E 132 8.22 48.30 -6.54
C ASP E 132 9.12 49.48 -6.15
N SER E 133 8.75 50.19 -5.08
CA SER E 133 9.51 51.35 -4.63
C SER E 133 9.67 51.41 -3.11
N LYS E 134 10.47 52.38 -2.65
CA LYS E 134 10.74 52.61 -1.23
C LYS E 134 9.76 53.61 -0.60
N ASN E 135 9.03 54.34 -1.43
CA ASN E 135 7.98 55.24 -0.96
C ASN E 135 6.66 54.50 -0.71
N TYR E 136 5.80 55.10 0.10
CA TYR E 136 4.48 54.54 0.41
C TYR E 136 3.56 54.64 -0.81
N ALA E 137 3.52 53.57 -1.60
CA ALA E 137 2.65 53.49 -2.77
C ALA E 137 1.47 52.57 -2.47
N SER E 138 0.34 53.19 -2.14
CA SER E 138 -0.86 52.48 -1.65
C SER E 138 -1.49 51.48 -2.64
N SER E 139 -1.14 51.60 -3.92
CA SER E 139 -1.70 50.77 -4.98
C SER E 139 -1.30 49.29 -4.87
N ASN E 140 -0.17 49.03 -4.23
CA ASN E 140 0.35 47.67 -4.06
C ASN E 140 -0.50 46.80 -3.13
N GLN E 141 -1.09 47.43 -2.11
CA GLN E 141 -1.96 46.76 -1.14
C GLN E 141 -1.36 45.46 -0.61
N THR E 142 -0.18 45.54 -0.01
CA THR E 142 0.55 44.37 0.46
C THR E 142 1.17 44.57 1.84
N VAL E 143 0.69 43.81 2.82
CA VAL E 143 1.33 43.74 4.14
C VAL E 143 2.21 42.50 4.19
N ALA E 144 3.47 42.70 4.58
CA ALA E 144 4.43 41.62 4.71
C ALA E 144 5.29 41.76 5.96
N VAL E 145 5.67 40.63 6.54
CA VAL E 145 6.69 40.61 7.56
C VAL E 145 7.97 40.07 6.92
N GLU E 146 8.98 40.93 6.83
CA GLU E 146 10.24 40.57 6.16
C GLU E 146 11.33 40.09 7.12
N PHE E 147 12.13 39.13 6.65
CA PHE E 147 13.31 38.68 7.35
C PHE E 147 14.51 38.87 6.43
N ASP E 148 15.35 39.85 6.77
CA ASP E 148 16.34 40.38 5.85
C ASP E 148 17.77 39.96 6.17
N THR E 149 18.43 39.39 5.17
CA THR E 149 19.82 38.96 5.27
C THR E 149 20.75 40.01 4.64
N PHE E 150 20.32 40.63 3.55
CA PHE E 150 21.16 41.59 2.81
C PHE E 150 20.76 43.05 3.05
N TYR E 151 21.76 43.82 3.52
CA TYR E 151 21.58 45.21 3.91
C TYR E 151 21.62 46.13 2.70
N ASN E 152 20.54 46.88 2.50
CA ASN E 152 20.44 47.84 1.42
C ASN E 152 20.70 49.26 1.88
N GLY E 153 21.83 49.83 1.43
CA GLY E 153 22.28 51.17 1.83
C GLY E 153 21.37 52.33 1.41
N GLY E 154 20.06 52.06 1.41
CA GLY E 154 19.06 53.08 1.13
C GLY E 154 17.93 53.04 2.15
N TRP E 155 17.45 51.84 2.46
CA TRP E 155 16.28 51.68 3.32
C TRP E 155 16.49 50.77 4.53
N ASP E 156 17.35 49.75 4.39
CA ASP E 156 17.59 48.78 5.45
C ASP E 156 18.42 49.32 6.60
N PRO E 157 18.14 48.89 7.84
CA PRO E 157 19.00 49.20 8.99
C PRO E 157 20.36 48.52 8.89
N THR E 158 21.27 48.87 9.81
CA THR E 158 22.66 48.38 9.79
C THR E 158 22.81 46.86 9.79
N GLU E 159 22.12 46.18 10.71
CA GLU E 159 22.26 44.73 10.81
C GLU E 159 21.01 43.96 10.34
N ARG E 160 21.14 42.63 10.29
CA ARG E 160 20.06 41.72 9.89
C ARG E 160 18.81 41.98 10.73
N HIS E 161 17.65 42.03 10.07
CA HIS E 161 16.45 42.51 10.73
C HIS E 161 15.16 41.76 10.39
N ILE E 162 14.19 41.86 11.31
CA ILE E 162 12.80 41.49 11.03
C ILE E 162 12.06 42.79 10.83
N GLY E 163 11.41 42.95 9.68
CA GLY E 163 10.71 44.19 9.35
C GLY E 163 9.25 43.99 8.99
N ILE E 164 8.42 44.97 9.33
CA ILE E 164 7.01 44.99 8.96
C ILE E 164 6.81 45.95 7.78
N ASP E 165 6.37 45.41 6.65
CA ASP E 165 6.28 46.19 5.41
C ASP E 165 4.84 46.55 5.05
N VAL E 166 4.60 47.85 4.89
CA VAL E 166 3.27 48.34 4.52
C VAL E 166 3.39 49.19 3.25
N ASN E 167 2.91 48.64 2.14
CA ASN E 167 2.95 49.28 0.81
C ASN E 167 4.34 49.67 0.29
N SER E 168 5.36 49.49 1.13
CA SER E 168 6.74 49.83 0.80
C SER E 168 7.72 48.78 1.31
N ILE E 169 8.89 48.72 0.67
CA ILE E 169 9.94 47.82 1.10
C ILE E 169 10.75 48.41 2.26
N LYS E 170 10.68 49.74 2.40
CA LYS E 170 11.19 50.42 3.59
C LYS E 170 10.23 50.13 4.74
N SER E 171 10.69 49.33 5.69
CA SER E 171 9.85 48.90 6.81
C SER E 171 9.52 50.07 7.73
N ILE E 172 8.31 50.04 8.29
CA ILE E 172 7.90 51.07 9.25
C ILE E 172 8.52 50.83 10.64
N LYS E 173 8.88 49.57 10.90
CA LYS E 173 9.59 49.20 12.11
C LYS E 173 10.46 47.99 11.81
N THR E 174 11.60 47.89 12.51
CA THR E 174 12.54 46.78 12.39
C THR E 174 13.18 46.45 13.74
N THR E 175 13.71 45.23 13.88
CA THR E 175 14.47 44.87 15.09
C THR E 175 15.71 44.04 14.78
N SER E 176 16.66 44.04 15.71
CA SER E 176 17.89 43.27 15.57
C SER E 176 17.58 41.78 15.57
N TRP E 177 17.71 41.15 14.41
CA TRP E 177 17.60 39.70 14.29
C TRP E 177 18.99 39.13 14.05
N ASP E 178 19.43 38.25 14.95
CA ASP E 178 20.75 37.63 14.82
C ASP E 178 20.67 36.32 14.03
N PHE E 179 20.40 36.47 12.74
CA PHE E 179 20.29 35.37 11.78
C PHE E 179 21.41 34.35 11.91
N ALA E 180 21.02 33.08 12.03
CA ALA E 180 21.99 31.98 12.15
C ALA E 180 21.99 31.13 10.88
N ASN E 181 23.15 31.05 10.24
CA ASN E 181 23.29 30.44 8.91
C ASN E 181 23.07 28.93 8.89
N GLY E 182 22.09 28.52 8.09
CA GLY E 182 21.73 27.11 7.98
C GLY E 182 21.07 26.54 9.23
N GLU E 183 20.51 27.44 10.05
CA GLU E 183 19.78 27.05 11.24
C GLU E 183 18.31 27.42 11.11
N ASN E 184 17.44 26.51 11.56
CA ASN E 184 16.00 26.72 11.53
C ASN E 184 15.51 27.86 12.42
N ALA E 185 14.42 28.50 11.99
CA ALA E 185 13.84 29.61 12.71
C ALA E 185 12.33 29.48 12.79
N GLU E 186 11.83 29.12 13.97
CA GLU E 186 10.39 29.02 14.23
C GLU E 186 9.83 30.43 14.38
N VAL E 187 8.82 30.76 13.57
CA VAL E 187 8.29 32.12 13.51
C VAL E 187 6.80 32.14 13.76
N LEU E 188 6.37 32.97 14.71
CA LEU E 188 4.95 33.22 14.95
C LEU E 188 4.59 34.68 14.70
N ILE E 189 3.59 34.89 13.84
CA ILE E 189 3.06 36.23 13.58
C ILE E 189 1.56 36.23 13.88
N THR E 190 1.13 37.14 14.75
CA THR E 190 -0.27 37.21 15.18
C THR E 190 -0.85 38.63 15.18
N TYR E 191 -1.90 38.83 14.40
CA TYR E 191 -2.62 40.11 14.34
C TYR E 191 -3.89 40.06 15.18
N ASP E 192 -4.01 40.99 16.13
CA ASP E 192 -5.21 41.12 16.97
C ASP E 192 -5.99 42.37 16.56
N SER E 193 -7.26 42.16 16.19
CA SER E 193 -8.10 43.25 15.67
C SER E 193 -8.57 44.22 16.76
N SER E 194 -8.75 43.70 17.97
CA SER E 194 -9.20 44.51 19.10
C SER E 194 -8.11 45.44 19.65
N THR E 195 -6.89 45.29 19.12
CA THR E 195 -5.78 46.21 19.45
C THR E 195 -5.05 46.70 18.19
N ASN E 196 -5.45 46.16 17.03
CA ASN E 196 -4.80 46.43 15.74
C ASN E 196 -3.30 46.14 15.70
N LEU E 197 -2.83 45.44 16.72
CA LEU E 197 -1.40 45.18 16.94
C LEU E 197 -0.94 43.91 16.22
N LEU E 198 0.16 44.03 15.49
CA LEU E 198 0.74 42.89 14.77
C LEU E 198 2.08 42.51 15.38
N VAL E 199 2.13 41.35 16.02
CA VAL E 199 3.32 40.88 16.71
C VAL E 199 3.96 39.68 16.01
N ALA E 200 5.17 39.90 15.49
CA ALA E 200 5.95 38.84 14.85
C ALA E 200 7.15 38.51 15.74
N SER E 201 7.27 37.23 16.10
CA SER E 201 8.43 36.77 16.86
C SER E 201 9.15 35.63 16.14
N LEU E 202 10.46 35.57 16.32
CA LEU E 202 11.31 34.52 15.77
C LEU E 202 12.13 33.86 16.88
N VAL E 203 12.38 32.55 16.74
CA VAL E 203 13.28 31.83 17.66
C VAL E 203 14.21 30.84 16.94
N HIS E 204 15.47 30.80 17.37
CA HIS E 204 16.41 29.76 16.93
C HIS E 204 16.58 28.70 18.02
N PRO E 205 15.89 27.55 17.87
CA PRO E 205 15.91 26.52 18.92
C PRO E 205 17.31 25.96 19.21
N SER E 206 18.19 25.98 18.21
CA SER E 206 19.55 25.45 18.35
C SER E 206 20.49 26.40 19.08
N GLN E 207 20.07 27.66 19.23
CA GLN E 207 20.86 28.68 19.91
C GLN E 207 20.18 29.23 21.16
N LYS E 208 18.88 28.93 21.31
CA LYS E 208 18.04 29.44 22.41
C LYS E 208 17.78 30.94 22.30
N THR E 209 17.90 31.50 21.11
CA THR E 209 17.73 32.93 20.91
C THR E 209 16.33 33.29 20.41
N SER E 210 15.85 34.46 20.81
CA SER E 210 14.52 34.92 20.43
C SER E 210 14.50 36.41 20.08
N PHE E 211 13.64 36.77 19.13
CA PHE E 211 13.55 38.15 18.61
C PHE E 211 12.08 38.49 18.32
N ILE E 212 11.68 39.73 18.60
CA ILE E 212 10.26 40.13 18.57
C ILE E 212 10.00 41.59 18.11
N VAL E 213 9.14 41.74 17.10
CA VAL E 213 8.71 43.06 16.60
C VAL E 213 7.22 43.23 16.85
N SER E 214 6.82 44.44 17.28
CA SER E 214 5.41 44.76 17.51
C SER E 214 5.06 46.17 17.01
N GLU E 215 4.09 46.26 16.11
CA GLU E 215 3.64 47.55 15.56
C GLU E 215 2.16 47.55 15.17
N ARG E 216 1.49 48.67 15.46
CA ARG E 216 0.08 48.85 15.18
C ARG E 216 -0.15 49.06 13.68
N VAL E 217 -1.06 48.28 13.09
CA VAL E 217 -1.38 48.39 11.68
C VAL E 217 -2.89 48.22 11.44
N ASP E 218 -3.47 49.12 10.66
CA ASP E 218 -4.89 49.04 10.29
C ASP E 218 -5.07 48.50 8.87
N LEU E 219 -5.42 47.21 8.79
CA LEU E 219 -5.56 46.50 7.51
C LEU E 219 -6.59 47.10 6.57
N THR E 220 -7.65 47.69 7.12
CA THR E 220 -8.75 48.24 6.33
C THR E 220 -8.27 49.36 5.39
N SER E 221 -7.33 50.16 5.86
CA SER E 221 -6.70 51.20 5.03
C SER E 221 -5.76 50.60 3.99
N VAL E 222 -5.05 49.53 4.38
CA VAL E 222 -3.99 48.97 3.55
C VAL E 222 -4.52 47.96 2.53
N LEU E 223 -4.99 46.82 3.03
CA LEU E 223 -5.32 45.67 2.21
C LEU E 223 -6.79 45.68 1.76
N PRO E 224 -7.10 45.00 0.64
CA PRO E 224 -8.51 44.84 0.23
C PRO E 224 -9.26 43.86 1.14
N GLU E 225 -10.54 43.67 0.87
CA GLU E 225 -11.40 42.79 1.68
C GLU E 225 -10.86 41.36 1.72
N TRP E 226 -10.44 40.85 0.57
CA TRP E 226 -9.95 39.49 0.44
C TRP E 226 -8.48 39.45 -0.02
N VAL E 227 -7.70 38.56 0.59
CA VAL E 227 -6.25 38.47 0.31
C VAL E 227 -5.71 37.03 0.29
N SER E 228 -4.76 36.78 -0.62
CA SER E 228 -4.03 35.52 -0.65
C SER E 228 -2.88 35.55 0.36
N VAL E 229 -2.85 34.53 1.21
CA VAL E 229 -1.80 34.40 2.23
C VAL E 229 -0.70 33.45 1.75
N GLY E 230 0.56 33.88 1.87
CA GLY E 230 1.69 33.04 1.47
C GLY E 230 3.07 33.63 1.72
N PHE E 231 4.04 33.15 0.95
CA PHE E 231 5.45 33.56 1.07
C PHE E 231 6.02 34.10 -0.24
N SER E 232 7.13 34.84 -0.11
CA SER E 232 7.86 35.41 -1.23
C SER E 232 9.33 35.58 -0.80
N ALA E 233 10.26 35.14 -1.65
CA ALA E 233 11.68 35.22 -1.33
C ALA E 233 12.55 35.41 -2.58
N THR E 234 13.73 36.02 -2.41
CA THR E 234 14.62 36.36 -3.52
C THR E 234 16.11 36.19 -3.22
N THR E 235 16.91 36.03 -4.28
CA THR E 235 18.38 36.06 -4.19
C THR E 235 18.97 37.36 -4.74
N GLY E 236 20.29 37.42 -4.89
CA GLY E 236 20.98 38.68 -5.21
C GLY E 236 21.22 39.01 -6.67
N LEU E 237 21.44 40.30 -6.93
CA LEU E 237 21.80 40.82 -8.24
C LEU E 237 23.11 40.24 -8.77
N SER E 238 24.12 40.20 -7.91
CA SER E 238 25.45 39.70 -8.26
C SER E 238 25.49 38.17 -8.26
N LYS E 239 26.59 37.63 -8.78
CA LYS E 239 26.81 36.19 -8.90
C LYS E 239 26.96 35.52 -7.53
N GLY E 240 27.93 35.98 -6.76
CA GLY E 240 28.30 35.36 -5.48
C GLY E 240 27.27 35.52 -4.37
N TYR E 241 26.30 36.41 -4.58
CA TYR E 241 25.28 36.67 -3.58
C TYR E 241 24.15 35.64 -3.63
N VAL E 242 24.40 34.52 -2.96
CA VAL E 242 23.54 33.34 -3.03
C VAL E 242 23.18 32.75 -1.65
N GLU E 243 21.90 32.42 -1.48
CA GLU E 243 21.40 31.73 -0.29
C GLU E 243 20.12 30.95 -0.62
N THR E 244 19.75 30.01 0.25
CA THR E 244 18.49 29.29 0.11
C THR E 244 17.40 30.02 0.89
N ASN E 245 16.18 29.97 0.36
CA ASN E 245 15.03 30.63 0.96
C ASN E 245 13.92 29.61 1.21
N GLU E 246 14.03 28.90 2.33
CA GLU E 246 13.27 27.67 2.49
C GLU E 246 12.42 27.60 3.74
N VAL E 247 11.16 27.20 3.54
CA VAL E 247 10.21 26.97 4.63
C VAL E 247 9.94 25.47 4.73
N LEU E 248 9.94 24.95 5.96
CA LEU E 248 9.82 23.51 6.19
C LEU E 248 8.42 23.10 6.64
N SER E 249 7.69 24.02 7.26
CA SER E 249 6.29 23.80 7.64
C SER E 249 5.50 25.12 7.59
N TRP E 250 4.19 25.05 7.79
CA TRP E 250 3.32 26.24 7.71
C TRP E 250 1.97 26.02 8.38
N SER E 251 1.65 26.86 9.36
CA SER E 251 0.35 26.82 10.04
C SER E 251 -0.33 28.17 10.01
N PHE E 252 -1.63 28.18 9.74
CA PHE E 252 -2.40 29.43 9.70
C PHE E 252 -3.83 29.26 10.24
N ALA E 253 -4.30 30.28 10.96
CA ALA E 253 -5.68 30.34 11.45
C ALA E 253 -6.21 31.77 11.35
N SER E 254 -7.51 31.92 11.14
CA SER E 254 -8.16 33.24 11.06
C SER E 254 -9.59 33.19 11.60
N LYS E 255 -10.09 34.33 12.06
CA LYS E 255 -11.39 34.39 12.71
C LYS E 255 -12.06 35.75 12.46
N LEU E 256 -13.03 35.77 11.54
CA LEU E 256 -13.82 36.97 11.27
C LEU E 256 -15.17 36.90 11.96
N SER E 257 -15.38 37.82 12.89
CA SER E 257 -16.63 37.89 13.67
C SER E 257 -17.79 38.41 12.82
N ILE E 258 -18.95 37.78 12.98
CA ILE E 258 -20.15 38.19 12.23
C ILE E 258 -21.09 39.06 13.09
N ASN E 259 -21.63 38.47 14.16
CA ASN E 259 -22.58 39.14 15.03
C ASN E 259 -22.01 39.41 16.43
N ASN E 265 -9.50 34.89 19.20
CA ASN E 265 -8.54 33.92 18.68
C ASN E 265 -7.52 33.50 19.74
N LYS E 266 -7.80 32.37 20.40
CA LYS E 266 -6.94 31.86 21.47
C LYS E 266 -5.61 31.36 20.92
N LEU E 267 -4.53 31.90 21.46
CA LEU E 267 -3.19 31.63 20.94
C LEU E 267 -2.55 30.41 21.61
N ALA E 268 -3.22 29.90 22.64
CA ALA E 268 -2.71 28.77 23.42
C ALA E 268 -2.96 27.44 22.72
N ILE E 269 -4.09 27.32 22.03
CA ILE E 269 -4.47 26.08 21.38
C ILE E 269 -4.25 26.13 19.87
N PHE E 270 -3.35 27.00 19.43
CA PHE E 270 -3.06 27.16 18.00
C PHE E 270 -1.72 26.53 17.62
N ASN E 271 -0.75 26.65 18.50
CA ASN E 271 0.61 26.16 18.22
C ASN E 271 0.89 24.77 18.80
N LEU E 272 -0.16 23.98 18.94
CA LEU E 272 -0.03 22.58 19.32
C LEU E 272 -0.71 21.71 18.27
N GLU E 273 -1.84 22.20 17.77
CA GLU E 273 -2.57 21.52 16.71
C GLU E 273 -1.66 21.33 15.50
N GLY E 274 -0.85 22.34 15.21
CA GLY E 274 0.05 22.30 14.07
C GLY E 274 1.51 22.55 14.40
N LYS E 275 1.80 23.73 14.96
CA LYS E 275 3.16 24.09 15.31
C LYS E 275 3.78 23.11 16.31
N ALA F 24 0.89 15.05 12.09
CA ALA F 24 -0.42 15.08 11.35
C ALA F 24 -0.63 16.40 10.60
N ASN F 25 -1.32 16.32 9.46
CA ASN F 25 -1.69 17.49 8.66
C ASN F 25 -3.15 17.85 8.86
N LEU F 26 -3.45 19.14 8.94
CA LEU F 26 -4.82 19.58 9.23
C LEU F 26 -5.36 20.65 8.28
N ILE F 27 -6.61 20.48 7.87
CA ILE F 27 -7.34 21.49 7.11
C ILE F 27 -8.75 21.66 7.65
N SER F 28 -9.10 22.90 7.99
CA SER F 28 -10.32 23.19 8.74
C SER F 28 -10.96 24.51 8.30
N PHE F 29 -12.29 24.50 8.16
CA PHE F 29 -13.04 25.72 7.93
C PHE F 29 -14.47 25.68 8.48
N THR F 30 -15.05 26.86 8.68
CA THR F 30 -16.43 27.00 9.13
C THR F 30 -17.13 28.11 8.35
N PHE F 31 -18.14 27.74 7.56
CA PHE F 31 -19.00 28.71 6.87
C PHE F 31 -20.29 28.87 7.66
N LYS F 32 -20.52 30.08 8.19
CA LYS F 32 -21.81 30.41 8.79
C LYS F 32 -22.62 31.35 7.89
N LYS F 33 -21.90 31.99 6.97
CA LYS F 33 -22.49 32.72 5.86
C LYS F 33 -21.60 32.52 4.65
N PHE F 34 -22.21 32.12 3.53
CA PHE F 34 -21.46 31.82 2.32
C PHE F 34 -21.00 33.07 1.56
N ASN F 35 -19.77 33.00 1.05
CA ASN F 35 -19.24 34.02 0.15
C ASN F 35 -18.76 33.35 -1.13
N GLU F 36 -19.01 34.02 -2.26
CA GLU F 36 -18.67 33.50 -3.59
C GLU F 36 -17.17 33.29 -3.79
N THR F 37 -16.40 34.29 -3.37
CA THR F 37 -14.98 34.41 -3.74
C THR F 37 -14.02 33.38 -3.10
N ASN F 38 -14.54 32.45 -2.31
CA ASN F 38 -13.73 31.33 -1.79
C ASN F 38 -14.28 29.94 -2.14
N LEU F 39 -15.11 29.89 -3.18
CA LEU F 39 -15.74 28.65 -3.64
C LEU F 39 -15.58 28.44 -5.14
N ILE F 40 -15.61 27.18 -5.54
CA ILE F 40 -15.64 26.81 -6.95
C ILE F 40 -17.10 26.55 -7.31
N LEU F 41 -17.67 27.43 -8.13
CA LEU F 41 -19.07 27.35 -8.51
C LEU F 41 -19.24 26.86 -9.94
N GLN F 42 -20.27 26.04 -10.15
CA GLN F 42 -20.55 25.45 -11.46
C GLN F 42 -22.00 25.57 -11.85
N ARG F 43 -22.24 26.14 -13.04
CA ARG F 43 -23.57 26.30 -13.63
C ARG F 43 -24.52 27.18 -12.79
N ASP F 44 -25.71 26.64 -12.47
CA ASP F 44 -26.75 27.39 -11.75
C ASP F 44 -26.37 27.78 -10.31
N ALA F 45 -25.37 27.10 -9.76
CA ALA F 45 -24.88 27.39 -8.41
C ALA F 45 -24.46 28.85 -8.25
N THR F 46 -25.12 29.55 -7.33
CA THR F 46 -24.86 30.95 -7.05
C THR F 46 -25.00 31.27 -5.57
N VAL F 47 -24.29 32.30 -5.12
CA VAL F 47 -24.35 32.74 -3.73
C VAL F 47 -25.11 34.06 -3.66
N SER F 48 -26.08 34.15 -2.74
CA SER F 48 -26.83 35.38 -2.54
C SER F 48 -27.11 35.66 -1.07
N SER F 49 -26.80 36.90 -0.66
CA SER F 49 -27.08 37.42 0.70
C SER F 49 -26.57 36.58 1.89
N GLY F 50 -25.81 35.52 1.60
CA GLY F 50 -25.29 34.64 2.64
C GLY F 50 -25.68 33.19 2.46
N LYS F 51 -26.85 32.95 1.86
CA LYS F 51 -27.32 31.60 1.59
C LYS F 51 -26.75 31.07 0.28
N LEU F 52 -26.59 29.74 0.20
CA LEU F 52 -26.07 29.09 -1.00
C LEU F 52 -27.19 28.47 -1.83
N ARG F 53 -27.69 29.23 -2.80
CA ARG F 53 -28.70 28.74 -3.73
C ARG F 53 -28.02 27.89 -4.81
N ILE F 54 -28.12 26.57 -4.67
CA ILE F 54 -27.47 25.65 -5.61
C ILE F 54 -28.25 25.57 -6.93
N THR F 55 -29.56 25.36 -6.83
CA THR F 55 -30.44 25.29 -7.99
C THR F 55 -31.09 26.64 -8.27
N LYS F 56 -31.43 26.87 -9.54
CA LYS F 56 -32.09 28.11 -9.97
C LYS F 56 -33.34 28.45 -9.18
N ALA F 57 -33.55 29.74 -8.96
CA ALA F 57 -34.77 30.26 -8.33
C ALA F 57 -35.12 31.63 -8.89
N ALA F 58 -36.39 31.82 -9.24
CA ALA F 58 -36.87 33.03 -9.89
C ALA F 58 -36.82 34.29 -9.00
N GLU F 59 -37.16 35.43 -9.57
CA GLU F 59 -37.18 36.71 -8.87
C GLU F 59 -38.18 36.71 -7.71
N ASN F 60 -39.31 36.03 -7.91
CA ASN F 60 -40.33 35.88 -6.88
C ASN F 60 -39.90 34.91 -5.77
N GLY F 61 -39.13 33.90 -6.15
CA GLY F 61 -38.67 32.87 -5.21
C GLY F 61 -39.08 31.48 -5.61
N VAL F 62 -39.79 31.37 -6.73
CA VAL F 62 -40.26 30.08 -7.26
C VAL F 62 -39.11 29.33 -7.92
N PRO F 63 -38.85 28.09 -7.45
CA PRO F 63 -37.83 27.21 -8.04
C PRO F 63 -38.11 26.86 -9.50
N THR F 64 -37.03 26.72 -10.28
CA THR F 64 -37.14 26.42 -11.71
C THR F 64 -36.68 25.00 -12.03
N ALA F 65 -37.41 24.34 -12.92
CA ALA F 65 -37.13 22.95 -13.32
C ALA F 65 -35.96 22.86 -14.32
N GLY F 66 -35.25 21.73 -14.27
CA GLY F 66 -34.12 21.49 -15.16
C GLY F 66 -32.89 22.28 -14.75
N SER F 67 -32.68 22.36 -13.43
CA SER F 67 -31.53 23.07 -12.87
C SER F 67 -30.41 22.12 -12.45
N LEU F 68 -29.18 22.62 -12.48
CA LEU F 68 -28.00 21.84 -12.16
C LEU F 68 -26.97 22.74 -11.49
N GLY F 69 -26.67 22.48 -10.23
CA GLY F 69 -25.72 23.30 -9.48
C GLY F 69 -24.65 22.49 -8.79
N ARG F 70 -23.44 23.05 -8.72
CA ARG F 70 -22.30 22.43 -8.06
C ARG F 70 -21.43 23.47 -7.37
N ALA F 71 -21.30 23.34 -6.05
CA ALA F 71 -20.43 24.20 -5.25
C ALA F 71 -19.34 23.37 -4.56
N PHE F 72 -18.12 23.91 -4.55
CA PHE F 72 -16.97 23.19 -3.98
C PHE F 72 -16.06 24.14 -3.20
N TYR F 73 -15.27 23.57 -2.28
CA TYR F 73 -14.31 24.36 -1.52
C TYR F 73 -13.01 24.54 -2.30
N SER F 74 -12.50 25.76 -2.29
CA SER F 74 -11.42 26.21 -3.17
C SER F 74 -10.08 25.44 -3.07
N THR F 75 -9.74 24.94 -1.89
CA THR F 75 -8.54 24.11 -1.73
C THR F 75 -8.86 22.60 -1.83
N PRO F 76 -8.04 21.85 -2.57
CA PRO F 76 -8.10 20.39 -2.62
C PRO F 76 -7.75 19.76 -1.27
N ILE F 77 -8.21 18.54 -1.03
CA ILE F 77 -7.99 17.86 0.24
C ILE F 77 -7.40 16.48 0.03
N GLN F 78 -6.21 16.25 0.57
CA GLN F 78 -5.60 14.93 0.53
C GLN F 78 -6.25 14.01 1.56
N ILE F 79 -7.04 13.07 1.06
CA ILE F 79 -7.83 12.16 1.89
C ILE F 79 -7.10 10.85 2.17
N TRP F 80 -6.09 10.56 1.35
CA TRP F 80 -5.17 9.45 1.62
C TRP F 80 -3.83 9.65 0.94
N ASP F 81 -2.78 9.09 1.54
CA ASP F 81 -1.41 9.28 1.09
C ASP F 81 -0.88 7.98 0.50
N ASN F 82 -0.45 8.03 -0.76
CA ASN F 82 0.05 6.85 -1.46
C ASN F 82 1.30 6.29 -0.79
N THR F 83 2.28 7.16 -0.56
CA THR F 83 3.59 6.75 -0.03
C THR F 83 3.55 6.14 1.36
N THR F 84 2.95 6.85 2.31
CA THR F 84 2.89 6.42 3.70
C THR F 84 1.75 5.44 3.94
N GLY F 85 0.80 5.39 3.00
CA GLY F 85 -0.35 4.48 3.10
C GLY F 85 -1.43 4.97 4.05
N THR F 86 -1.21 6.13 4.66
CA THR F 86 -2.12 6.67 5.66
C THR F 86 -3.37 7.30 5.05
N VAL F 87 -4.52 7.01 5.67
CA VAL F 87 -5.81 7.50 5.21
C VAL F 87 -6.33 8.55 6.20
N ALA F 88 -6.82 9.67 5.68
CA ALA F 88 -7.30 10.77 6.49
C ALA F 88 -8.69 10.50 7.06
N SER F 89 -8.92 11.01 8.28
CA SER F 89 -10.24 11.03 8.89
C SER F 89 -10.77 12.45 8.80
N TRP F 90 -12.06 12.58 8.52
CA TRP F 90 -12.69 13.89 8.30
C TRP F 90 -14.14 13.94 8.77
N ALA F 91 -14.64 15.15 8.99
CA ALA F 91 -16.02 15.38 9.43
C ALA F 91 -16.60 16.70 8.90
N THR F 92 -17.88 16.68 8.54
CA THR F 92 -18.56 17.86 8.00
C THR F 92 -19.96 18.08 8.58
N SER F 93 -20.21 19.28 9.07
CA SER F 93 -21.52 19.65 9.64
C SER F 93 -22.13 20.87 8.93
N PHE F 94 -23.26 20.65 8.26
CA PHE F 94 -23.90 21.67 7.44
C PHE F 94 -25.43 21.68 7.58
N THR F 95 -26.03 22.86 7.44
CA THR F 95 -27.46 23.03 7.58
C THR F 95 -28.10 23.35 6.22
N PHE F 96 -29.17 22.64 5.87
CA PHE F 96 -29.85 22.85 4.59
C PHE F 96 -31.38 22.88 4.71
N ASN F 97 -32.02 23.49 3.72
CA ASN F 97 -33.47 23.64 3.68
C ASN F 97 -34.01 23.34 2.28
N LEU F 98 -35.06 22.52 2.21
CA LEU F 98 -35.69 22.19 0.93
C LEU F 98 -37.17 22.59 0.89
N GLN F 99 -37.44 23.77 0.33
CA GLN F 99 -38.78 24.33 0.22
C GLN F 99 -39.35 24.11 -1.18
N ALA F 100 -40.52 23.49 -1.24
CA ALA F 100 -41.21 23.23 -2.49
C ALA F 100 -42.64 23.76 -2.42
N PRO F 101 -43.17 24.27 -3.55
CA PRO F 101 -44.57 24.73 -3.58
C PRO F 101 -45.55 23.57 -3.44
N ASN F 102 -45.30 22.49 -4.18
CA ASN F 102 -46.14 21.30 -4.13
C ASN F 102 -45.40 20.12 -3.51
N ALA F 103 -45.75 19.81 -2.25
CA ALA F 103 -45.08 18.76 -1.48
C ALA F 103 -45.20 17.37 -2.11
N ALA F 104 -46.29 17.13 -2.83
CA ALA F 104 -46.56 15.85 -3.46
C ALA F 104 -45.71 15.59 -4.71
N SER F 105 -45.14 16.66 -5.28
CA SER F 105 -44.33 16.54 -6.49
C SER F 105 -42.97 17.27 -6.40
N PRO F 106 -42.01 16.69 -5.65
CA PRO F 106 -40.68 17.28 -5.52
C PRO F 106 -39.64 16.67 -6.47
N ALA F 107 -38.51 17.37 -6.64
CA ALA F 107 -37.41 16.93 -7.51
C ALA F 107 -36.19 17.85 -7.36
N ASP F 108 -35.00 17.31 -7.11
CA ASP F 108 -34.76 15.88 -6.94
C ASP F 108 -33.98 15.60 -5.65
N GLY F 109 -33.21 16.59 -5.20
CA GLY F 109 -32.45 16.48 -3.96
C GLY F 109 -31.05 17.07 -4.03
N LEU F 110 -30.40 17.14 -2.87
CA LEU F 110 -29.02 17.64 -2.79
C LEU F 110 -28.09 16.62 -2.14
N ALA F 111 -26.78 16.80 -2.33
CA ALA F 111 -25.80 15.84 -1.86
C ALA F 111 -24.44 16.46 -1.53
N PHE F 112 -23.89 16.06 -0.39
CA PHE F 112 -22.50 16.35 -0.06
C PHE F 112 -21.67 15.30 -0.79
N ALA F 113 -20.58 15.74 -1.45
CA ALA F 113 -19.81 14.82 -2.29
C ALA F 113 -18.32 15.13 -2.38
N LEU F 114 -17.51 14.07 -2.37
CA LEU F 114 -16.07 14.17 -2.61
C LEU F 114 -15.81 13.82 -4.07
N VAL F 115 -15.24 14.77 -4.80
CA VAL F 115 -15.16 14.73 -6.26
C VAL F 115 -13.75 15.13 -6.74
N PRO F 116 -13.19 14.39 -7.72
CA PRO F 116 -11.83 14.61 -8.27
C PRO F 116 -11.49 16.09 -8.53
N VAL F 117 -10.30 16.49 -8.09
CA VAL F 117 -9.84 17.89 -8.10
C VAL F 117 -10.38 18.73 -9.26
N GLY F 118 -10.18 18.23 -10.48
CA GLY F 118 -10.64 18.92 -11.68
C GLY F 118 -11.73 18.14 -12.37
N SER F 119 -12.89 18.07 -11.73
CA SER F 119 -14.03 17.33 -12.27
C SER F 119 -15.15 18.26 -12.76
N GLN F 120 -15.99 17.73 -13.65
CA GLN F 120 -17.06 18.49 -14.28
C GLN F 120 -18.45 17.88 -13.97
N PRO F 121 -19.53 18.67 -14.15
CA PRO F 121 -20.88 18.16 -13.91
C PRO F 121 -21.27 17.01 -14.83
N LYS F 122 -22.12 16.11 -14.33
CA LYS F 122 -22.57 14.95 -15.12
C LYS F 122 -24.09 14.98 -15.37
N ASP F 123 -24.71 13.81 -15.45
CA ASP F 123 -26.13 13.70 -15.75
C ASP F 123 -27.00 14.30 -14.63
N LYS F 124 -27.91 15.18 -15.01
CA LYS F 124 -28.78 15.87 -14.06
C LYS F 124 -29.99 15.02 -13.64
N GLY F 125 -31.01 15.69 -13.11
CA GLY F 125 -32.26 15.04 -12.71
C GLY F 125 -32.12 14.16 -11.49
N GLY F 126 -32.53 12.89 -11.63
CA GLY F 126 -32.44 11.91 -10.55
C GLY F 126 -31.02 11.44 -10.29
N PHE F 127 -30.09 11.88 -11.12
CA PHE F 127 -28.67 11.54 -10.98
C PHE F 127 -27.90 12.63 -10.22
N LEU F 128 -28.62 13.69 -9.83
CA LEU F 128 -28.09 14.80 -9.02
C LEU F 128 -26.83 15.49 -9.59
N GLY F 129 -26.47 15.14 -10.82
CA GLY F 129 -25.29 15.71 -11.47
C GLY F 129 -23.99 15.12 -10.97
N LEU F 130 -24.04 13.84 -10.58
CA LEU F 130 -22.85 13.16 -10.05
C LEU F 130 -22.55 11.82 -10.71
N PHE F 131 -23.59 11.18 -11.25
CA PHE F 131 -23.44 9.82 -11.80
C PHE F 131 -24.01 9.66 -13.20
N ASP F 132 -23.65 8.55 -13.84
CA ASP F 132 -24.14 8.22 -15.18
C ASP F 132 -25.24 7.16 -15.15
N SER F 133 -25.05 6.12 -14.34
CA SER F 133 -25.98 5.00 -14.27
C SER F 133 -26.12 4.42 -12.86
N LYS F 134 -26.82 3.28 -12.76
CA LYS F 134 -27.04 2.60 -11.50
C LYS F 134 -26.09 1.40 -11.32
N ASN F 135 -24.91 1.50 -11.93
CA ASN F 135 -23.91 0.43 -11.84
C ASN F 135 -22.54 0.93 -11.37
N TYR F 136 -21.79 0.04 -10.73
CA TYR F 136 -20.46 0.35 -10.19
C TYR F 136 -19.44 0.55 -11.30
N ALA F 137 -19.23 1.81 -11.70
CA ALA F 137 -18.21 2.16 -12.68
C ALA F 137 -17.20 3.12 -12.06
N SER F 138 -16.03 2.58 -11.73
CA SER F 138 -14.98 3.34 -11.03
C SER F 138 -14.31 4.42 -11.89
N SER F 139 -14.89 4.68 -13.07
CA SER F 139 -14.45 5.76 -13.94
C SER F 139 -14.79 7.12 -13.34
N ASN F 140 -15.86 7.15 -12.55
CA ASN F 140 -16.33 8.37 -11.90
C ASN F 140 -15.47 8.80 -10.70
N GLN F 141 -15.10 7.82 -9.88
CA GLN F 141 -14.39 8.05 -8.61
C GLN F 141 -15.11 9.09 -7.73
N THR F 142 -16.27 8.72 -7.22
CA THR F 142 -17.10 9.65 -6.42
C THR F 142 -17.76 8.97 -5.22
N VAL F 143 -17.50 9.51 -4.02
CA VAL F 143 -18.23 9.14 -2.82
C VAL F 143 -19.12 10.33 -2.45
N ALA F 144 -20.40 10.04 -2.24
CA ALA F 144 -21.38 11.08 -1.96
C ALA F 144 -22.40 10.64 -0.92
N VAL F 145 -22.96 11.62 -0.20
CA VAL F 145 -24.07 11.38 0.71
C VAL F 145 -25.27 12.21 0.23
N GLU F 146 -26.31 11.53 -0.23
CA GLU F 146 -27.45 12.16 -0.89
C GLU F 146 -28.66 12.36 0.03
N PHE F 147 -29.48 13.34 -0.31
CA PHE F 147 -30.74 13.60 0.39
C PHE F 147 -31.86 13.64 -0.63
N ASP F 148 -32.40 12.46 -0.91
CA ASP F 148 -33.32 12.23 -2.02
C ASP F 148 -34.78 12.47 -1.63
N THR F 149 -35.44 13.34 -2.38
CA THR F 149 -36.85 13.70 -2.14
C THR F 149 -37.81 13.13 -3.19
N PHE F 150 -37.29 12.77 -4.35
CA PHE F 150 -38.11 12.21 -5.43
C PHE F 150 -37.81 10.73 -5.68
N TYR F 151 -38.80 9.89 -5.41
CA TYR F 151 -38.69 8.44 -5.54
C TYR F 151 -38.62 8.03 -7.02
N ASN F 152 -37.42 7.64 -7.46
CA ASN F 152 -37.20 7.25 -8.85
C ASN F 152 -37.67 5.84 -9.17
N GLY F 153 -37.45 4.91 -8.24
CA GLY F 153 -37.94 3.54 -8.38
C GLY F 153 -36.99 2.61 -9.11
N GLY F 154 -36.42 3.11 -10.20
CA GLY F 154 -35.44 2.36 -11.00
C GLY F 154 -34.16 2.10 -10.22
N TRP F 155 -33.91 2.94 -9.22
CA TRP F 155 -32.77 2.74 -8.33
C TRP F 155 -33.11 3.02 -6.87
N ASP F 156 -34.08 3.92 -6.65
CA ASP F 156 -34.44 4.36 -5.30
C ASP F 156 -35.20 3.30 -4.49
N PRO F 157 -34.96 3.24 -3.16
CA PRO F 157 -35.76 2.42 -2.25
C PRO F 157 -37.16 2.98 -2.02
N THR F 158 -37.84 2.50 -0.99
CA THR F 158 -39.28 2.75 -0.78
C THR F 158 -39.72 4.23 -0.70
N GLU F 159 -39.14 4.99 0.22
CA GLU F 159 -39.57 6.37 0.49
C GLU F 159 -38.42 7.38 0.36
N ARG F 160 -38.55 8.50 1.07
CA ARG F 160 -37.48 9.51 1.16
C ARG F 160 -36.30 8.92 1.92
N HIS F 161 -35.08 9.29 1.54
CA HIS F 161 -33.89 8.67 2.13
C HIS F 161 -32.62 9.51 2.13
N ILE F 162 -31.70 9.15 3.04
CA ILE F 162 -30.34 9.66 3.04
C ILE F 162 -29.45 8.51 2.57
N GLY F 163 -28.88 8.65 1.37
CA GLY F 163 -28.13 7.55 0.77
C GLY F 163 -26.63 7.75 0.72
N ILE F 164 -25.90 6.64 0.74
CA ILE F 164 -24.46 6.63 0.52
C ILE F 164 -24.21 6.11 -0.89
N ASP F 165 -23.72 6.99 -1.76
CA ASP F 165 -23.52 6.66 -3.17
C ASP F 165 -22.04 6.45 -3.49
N VAL F 166 -21.74 5.29 -4.05
CA VAL F 166 -20.38 4.93 -4.45
C VAL F 166 -20.36 4.61 -5.94
N ASN F 167 -19.82 5.54 -6.74
CA ASN F 167 -19.69 5.38 -8.20
C ASN F 167 -21.00 5.11 -8.96
N SER F 168 -22.11 5.06 -8.22
CA SER F 168 -23.42 4.77 -8.78
C SER F 168 -24.48 5.63 -8.11
N ILE F 169 -25.63 5.78 -8.76
CA ILE F 169 -26.77 6.49 -8.17
C ILE F 169 -27.53 5.60 -7.18
N LYS F 170 -27.33 4.29 -7.29
CA LYS F 170 -27.89 3.33 -6.36
C LYS F 170 -27.06 3.34 -5.08
N SER F 171 -27.69 3.75 -3.97
CA SER F 171 -27.03 3.80 -2.68
C SER F 171 -26.80 2.40 -2.13
N ILE F 172 -25.60 2.15 -1.62
CA ILE F 172 -25.26 0.87 -1.01
C ILE F 172 -25.95 0.68 0.35
N LYS F 173 -26.40 1.78 0.94
CA LYS F 173 -27.23 1.75 2.15
C LYS F 173 -28.10 3.00 2.23
N THR F 174 -29.32 2.83 2.75
CA THR F 174 -30.28 3.92 2.90
C THR F 174 -30.99 3.84 4.24
N THR F 175 -31.65 4.94 4.64
CA THR F 175 -32.51 4.96 5.84
C THR F 175 -33.68 5.91 5.66
N SER F 176 -34.83 5.55 6.26
CA SER F 176 -36.05 6.37 6.25
C SER F 176 -35.77 7.79 6.75
N TRP F 177 -36.17 8.78 5.95
CA TRP F 177 -35.97 10.18 6.26
C TRP F 177 -37.28 10.97 6.07
N ASP F 178 -37.89 11.36 7.18
CA ASP F 178 -39.07 12.22 7.14
C ASP F 178 -38.67 13.64 6.75
N PHE F 179 -38.65 13.88 5.44
CA PHE F 179 -38.40 15.20 4.88
C PHE F 179 -39.52 16.16 5.27
N ALA F 180 -39.15 17.33 5.78
CA ALA F 180 -40.10 18.36 6.14
C ALA F 180 -39.96 19.55 5.19
N ASN F 181 -41.09 19.98 4.64
CA ASN F 181 -41.11 21.04 3.63
C ASN F 181 -40.74 22.40 4.22
N GLY F 182 -39.67 23.00 3.69
CA GLY F 182 -39.21 24.32 4.12
C GLY F 182 -38.74 24.36 5.56
N GLU F 183 -38.02 23.32 5.98
CA GLU F 183 -37.52 23.21 7.34
C GLU F 183 -36.01 22.96 7.37
N ASN F 184 -35.38 23.35 8.47
CA ASN F 184 -33.93 23.20 8.65
C ASN F 184 -33.53 21.75 8.90
N ALA F 185 -32.40 21.36 8.31
CA ALA F 185 -31.86 20.02 8.49
C ALA F 185 -30.34 20.03 8.68
N GLU F 186 -29.91 19.90 9.95
CA GLU F 186 -28.49 19.86 10.28
C GLU F 186 -27.93 18.45 10.05
N VAL F 187 -26.87 18.37 9.26
CA VAL F 187 -26.25 17.08 8.90
C VAL F 187 -24.87 16.92 9.52
N LEU F 188 -24.51 15.70 9.87
CA LEU F 188 -23.15 15.38 10.30
C LEU F 188 -22.63 14.10 9.64
N ILE F 189 -21.63 14.25 8.78
CA ILE F 189 -20.98 13.14 8.10
C ILE F 189 -19.58 12.99 8.68
N THR F 190 -19.30 11.84 9.26
CA THR F 190 -17.97 11.59 9.85
C THR F 190 -17.35 10.32 9.29
N TYR F 191 -16.14 10.45 8.74
CA TYR F 191 -15.38 9.28 8.29
C TYR F 191 -14.26 8.92 9.25
N ASP F 192 -14.51 7.92 10.10
CA ASP F 192 -13.51 7.42 11.02
C ASP F 192 -12.65 6.42 10.26
N SER F 193 -11.42 6.83 9.94
CA SER F 193 -10.55 6.05 9.05
C SER F 193 -10.08 4.74 9.64
N SER F 194 -9.84 4.72 10.95
CA SER F 194 -9.34 3.52 11.63
C SER F 194 -10.30 2.33 11.54
N THR F 195 -11.60 2.62 11.48
CA THR F 195 -12.62 1.58 11.31
C THR F 195 -13.25 1.59 9.91
N ASN F 196 -12.88 2.59 9.10
CA ASN F 196 -13.43 2.79 7.74
C ASN F 196 -14.90 3.18 7.71
N LEU F 197 -15.40 3.70 8.82
CA LEU F 197 -16.83 3.97 8.99
C LEU F 197 -17.24 5.38 8.57
N LEU F 198 -18.15 5.45 7.60
CA LEU F 198 -18.76 6.72 7.19
C LEU F 198 -20.16 6.80 7.79
N VAL F 199 -20.39 7.80 8.63
CA VAL F 199 -21.65 7.96 9.38
C VAL F 199 -22.36 9.24 8.95
N ALA F 200 -23.59 9.09 8.47
CA ALA F 200 -24.41 10.22 8.04
C ALA F 200 -25.65 10.36 8.93
N SER F 201 -25.77 11.51 9.59
CA SER F 201 -26.87 11.78 10.50
C SER F 201 -27.55 13.12 10.16
N LEU F 202 -28.84 13.22 10.48
CA LEU F 202 -29.62 14.41 10.17
C LEU F 202 -30.63 14.71 11.27
N VAL F 203 -30.86 15.99 11.51
CA VAL F 203 -31.87 16.43 12.49
C VAL F 203 -32.71 17.59 11.97
N HIS F 204 -34.02 17.48 12.15
CA HIS F 204 -34.95 18.59 11.93
C HIS F 204 -35.38 19.17 13.28
N PRO F 205 -34.70 20.25 13.72
CA PRO F 205 -34.87 20.84 15.06
C PRO F 205 -36.29 21.27 15.43
N SER F 206 -37.09 21.68 14.43
CA SER F 206 -38.45 22.15 14.66
C SER F 206 -39.42 21.05 15.09
N GLN F 207 -39.12 19.82 14.67
CA GLN F 207 -39.98 18.66 14.94
C GLN F 207 -39.28 17.61 15.80
N LYS F 208 -37.98 17.82 16.04
CA LYS F 208 -37.14 16.93 16.86
C LYS F 208 -37.02 15.51 16.29
N THR F 209 -36.99 15.42 14.96
CA THR F 209 -36.82 14.14 14.27
C THR F 209 -35.35 13.93 13.91
N SER F 210 -34.84 12.73 14.19
CA SER F 210 -33.44 12.41 13.94
C SER F 210 -33.28 11.08 13.22
N PHE F 211 -32.46 11.09 12.16
CA PHE F 211 -32.22 9.93 11.32
C PHE F 211 -30.71 9.71 11.16
N ILE F 212 -30.31 8.47 10.94
CA ILE F 212 -28.89 8.12 10.87
C ILE F 212 -28.59 6.90 9.99
N VAL F 213 -27.58 7.06 9.13
CA VAL F 213 -27.08 5.99 8.26
C VAL F 213 -25.65 5.71 8.67
N SER F 214 -25.23 4.45 8.58
CA SER F 214 -23.84 4.07 8.79
C SER F 214 -23.44 2.86 7.95
N GLU F 215 -22.37 3.02 7.17
CA GLU F 215 -21.84 1.93 6.34
C GLU F 215 -20.31 2.04 6.22
N ARG F 216 -19.67 0.89 6.02
CA ARG F 216 -18.22 0.81 5.89
C ARG F 216 -17.78 1.14 4.46
N VAL F 217 -16.85 2.08 4.32
CA VAL F 217 -16.35 2.51 3.00
C VAL F 217 -14.82 2.59 2.98
N ASP F 218 -14.23 2.08 1.89
CA ASP F 218 -12.79 2.16 1.69
C ASP F 218 -12.46 3.24 0.66
N LEU F 219 -11.91 4.35 1.13
CA LEU F 219 -11.63 5.49 0.27
C LEU F 219 -10.52 5.21 -0.75
N THR F 220 -9.56 4.36 -0.35
CA THR F 220 -8.43 4.02 -1.22
C THR F 220 -8.85 3.28 -2.49
N SER F 221 -10.01 2.61 -2.42
CA SER F 221 -10.54 1.90 -3.57
C SER F 221 -11.41 2.79 -4.46
N VAL F 222 -11.99 3.83 -3.88
CA VAL F 222 -12.97 4.66 -4.59
C VAL F 222 -12.40 5.98 -5.14
N LEU F 223 -11.79 6.78 -4.26
CA LEU F 223 -11.38 8.15 -4.59
C LEU F 223 -9.88 8.31 -4.88
N PRO F 224 -9.50 9.38 -5.63
CA PRO F 224 -8.08 9.72 -5.81
C PRO F 224 -7.49 10.30 -4.54
N GLU F 225 -6.18 10.49 -4.51
CA GLU F 225 -5.50 11.02 -3.32
C GLU F 225 -6.07 12.38 -2.91
N TRP F 226 -6.15 13.30 -3.87
CA TRP F 226 -6.66 14.65 -3.64
C TRP F 226 -8.07 14.80 -4.22
N VAL F 227 -8.95 15.46 -3.46
CA VAL F 227 -10.33 15.68 -3.90
C VAL F 227 -10.87 17.08 -3.59
N SER F 228 -11.89 17.48 -4.33
CA SER F 228 -12.66 18.68 -4.01
C SER F 228 -13.83 18.26 -3.13
N VAL F 229 -14.25 19.17 -2.25
CA VAL F 229 -15.30 18.89 -1.28
C VAL F 229 -16.40 19.96 -1.34
N GLY F 230 -17.65 19.51 -1.41
CA GLY F 230 -18.79 20.43 -1.48
C GLY F 230 -20.12 19.79 -1.81
N PHE F 231 -20.98 20.55 -2.50
CA PHE F 231 -22.36 20.14 -2.75
C PHE F 231 -22.77 20.14 -4.23
N SER F 232 -23.78 19.31 -4.53
CA SER F 232 -24.39 19.23 -5.86
C SER F 232 -25.87 18.89 -5.76
N ALA F 233 -26.70 19.58 -6.53
CA ALA F 233 -28.16 19.40 -6.48
C ALA F 233 -28.84 19.68 -7.83
N THR F 234 -30.02 19.08 -8.02
CA THR F 234 -30.77 19.23 -9.28
C THR F 234 -32.29 19.29 -9.09
N THR F 235 -32.98 19.71 -10.14
CA THR F 235 -34.44 19.63 -10.24
C THR F 235 -34.83 18.79 -11.46
N GLY F 236 -36.03 18.20 -11.42
CA GLY F 236 -36.50 17.28 -12.45
C GLY F 236 -36.77 17.89 -13.81
N LEU F 237 -37.36 17.09 -14.70
CA LEU F 237 -37.70 17.53 -16.05
C LEU F 237 -39.02 18.29 -16.10
N SER F 238 -40.07 17.71 -15.53
CA SER F 238 -41.41 18.30 -15.54
C SER F 238 -41.45 19.65 -14.84
N LYS F 239 -42.24 20.57 -15.41
CA LYS F 239 -42.36 21.94 -14.90
C LYS F 239 -43.07 22.03 -13.54
N GLY F 240 -43.84 20.99 -13.22
CA GLY F 240 -44.53 20.91 -11.93
C GLY F 240 -43.67 20.38 -10.79
N TYR F 241 -42.60 19.66 -11.12
CA TYR F 241 -41.74 19.02 -10.13
C TYR F 241 -40.54 19.89 -9.73
N VAL F 242 -40.79 20.86 -8.85
CA VAL F 242 -39.76 21.83 -8.45
C VAL F 242 -39.55 21.90 -6.93
N GLU F 243 -38.32 22.24 -6.53
CA GLU F 243 -37.97 22.48 -5.13
C GLU F 243 -36.72 23.35 -5.03
N THR F 244 -36.54 24.01 -3.88
CA THR F 244 -35.35 24.80 -3.62
C THR F 244 -34.29 23.95 -2.91
N ASN F 245 -33.05 24.08 -3.37
CA ASN F 245 -31.93 23.36 -2.79
C ASN F 245 -30.90 24.34 -2.22
N GLU F 246 -31.07 24.70 -0.96
CA GLU F 246 -30.24 25.72 -0.35
C GLU F 246 -29.51 25.25 0.92
N VAL F 247 -28.26 25.69 1.06
CA VAL F 247 -27.44 25.38 2.22
C VAL F 247 -27.18 26.68 2.98
N LEU F 248 -27.53 26.68 4.26
CA LEU F 248 -27.45 27.88 5.09
C LEU F 248 -26.10 28.07 5.78
N SER F 249 -25.42 26.96 6.05
CA SER F 249 -24.10 26.95 6.70
C SER F 249 -23.37 25.65 6.40
N TRP F 250 -22.04 25.67 6.53
CA TRP F 250 -21.22 24.49 6.22
C TRP F 250 -19.88 24.49 6.95
N SER F 251 -19.64 23.44 7.73
CA SER F 251 -18.37 23.26 8.44
C SER F 251 -17.65 22.02 7.92
N PHE F 252 -16.31 22.06 7.92
CA PHE F 252 -15.49 20.94 7.49
C PHE F 252 -14.12 20.94 8.15
N ALA F 253 -13.75 19.81 8.74
CA ALA F 253 -12.40 19.59 9.27
C ALA F 253 -11.86 18.22 8.86
N SER F 254 -10.54 18.14 8.67
CA SER F 254 -9.87 16.93 8.22
C SER F 254 -8.47 16.79 8.86
N LYS F 255 -8.01 15.54 8.97
CA LYS F 255 -6.70 15.25 9.57
C LYS F 255 -6.06 14.07 8.86
N LEU F 256 -4.96 14.34 8.16
CA LEU F 256 -4.19 13.32 7.46
C LEU F 256 -2.91 13.05 8.25
N SER F 257 -2.98 12.05 9.12
CA SER F 257 -1.89 11.76 10.05
C SER F 257 -0.60 11.30 9.37
N ILE F 258 0.37 12.20 9.30
CA ILE F 258 1.71 11.91 8.77
C ILE F 258 2.64 11.57 9.95
N ASN F 265 -10.73 11.60 14.88
CA ASN F 265 -10.93 13.04 14.98
C ASN F 265 -11.99 13.40 16.02
N LYS F 266 -11.61 14.19 17.01
CA LYS F 266 -12.53 14.61 18.06
C LYS F 266 -13.70 15.40 17.47
N LEU F 267 -14.81 14.71 17.22
CA LEU F 267 -16.00 15.35 16.66
C LEU F 267 -16.75 16.16 17.72
N ALA F 268 -16.35 15.99 18.97
CA ALA F 268 -16.95 16.74 20.09
C ALA F 268 -16.50 18.20 20.06
N ILE F 269 -15.25 18.42 19.71
CA ILE F 269 -14.70 19.77 19.66
C ILE F 269 -14.98 20.44 18.32
N PHE F 270 -15.23 19.64 17.29
CA PHE F 270 -15.43 20.15 15.94
C PHE F 270 -16.81 20.76 15.70
N ASN F 271 -17.83 20.09 16.23
CA ASN F 271 -19.22 20.49 15.94
C ASN F 271 -19.62 21.84 16.57
N LEU F 272 -19.01 22.17 17.70
CA LEU F 272 -19.26 23.46 18.33
C LEU F 272 -18.44 24.55 17.64
N GLU F 273 -17.13 24.34 17.64
CA GLU F 273 -16.22 25.22 16.92
C GLU F 273 -16.70 25.40 15.48
N GLY F 274 -17.54 24.48 15.03
CA GLY F 274 -18.08 24.52 13.67
C GLY F 274 -19.54 24.97 13.61
N LYS F 275 -20.45 24.01 13.56
CA LYS F 275 -21.87 24.32 13.47
C LYS F 275 -22.31 25.43 14.42
N ALA F 276 -22.06 25.25 15.71
CA ALA F 276 -22.50 26.22 16.71
C ALA F 276 -21.47 27.32 16.94
N ALA G 24 -3.70 11.02 21.07
CA ALA G 24 -2.95 11.71 22.17
C ALA G 24 -3.88 12.45 23.13
N ASN G 25 -3.48 12.55 24.39
CA ASN G 25 -4.28 13.21 25.42
C ASN G 25 -4.22 14.73 25.29
N LEU G 26 -5.39 15.38 25.34
CA LEU G 26 -5.48 16.83 25.19
C LEU G 26 -6.25 17.49 26.33
N ILE G 27 -5.88 18.73 26.65
CA ILE G 27 -6.56 19.55 27.67
C ILE G 27 -6.42 21.05 27.37
N SER G 28 -7.53 21.75 27.30
CA SER G 28 -7.55 23.16 26.90
C SER G 28 -8.70 23.93 27.54
N PHE G 29 -8.42 25.17 27.98
CA PHE G 29 -9.45 26.07 28.50
C PHE G 29 -9.20 27.54 28.14
N THR G 30 -10.23 28.37 28.28
CA THR G 30 -10.12 29.80 28.02
C THR G 30 -11.00 30.64 28.94
N PHE G 31 -10.37 31.43 29.81
CA PHE G 31 -11.07 32.45 30.58
C PHE G 31 -10.93 33.79 29.87
N LYS G 32 -12.06 34.46 29.64
CA LYS G 32 -12.04 35.86 29.23
C LYS G 32 -12.42 36.72 30.45
N LYS G 33 -13.19 36.11 31.35
CA LYS G 33 -13.46 36.63 32.68
C LYS G 33 -13.30 35.47 33.65
N PHE G 34 -12.86 35.77 34.86
CA PHE G 34 -12.57 34.74 35.85
C PHE G 34 -13.75 34.40 36.75
N ASN G 35 -13.93 33.10 37.01
CA ASN G 35 -14.93 32.65 37.96
C ASN G 35 -14.29 31.98 39.17
N GLU G 36 -14.88 32.22 40.34
CA GLU G 36 -14.42 31.66 41.60
C GLU G 36 -14.49 30.13 41.58
N THR G 37 -15.49 29.62 40.88
CA THR G 37 -15.87 28.20 40.94
C THR G 37 -14.85 27.20 40.38
N ASN G 38 -14.12 27.56 39.32
CA ASN G 38 -13.18 26.62 38.69
C ASN G 38 -11.69 26.87 38.94
N LEU G 39 -11.36 27.50 40.07
CA LEU G 39 -9.97 27.75 40.44
C LEU G 39 -9.68 27.32 41.88
N ILE G 40 -8.40 27.30 42.24
CA ILE G 40 -7.98 26.95 43.61
C ILE G 40 -7.32 28.16 44.30
N LEU G 41 -8.13 28.90 45.04
CA LEU G 41 -7.68 30.13 45.69
C LEU G 41 -6.83 29.88 46.92
N GLN G 42 -5.68 30.54 46.97
CA GLN G 42 -4.73 30.41 48.07
C GLN G 42 -4.36 31.79 48.63
N ARG G 43 -4.49 31.92 49.94
CA ARG G 43 -4.26 33.17 50.67
C ARG G 43 -4.95 34.39 50.04
N ASP G 44 -4.26 35.53 49.98
CA ASP G 44 -4.90 36.82 49.67
C ASP G 44 -5.50 36.98 48.26
N ALA G 45 -5.17 36.07 47.35
CA ALA G 45 -5.75 36.09 46.01
C ALA G 45 -7.26 35.88 46.06
N THR G 46 -7.98 36.62 45.22
CA THR G 46 -9.44 36.45 45.08
C THR G 46 -9.99 37.01 43.76
N VAL G 47 -11.12 36.45 43.32
CA VAL G 47 -11.78 36.89 42.10
C VAL G 47 -12.87 37.90 42.42
N SER G 48 -12.79 39.06 41.78
CA SER G 48 -13.77 40.12 41.98
C SER G 48 -14.16 40.81 40.67
N SER G 49 -15.44 40.66 40.31
CA SER G 49 -16.06 41.26 39.13
C SER G 49 -15.34 40.95 37.79
N GLY G 50 -14.95 39.70 37.61
CA GLY G 50 -14.27 39.27 36.39
C GLY G 50 -12.76 39.25 36.48
N LYS G 51 -12.19 40.14 37.30
CA LYS G 51 -10.74 40.24 37.46
C LYS G 51 -10.20 39.30 38.52
N LEU G 52 -9.05 38.71 38.22
CA LEU G 52 -8.33 37.85 39.15
C LEU G 52 -7.26 38.68 39.88
N ARG G 53 -7.62 39.19 41.05
CA ARG G 53 -6.73 40.04 41.82
C ARG G 53 -5.92 39.20 42.80
N ILE G 54 -4.67 38.93 42.43
CA ILE G 54 -3.82 38.04 43.20
C ILE G 54 -3.40 38.67 44.53
N THR G 55 -3.32 40.01 44.59
CA THR G 55 -2.95 40.70 45.82
C THR G 55 -4.11 41.52 46.42
N LYS G 56 -4.06 41.70 47.74
CA LYS G 56 -5.09 42.46 48.48
C LYS G 56 -5.10 43.95 48.14
N ALA G 57 -6.24 44.60 48.39
CA ALA G 57 -6.38 46.03 48.17
C ALA G 57 -7.18 46.68 49.30
N ALA G 58 -7.02 47.99 49.47
CA ALA G 58 -7.75 48.75 50.48
C ALA G 58 -9.24 48.93 50.10
N GLU G 59 -10.02 49.42 51.06
CA GLU G 59 -11.44 49.70 50.86
C GLU G 59 -11.70 50.69 49.72
N ASN G 60 -10.72 51.54 49.47
CA ASN G 60 -10.74 52.47 48.34
C ASN G 60 -10.51 51.77 47.00
N GLY G 61 -9.54 50.85 46.99
CA GLY G 61 -9.09 50.20 45.76
C GLY G 61 -7.59 50.37 45.60
N VAL G 62 -6.96 50.99 46.60
CA VAL G 62 -5.52 51.22 46.63
C VAL G 62 -4.84 49.97 47.20
N PRO G 63 -3.82 49.44 46.49
CA PRO G 63 -3.07 48.26 46.93
C PRO G 63 -2.50 48.35 48.34
N THR G 64 -2.34 47.20 49.00
CA THR G 64 -1.82 47.12 50.36
C THR G 64 -0.57 46.23 50.43
N ALA G 65 0.42 46.67 51.19
CA ALA G 65 1.70 45.96 51.29
C ALA G 65 1.71 44.84 52.34
N GLY G 66 2.49 43.80 52.06
CA GLY G 66 2.57 42.62 52.93
C GLY G 66 1.60 41.54 52.48
N SER G 67 1.26 41.58 51.20
CA SER G 67 0.27 40.67 50.61
C SER G 67 0.93 39.59 49.78
N LEU G 68 0.29 38.41 49.75
CA LEU G 68 0.70 37.28 48.94
C LEU G 68 -0.53 36.53 48.42
N GLY G 69 -0.53 36.22 47.13
CA GLY G 69 -1.64 35.48 46.54
C GLY G 69 -1.23 34.37 45.59
N ARG G 70 -2.17 33.46 45.32
CA ARG G 70 -1.96 32.33 44.42
C ARG G 70 -3.28 31.86 43.81
N ALA G 71 -3.24 31.56 42.50
CA ALA G 71 -4.39 31.04 41.78
C ALA G 71 -3.94 29.86 40.94
N PHE G 72 -4.70 28.77 40.98
CA PHE G 72 -4.35 27.57 40.23
C PHE G 72 -5.57 26.95 39.59
N TYR G 73 -5.38 26.44 38.37
CA TYR G 73 -6.45 25.76 37.65
C TYR G 73 -6.96 24.55 38.42
N SER G 74 -8.19 24.15 38.12
CA SER G 74 -8.90 23.14 38.91
C SER G 74 -8.32 21.73 38.77
N THR G 75 -8.08 21.30 37.53
CA THR G 75 -7.47 19.98 37.29
C THR G 75 -5.95 20.05 37.15
N PRO G 76 -5.23 19.10 37.78
CA PRO G 76 -3.79 18.99 37.54
C PRO G 76 -3.49 18.55 36.11
N ILE G 77 -2.26 18.79 35.66
CA ILE G 77 -1.84 18.48 34.29
C ILE G 77 -0.59 17.59 34.31
N GLN G 78 -0.63 16.48 33.59
CA GLN G 78 0.56 15.66 33.41
C GLN G 78 1.46 16.31 32.35
N ILE G 79 2.70 16.57 32.73
CA ILE G 79 3.65 17.27 31.86
C ILE G 79 4.74 16.36 31.31
N TRP G 80 4.87 15.16 31.90
CA TRP G 80 5.71 14.09 31.36
C TRP G 80 5.29 12.73 31.92
N ASP G 81 5.63 11.67 31.21
CA ASP G 81 5.26 10.31 31.60
C ASP G 81 6.50 9.49 31.95
N ASN G 82 6.48 8.89 33.13
CA ASN G 82 7.61 8.13 33.65
C ASN G 82 7.91 6.87 32.85
N THR G 83 6.85 6.19 32.42
CA THR G 83 6.98 4.92 31.71
C THR G 83 7.39 5.11 30.25
N THR G 84 6.72 6.03 29.56
CA THR G 84 6.99 6.25 28.13
C THR G 84 8.07 7.30 27.87
N GLY G 85 8.30 8.17 28.85
CA GLY G 85 9.32 9.21 28.74
C GLY G 85 8.87 10.42 27.96
N THR G 86 7.69 10.32 27.35
CA THR G 86 7.14 11.38 26.51
C THR G 86 6.81 12.61 27.35
N VAL G 87 7.22 13.77 26.86
CA VAL G 87 7.01 15.04 27.57
C VAL G 87 5.96 15.88 26.83
N ALA G 88 4.99 16.40 27.57
CA ALA G 88 3.91 17.20 27.00
C ALA G 88 4.41 18.57 26.55
N SER G 89 3.93 18.99 25.38
CA SER G 89 4.10 20.36 24.91
C SER G 89 2.85 21.14 25.29
N TRP G 90 3.05 22.30 25.92
CA TRP G 90 1.93 23.10 26.43
C TRP G 90 2.17 24.58 26.16
N ALA G 91 1.09 25.36 26.11
CA ALA G 91 1.16 26.80 25.84
C ALA G 91 0.15 27.55 26.69
N THR G 92 0.56 28.72 27.18
CA THR G 92 -0.30 29.55 28.04
C THR G 92 -0.23 31.01 27.63
N SER G 93 -1.39 31.66 27.61
CA SER G 93 -1.48 33.08 27.34
C SER G 93 -2.48 33.73 28.29
N PHE G 94 -2.13 34.90 28.80
CA PHE G 94 -2.94 35.64 29.77
C PHE G 94 -2.61 37.12 29.71
N THR G 95 -3.51 37.96 30.22
CA THR G 95 -3.27 39.40 30.28
C THR G 95 -3.25 39.90 31.72
N PHE G 96 -2.12 40.50 32.11
CA PHE G 96 -1.97 41.04 33.46
C PHE G 96 -1.77 42.55 33.44
N ASN G 97 -2.17 43.18 34.54
CA ASN G 97 -2.05 44.63 34.70
C ASN G 97 -1.53 44.98 36.09
N LEU G 98 -0.31 45.51 36.15
CA LEU G 98 0.27 45.96 37.40
C LEU G 98 0.23 47.47 37.48
N GLN G 99 -0.54 47.98 38.44
CA GLN G 99 -0.73 49.42 38.63
C GLN G 99 -0.21 49.83 40.00
N ALA G 100 0.79 50.71 40.00
CA ALA G 100 1.40 51.23 41.23
C ALA G 100 1.09 52.71 41.43
N PRO G 101 0.73 53.12 42.66
CA PRO G 101 0.54 54.53 43.00
C PRO G 101 1.83 55.35 42.85
N ASN G 102 2.97 54.69 42.98
CA ASN G 102 4.28 55.34 42.84
C ASN G 102 5.32 54.39 42.25
N ALA G 103 5.50 54.47 40.93
CA ALA G 103 6.38 53.55 40.19
C ALA G 103 7.84 53.60 40.61
N ALA G 104 8.23 54.66 41.33
CA ALA G 104 9.59 54.80 41.83
C ALA G 104 9.84 53.92 43.06
N SER G 105 8.77 53.39 43.65
CA SER G 105 8.87 52.50 44.80
C SER G 105 7.72 51.48 44.86
N PRO G 106 7.71 50.49 43.93
CA PRO G 106 6.74 49.40 43.95
C PRO G 106 7.34 48.04 44.29
N ALA G 107 6.48 47.02 44.45
CA ALA G 107 6.89 45.66 44.78
C ALA G 107 5.67 44.73 44.69
N ASP G 108 5.85 43.48 44.27
CA ASP G 108 7.13 42.87 43.90
C ASP G 108 7.11 42.28 42.49
N GLY G 109 5.99 41.66 42.13
CA GLY G 109 5.83 41.04 40.82
C GLY G 109 4.80 39.92 40.79
N LEU G 110 4.64 39.32 39.62
CA LEU G 110 3.75 38.17 39.45
C LEU G 110 4.43 37.16 38.53
N ALA G 111 3.94 35.92 38.52
CA ALA G 111 4.56 34.84 37.76
C ALA G 111 3.58 33.73 37.44
N PHE G 112 3.66 33.19 36.21
CA PHE G 112 2.96 31.96 35.85
C PHE G 112 3.76 30.80 36.41
N ALA G 113 3.09 29.78 36.91
CA ALA G 113 3.79 28.71 37.60
C ALA G 113 3.21 27.34 37.32
N LEU G 114 4.12 26.36 37.30
CA LEU G 114 3.77 24.94 37.28
C LEU G 114 4.37 24.32 38.55
N VAL G 115 3.53 24.15 39.57
CA VAL G 115 3.95 23.63 40.89
C VAL G 115 3.33 22.27 41.17
N PRO G 116 3.85 21.53 42.17
CA PRO G 116 3.26 20.23 42.53
C PRO G 116 1.79 20.33 42.91
N VAL G 117 1.06 19.23 42.77
CA VAL G 117 -0.40 19.21 42.90
C VAL G 117 -0.95 19.87 44.18
N GLY G 118 -0.44 19.46 45.34
CA GLY G 118 -0.93 20.00 46.61
C GLY G 118 -0.03 21.05 47.22
N SER G 119 0.58 21.88 46.36
CA SER G 119 1.60 22.86 46.77
C SER G 119 1.07 23.97 47.67
N GLN G 120 1.93 24.40 48.60
CA GLN G 120 1.62 25.47 49.54
C GLN G 120 2.50 26.68 49.32
N PRO G 121 1.95 27.90 49.51
CA PRO G 121 2.68 29.16 49.32
C PRO G 121 3.99 29.21 50.10
N LYS G 122 4.98 29.92 49.56
CA LYS G 122 6.28 30.04 50.21
C LYS G 122 6.56 31.47 50.66
N ASP G 123 7.78 31.96 50.43
CA ASP G 123 8.18 33.26 50.96
C ASP G 123 7.54 34.44 50.24
N LYS G 124 6.88 35.29 51.02
CA LYS G 124 6.23 36.51 50.57
C LYS G 124 7.25 37.57 50.15
N GLY G 125 6.89 38.38 49.16
CA GLY G 125 7.69 39.52 48.75
C GLY G 125 8.60 39.26 47.57
N GLY G 126 9.91 39.37 47.79
CA GLY G 126 10.91 39.21 46.74
C GLY G 126 11.06 37.78 46.23
N PHE G 127 10.42 36.85 46.94
CA PHE G 127 10.44 35.44 46.56
C PHE G 127 9.13 34.99 45.91
N LEU G 128 8.17 35.91 45.80
CA LEU G 128 6.90 35.71 45.08
C LEU G 128 6.02 34.53 45.55
N GLY G 129 6.36 33.96 46.70
CA GLY G 129 5.57 32.87 47.29
C GLY G 129 5.68 31.53 46.58
N LEU G 130 6.77 31.36 45.82
CA LEU G 130 7.01 30.14 45.05
C LEU G 130 8.34 29.50 45.42
N PHE G 131 9.25 30.30 45.99
CA PHE G 131 10.58 29.84 46.35
C PHE G 131 10.97 30.29 47.75
N ASP G 132 11.94 29.60 48.35
CA ASP G 132 12.40 29.91 49.71
C ASP G 132 13.75 30.63 49.72
N SER G 133 14.69 30.15 48.91
CA SER G 133 16.04 30.72 48.84
C SER G 133 16.47 31.05 47.41
N LYS G 134 17.71 31.52 47.28
CA LYS G 134 18.31 31.80 45.98
C LYS G 134 19.08 30.60 45.44
N ASN G 135 19.49 29.71 46.35
CA ASN G 135 20.22 28.49 45.96
C ASN G 135 19.30 27.41 45.40
N TYR G 136 19.89 26.45 44.68
CA TYR G 136 19.13 25.40 44.01
C TYR G 136 18.53 24.37 44.95
N ALA G 137 17.22 24.48 45.19
CA ALA G 137 16.49 23.54 46.03
C ALA G 137 15.46 22.76 45.19
N SER G 138 15.90 21.62 44.65
CA SER G 138 15.09 20.80 43.75
C SER G 138 13.94 20.06 44.45
N SER G 139 13.89 20.15 45.77
CA SER G 139 12.78 19.59 46.55
C SER G 139 11.49 20.39 46.36
N ASN G 140 11.64 21.67 46.01
CA ASN G 140 10.50 22.55 45.77
C ASN G 140 9.72 22.14 44.53
N GLN G 141 10.45 21.71 43.50
CA GLN G 141 9.90 21.33 42.18
C GLN G 141 9.02 22.44 41.60
N THR G 142 9.64 23.47 41.03
CA THR G 142 8.89 24.62 40.49
C THR G 142 9.53 25.25 39.26
N VAL G 143 8.74 25.35 38.18
CA VAL G 143 9.06 26.20 37.03
C VAL G 143 8.13 27.41 37.07
N ALA G 144 8.70 28.60 36.87
CA ALA G 144 7.91 29.82 36.90
C ALA G 144 8.53 30.89 36.02
N VAL G 145 7.73 31.47 35.13
CA VAL G 145 8.18 32.61 34.34
C VAL G 145 7.80 33.87 35.10
N GLU G 146 8.80 34.53 35.68
CA GLU G 146 8.54 35.68 36.54
C GLU G 146 8.50 36.99 35.79
N PHE G 147 7.59 37.87 36.22
CA PHE G 147 7.52 39.24 35.74
C PHE G 147 7.77 40.15 36.93
N ASP G 148 9.01 40.65 36.99
CA ASP G 148 9.55 41.25 38.20
C ASP G 148 9.74 42.75 38.03
N THR G 149 9.14 43.50 38.95
CA THR G 149 9.16 44.95 38.91
C THR G 149 10.04 45.57 40.01
N PHE G 150 10.44 44.73 40.97
CA PHE G 150 11.32 45.16 42.06
C PHE G 150 12.68 44.45 42.01
N TYR G 151 13.75 45.24 41.83
CA TYR G 151 15.11 44.71 41.74
C TYR G 151 15.74 44.49 43.11
N ASN G 152 16.02 43.23 43.42
CA ASN G 152 16.66 42.85 44.67
C ASN G 152 18.18 42.78 44.53
N GLY G 153 18.87 43.46 45.44
CA GLY G 153 20.33 43.41 45.50
C GLY G 153 20.82 42.04 45.94
N GLY G 154 19.88 41.11 46.09
CA GLY G 154 20.18 39.74 46.47
C GLY G 154 20.38 38.84 45.28
N TRP G 155 19.55 39.00 44.25
CA TRP G 155 19.57 38.06 43.12
C TRP G 155 19.23 38.64 41.74
N ASP G 156 18.40 39.69 41.70
CA ASP G 156 17.86 40.21 40.44
C ASP G 156 18.90 40.91 39.54
N PRO G 157 18.63 40.99 38.23
CA PRO G 157 19.46 41.79 37.32
C PRO G 157 19.18 43.29 37.44
N THR G 158 20.07 44.10 36.86
CA THR G 158 20.05 45.57 36.97
C THR G 158 18.69 46.26 36.75
N GLU G 159 17.95 45.81 35.73
CA GLU G 159 16.70 46.46 35.35
C GLU G 159 15.46 45.58 35.48
N ARG G 160 14.28 46.16 35.20
CA ARG G 160 13.01 45.45 35.21
C ARG G 160 13.03 44.30 34.20
N HIS G 161 12.59 43.11 34.61
CA HIS G 161 12.91 41.90 33.85
C HIS G 161 11.86 40.80 33.90
N ILE G 162 11.78 40.04 32.81
CA ILE G 162 11.11 38.75 32.78
C ILE G 162 12.20 37.67 32.95
N GLY G 163 11.96 36.70 33.82
CA GLY G 163 12.94 35.65 34.08
C GLY G 163 12.35 34.26 34.24
N ILE G 164 13.04 33.25 33.70
CA ILE G 164 12.66 31.85 33.90
C ILE G 164 13.30 31.31 35.18
N ASP G 165 12.46 30.88 36.11
CA ASP G 165 12.93 30.35 37.40
C ASP G 165 12.86 28.82 37.42
N VAL G 166 13.88 28.20 38.00
CA VAL G 166 13.90 26.74 38.18
C VAL G 166 14.40 26.42 39.58
N ASN G 167 13.49 25.93 40.42
CA ASN G 167 13.78 25.53 41.82
C ASN G 167 14.39 26.61 42.73
N SER G 168 14.46 27.84 42.21
CA SER G 168 15.08 28.96 42.91
C SER G 168 14.54 30.29 42.38
N ILE G 169 14.69 31.35 43.18
CA ILE G 169 14.24 32.68 42.78
C ILE G 169 15.18 33.32 41.73
N LYS G 170 16.48 33.02 41.83
CA LYS G 170 17.46 33.52 40.87
C LYS G 170 17.23 32.86 39.52
N SER G 171 16.75 33.66 38.57
CA SER G 171 16.40 33.18 37.23
C SER G 171 17.64 32.68 36.50
N ILE G 172 17.48 31.63 35.69
CA ILE G 172 18.60 31.08 34.93
C ILE G 172 18.89 31.91 33.67
N LYS G 173 17.92 32.75 33.29
CA LYS G 173 18.07 33.70 32.19
C LYS G 173 17.02 34.79 32.34
N THR G 174 17.39 36.03 32.05
CA THR G 174 16.45 37.18 32.11
C THR G 174 16.49 38.03 30.85
N THR G 175 15.41 38.76 30.61
CA THR G 175 15.37 39.76 29.54
C THR G 175 14.83 41.09 30.06
N SER G 176 15.23 42.19 29.40
CA SER G 176 14.80 43.54 29.79
C SER G 176 13.33 43.78 29.46
N TRP G 177 12.66 44.56 30.30
CA TRP G 177 11.21 44.79 30.17
C TRP G 177 10.79 46.20 30.61
N ASP G 178 10.40 47.02 29.63
CA ASP G 178 9.82 48.34 29.90
C ASP G 178 8.45 48.19 30.54
N PHE G 179 8.42 48.00 31.85
CA PHE G 179 7.18 47.89 32.59
C PHE G 179 6.41 49.21 32.49
N ALA G 180 5.21 49.13 31.94
CA ALA G 180 4.34 50.27 31.79
C ALA G 180 3.30 50.25 32.90
N ASN G 181 3.36 51.26 33.77
CA ASN G 181 2.53 51.32 34.98
C ASN G 181 1.04 51.48 34.66
N GLY G 182 0.25 50.48 35.07
CA GLY G 182 -1.20 50.50 34.85
C GLY G 182 -1.62 50.23 33.41
N GLU G 183 -0.74 49.58 32.65
CA GLU G 183 -1.02 49.27 31.25
C GLU G 183 -1.06 47.76 31.01
N ASN G 184 -1.95 47.34 30.10
CA ASN G 184 -2.16 45.92 29.81
C ASN G 184 -0.95 45.20 29.24
N ALA G 185 -0.70 44.01 29.78
CA ALA G 185 0.39 43.15 29.30
C ALA G 185 -0.16 41.80 28.87
N GLU G 186 -0.16 41.55 27.56
CA GLU G 186 -0.54 40.24 27.02
C GLU G 186 0.72 39.40 26.84
N VAL G 187 0.73 38.23 27.49
CA VAL G 187 1.92 37.37 27.59
C VAL G 187 1.68 36.02 26.94
N LEU G 188 2.64 35.54 26.18
CA LEU G 188 2.59 34.19 25.63
C LEU G 188 3.80 33.35 26.02
N ILE G 189 3.52 32.23 26.67
CA ILE G 189 4.56 31.30 27.12
C ILE G 189 4.30 29.94 26.45
N THR G 190 5.32 29.40 25.79
CA THR G 190 5.21 28.09 25.11
C THR G 190 6.38 27.18 25.38
N TYR G 191 6.08 25.91 25.65
CA TYR G 191 7.11 24.88 25.82
C TYR G 191 7.01 23.85 24.70
N ASP G 192 8.11 23.65 23.98
CA ASP G 192 8.18 22.60 22.96
C ASP G 192 8.99 21.41 23.45
N SER G 193 8.36 20.24 23.50
CA SER G 193 9.00 19.02 24.01
C SER G 193 10.21 18.60 23.18
N SER G 194 10.02 18.60 21.84
CA SER G 194 11.05 18.10 20.93
C SER G 194 12.34 18.93 20.95
N THR G 195 12.27 20.16 21.46
CA THR G 195 13.45 21.02 21.59
C THR G 195 13.76 21.40 23.04
N ASN G 196 12.85 21.05 23.95
CA ASN G 196 12.95 21.45 25.37
C ASN G 196 13.14 22.95 25.59
N LEU G 197 12.65 23.74 24.64
CA LEU G 197 12.75 25.19 24.69
C LEU G 197 11.53 25.80 25.37
N LEU G 198 11.78 26.75 26.26
CA LEU G 198 10.73 27.46 26.98
C LEU G 198 10.80 28.92 26.59
N VAL G 199 9.76 29.42 25.92
CA VAL G 199 9.76 30.78 25.36
C VAL G 199 8.64 31.63 25.94
N ALA G 200 9.02 32.69 26.63
CA ALA G 200 8.06 33.66 27.19
C ALA G 200 8.18 35.00 26.48
N SER G 201 7.04 35.55 26.06
CA SER G 201 7.00 36.83 25.37
C SER G 201 5.91 37.73 25.94
N LEU G 202 6.17 39.03 25.97
CA LEU G 202 5.27 40.00 26.57
C LEU G 202 5.10 41.24 25.68
N VAL G 203 3.86 41.71 25.54
CA VAL G 203 3.57 42.92 24.76
C VAL G 203 2.68 43.90 25.52
N HIS G 204 3.00 45.19 25.40
CA HIS G 204 2.16 46.27 25.89
C HIS G 204 1.53 46.95 24.68
N PRO G 205 0.29 46.56 24.33
CA PRO G 205 -0.35 46.97 23.07
C PRO G 205 -0.52 48.48 22.95
N SER G 206 -0.79 49.12 24.09
CA SER G 206 -0.98 50.56 24.18
C SER G 206 0.33 51.33 23.99
N GLN G 207 1.44 50.60 23.92
CA GLN G 207 2.77 51.20 23.76
C GLN G 207 3.66 50.48 22.76
N LYS G 208 3.11 49.47 22.10
CA LYS G 208 3.77 48.79 20.97
C LYS G 208 5.16 48.23 21.27
N THR G 209 5.42 47.99 22.56
CA THR G 209 6.68 47.37 23.01
C THR G 209 6.54 45.85 23.06
N SER G 210 7.65 45.16 22.86
CA SER G 210 7.67 43.69 22.92
C SER G 210 8.98 43.16 23.51
N PHE G 211 8.88 42.05 24.24
CA PHE G 211 10.00 41.46 24.99
C PHE G 211 9.91 39.94 24.99
N ILE G 212 11.04 39.25 24.97
CA ILE G 212 11.03 37.79 24.82
C ILE G 212 12.22 37.09 25.51
N VAL G 213 11.92 36.04 26.27
CA VAL G 213 12.94 35.17 26.87
C VAL G 213 12.85 33.82 26.16
N SER G 214 14.00 33.16 26.02
CA SER G 214 14.05 31.77 25.56
C SER G 214 15.24 31.03 26.17
N GLU G 215 14.95 29.92 26.85
CA GLU G 215 15.99 29.05 27.43
C GLU G 215 15.55 27.59 27.51
N ARG G 216 16.51 26.68 27.32
CA ARG G 216 16.26 25.24 27.37
C ARG G 216 16.01 24.79 28.81
N VAL G 217 14.92 24.06 29.00
CA VAL G 217 14.58 23.52 30.31
C VAL G 217 14.12 22.06 30.16
N ASP G 218 14.76 21.19 30.94
CA ASP G 218 14.37 19.79 31.02
C ASP G 218 13.42 19.63 32.20
N LEU G 219 12.13 19.53 31.89
CA LEU G 219 11.08 19.46 32.91
C LEU G 219 11.15 18.19 33.76
N THR G 220 11.58 17.10 33.12
CA THR G 220 11.65 15.79 33.76
C THR G 220 12.52 15.81 35.02
N SER G 221 13.56 16.64 35.00
CA SER G 221 14.44 16.81 36.16
C SER G 221 13.91 17.83 37.17
N VAL G 222 12.94 18.64 36.76
CA VAL G 222 12.46 19.75 37.58
C VAL G 222 11.11 19.47 38.25
N LEU G 223 10.10 19.15 37.46
CA LEU G 223 8.73 18.98 37.95
C LEU G 223 8.29 17.52 38.01
N PRO G 224 7.38 17.18 38.95
CA PRO G 224 6.81 15.84 38.96
C PRO G 224 5.87 15.66 37.77
N GLU G 225 5.47 14.43 37.48
CA GLU G 225 4.63 14.15 36.34
C GLU G 225 3.36 15.01 36.30
N TRP G 226 2.69 15.13 37.46
CA TRP G 226 1.47 15.93 37.58
C TRP G 226 1.72 17.21 38.38
N VAL G 227 1.26 18.33 37.83
CA VAL G 227 1.43 19.64 38.47
C VAL G 227 0.15 20.49 38.44
N SER G 228 0.06 21.44 39.37
CA SER G 228 -1.00 22.45 39.35
C SER G 228 -0.49 23.71 38.65
N VAL G 229 -1.11 24.02 37.51
CA VAL G 229 -0.76 25.19 36.69
C VAL G 229 -1.55 26.42 37.18
N GLY G 230 -0.89 27.58 37.23
CA GLY G 230 -1.55 28.80 37.73
C GLY G 230 -0.65 30.00 37.96
N PHE G 231 -1.09 30.91 38.84
CA PHE G 231 -0.38 32.16 39.13
C PHE G 231 0.03 32.38 40.60
N SER G 232 1.02 33.25 40.80
CA SER G 232 1.43 33.70 42.14
C SER G 232 2.05 35.10 42.10
N ALA G 233 1.59 35.98 43.00
CA ALA G 233 2.06 37.37 43.07
C ALA G 233 2.18 37.90 44.51
N THR G 234 2.95 38.97 44.67
CA THR G 234 3.23 39.56 45.99
C THR G 234 3.39 41.08 45.97
N THR G 235 3.22 41.71 47.14
CA THR G 235 3.62 43.10 47.37
C THR G 235 4.82 43.12 48.32
N GLY G 236 5.39 44.30 48.55
CA GLY G 236 6.64 44.42 49.32
C GLY G 236 6.55 44.31 50.83
N LEU G 237 7.71 44.42 51.48
CA LEU G 237 7.81 44.46 52.95
C LEU G 237 7.47 45.84 53.52
N SER G 238 8.03 46.88 52.88
CA SER G 238 7.83 48.27 53.30
C SER G 238 6.43 48.75 52.93
N LYS G 239 5.87 49.60 53.78
CA LYS G 239 4.48 50.04 53.65
C LYS G 239 4.18 50.80 52.36
N GLY G 240 5.05 51.75 52.00
CA GLY G 240 4.87 52.55 50.79
C GLY G 240 5.09 51.82 49.47
N TYR G 241 5.60 50.59 49.54
CA TYR G 241 5.97 49.83 48.35
C TYR G 241 4.81 48.95 47.84
N VAL G 242 3.73 49.61 47.44
CA VAL G 242 2.50 48.95 47.02
C VAL G 242 2.32 48.92 45.50
N GLU G 243 1.53 47.94 45.02
CA GLU G 243 1.12 47.85 43.62
C GLU G 243 0.02 46.80 43.44
N THR G 244 -0.69 46.86 42.32
CA THR G 244 -1.70 45.84 42.01
C THR G 244 -1.06 44.67 41.27
N ASN G 245 -1.67 43.50 41.40
CA ASN G 245 -1.22 42.30 40.70
C ASN G 245 -2.45 41.58 40.17
N GLU G 246 -2.92 42.05 39.02
CA GLU G 246 -4.21 41.64 38.50
C GLU G 246 -4.09 40.95 37.16
N VAL G 247 -4.84 39.87 37.00
CA VAL G 247 -4.93 39.15 35.73
C VAL G 247 -6.34 39.30 35.21
N LEU G 248 -6.47 39.69 33.94
CA LEU G 248 -7.78 39.97 33.35
C LEU G 248 -8.39 38.75 32.65
N SER G 249 -7.54 37.93 32.03
CA SER G 249 -7.98 36.76 31.27
C SER G 249 -6.88 35.71 31.26
N TRP G 250 -7.23 34.46 30.92
CA TRP G 250 -6.26 33.36 30.91
C TRP G 250 -6.66 32.21 29.99
N SER G 251 -5.72 31.78 29.14
CA SER G 251 -5.90 30.60 28.28
C SER G 251 -4.70 29.69 28.35
N PHE G 252 -4.96 28.39 28.26
CA PHE G 252 -3.93 27.37 28.37
C PHE G 252 -4.33 26.16 27.52
N ALA G 253 -3.33 25.50 26.94
CA ALA G 253 -3.57 24.22 26.26
C ALA G 253 -2.34 23.33 26.37
N SER G 254 -2.57 22.03 26.51
CA SER G 254 -1.50 21.03 26.60
C SER G 254 -1.83 19.79 25.80
N LYS G 255 -0.81 19.22 25.14
CA LYS G 255 -0.93 17.96 24.41
C LYS G 255 0.15 16.98 24.84
N LEU G 256 -0.27 15.93 25.54
CA LEU G 256 0.62 14.85 25.95
C LEU G 256 0.49 13.66 25.01
N SER G 257 1.60 13.36 24.33
CA SER G 257 1.63 12.32 23.30
C SER G 257 1.63 10.90 23.86
N ILE G 258 1.11 9.96 23.07
CA ILE G 258 1.18 8.53 23.37
C ILE G 258 2.54 7.97 22.92
N ASN G 259 2.91 8.27 21.66
CA ASN G 259 4.13 7.76 21.05
C ASN G 259 5.33 8.69 21.21
N ASN G 265 2.14 20.86 18.83
CA ASN G 265 1.21 21.88 19.32
C ASN G 265 1.23 23.14 18.46
N LYS G 266 0.31 23.20 17.49
CA LYS G 266 0.20 24.37 16.63
C LYS G 266 -0.15 25.62 17.45
N LEU G 267 0.56 26.71 17.18
CA LEU G 267 0.39 27.94 17.95
C LEU G 267 -0.49 28.94 17.23
N ALA G 268 -0.67 28.73 15.93
CA ALA G 268 -1.48 29.63 15.11
C ALA G 268 -2.96 29.57 15.49
N ILE G 269 -3.41 28.40 15.94
CA ILE G 269 -4.82 28.21 16.25
C ILE G 269 -5.12 28.29 17.75
N PHE G 270 -4.14 28.72 18.53
CA PHE G 270 -4.28 28.76 19.99
C PHE G 270 -4.70 30.11 20.53
N ASN G 271 -4.33 31.18 19.82
CA ASN G 271 -4.60 32.54 20.29
C ASN G 271 -5.81 33.20 19.61
N LEU G 272 -6.63 32.40 18.96
CA LEU G 272 -7.85 32.90 18.33
C LEU G 272 -9.08 32.28 18.96
N GLU G 273 -8.94 31.02 19.39
CA GLU G 273 -9.99 30.35 20.14
C GLU G 273 -9.84 30.69 21.62
N GLY G 274 -8.74 31.33 21.96
CA GLY G 274 -8.45 31.69 23.34
C GLY G 274 -8.25 33.19 23.53
N LYS G 275 -6.98 33.61 23.55
CA LYS G 275 -6.64 35.01 23.74
C LYS G 275 -6.59 35.74 22.40
N ALA H 24 -16.75 34.97 25.34
CA ALA H 24 -16.97 33.51 25.14
C ALA H 24 -15.94 32.69 25.91
N ASN H 25 -16.42 31.79 26.75
CA ASN H 25 -15.56 30.94 27.58
C ASN H 25 -15.58 29.48 27.15
N LEU H 26 -14.39 28.92 26.99
CA LEU H 26 -14.24 27.59 26.45
C LEU H 26 -13.56 26.61 27.41
N ILE H 27 -14.00 25.35 27.36
CA ILE H 27 -13.34 24.27 28.08
C ILE H 27 -13.39 23.02 27.19
N SER H 28 -12.29 22.27 27.17
CA SER H 28 -12.18 21.11 26.27
C SER H 28 -11.04 20.20 26.70
N PHE H 29 -11.30 18.90 26.69
CA PHE H 29 -10.26 17.91 26.95
C PHE H 29 -10.51 16.66 26.12
N THR H 30 -9.45 15.89 25.86
CA THR H 30 -9.58 14.62 25.16
C THR H 30 -8.80 13.55 25.90
N PHE H 31 -9.52 12.71 26.63
CA PHE H 31 -8.97 11.50 27.24
C PHE H 31 -8.87 10.45 26.14
N LYS H 32 -7.78 9.67 26.14
CA LYS H 32 -7.72 8.47 25.32
C LYS H 32 -7.23 7.28 26.13
N LYS H 33 -6.56 7.60 27.23
CA LYS H 33 -6.25 6.64 28.28
C LYS H 33 -6.53 7.37 29.60
N PHE H 34 -7.47 6.83 30.37
CA PHE H 34 -7.91 7.49 31.60
C PHE H 34 -6.84 7.50 32.67
N ASN H 35 -6.72 8.64 33.34
CA ASN H 35 -5.82 8.77 34.48
C ASN H 35 -6.59 9.17 35.75
N GLU H 36 -6.10 8.66 36.88
CA GLU H 36 -6.75 8.85 38.17
C GLU H 36 -6.67 10.30 38.65
N THR H 37 -5.56 10.96 38.30
CA THR H 37 -5.18 12.25 38.90
C THR H 37 -6.11 13.43 38.55
N ASN H 38 -6.89 13.31 37.48
CA ASN H 38 -7.83 14.38 37.11
C ASN H 38 -9.30 13.95 37.01
N LEU H 39 -9.68 12.95 37.80
CA LEU H 39 -11.06 12.50 37.87
C LEU H 39 -11.57 12.42 39.30
N ILE H 40 -12.87 12.69 39.47
CA ILE H 40 -13.50 12.57 40.77
C ILE H 40 -14.23 11.24 40.84
N LEU H 41 -13.56 10.24 41.41
CA LEU H 41 -14.08 8.88 41.49
C LEU H 41 -15.01 8.70 42.69
N GLN H 42 -16.16 8.09 42.45
CA GLN H 42 -17.15 7.86 43.51
C GLN H 42 -17.49 6.39 43.69
N ARG H 43 -17.30 5.91 44.92
CA ARG H 43 -17.55 4.53 45.32
C ARG H 43 -16.70 3.50 44.55
N ASP H 44 -17.35 2.61 43.80
CA ASP H 44 -16.69 1.45 43.22
C ASP H 44 -15.90 1.74 41.93
N ALA H 45 -16.15 2.91 41.34
CA ALA H 45 -15.44 3.33 40.14
C ALA H 45 -13.93 3.42 40.41
N THR H 46 -13.15 2.80 39.52
CA THR H 46 -11.68 2.79 39.64
C THR H 46 -10.99 2.69 38.27
N VAL H 47 -9.86 3.38 38.12
CA VAL H 47 -9.09 3.36 36.88
C VAL H 47 -7.91 2.40 36.98
N SER H 48 -7.88 1.40 36.09
CA SER H 48 -6.77 0.47 36.01
C SER H 48 -6.38 0.20 34.55
N SER H 49 -5.07 0.14 34.31
CA SER H 49 -4.49 -0.14 32.98
C SER H 49 -5.14 0.62 31.82
N GLY H 50 -5.36 1.92 32.01
CA GLY H 50 -5.85 2.79 30.95
C GLY H 50 -7.37 2.97 30.88
N LYS H 51 -8.11 1.91 31.19
CA LYS H 51 -9.56 1.92 31.11
C LYS H 51 -10.23 2.48 32.37
N LEU H 52 -11.44 3.01 32.20
CA LEU H 52 -12.24 3.52 33.30
C LEU H 52 -13.28 2.49 33.70
N ARG H 53 -12.92 1.63 34.64
CA ARG H 53 -13.86 0.63 35.15
C ARG H 53 -14.77 1.29 36.19
N ILE H 54 -15.99 1.60 35.77
CA ILE H 54 -16.95 2.28 36.64
C ILE H 54 -17.53 1.29 37.66
N THR H 55 -17.86 0.08 37.20
CA THR H 55 -18.34 -0.97 38.11
C THR H 55 -17.19 -1.89 38.54
N LYS H 56 -17.45 -2.72 39.55
CA LYS H 56 -16.43 -3.60 40.13
C LYS H 56 -16.30 -4.92 39.35
N ALA H 57 -15.07 -5.42 39.25
CA ALA H 57 -14.78 -6.64 38.51
C ALA H 57 -13.80 -7.54 39.27
N ALA H 58 -14.08 -8.84 39.29
CA ALA H 58 -13.25 -9.83 39.98
C ALA H 58 -11.86 -9.96 39.36
N GLU H 59 -10.90 -10.44 40.16
CA GLU H 59 -9.51 -10.58 39.74
C GLU H 59 -9.33 -11.24 38.38
N ASN H 60 -10.24 -12.15 38.04
CA ASN H 60 -10.20 -12.87 36.77
C ASN H 60 -10.89 -12.12 35.64
N GLY H 61 -11.83 -11.26 36.00
CA GLY H 61 -12.59 -10.47 35.02
C GLY H 61 -14.08 -10.76 35.06
N VAL H 62 -14.57 -11.17 36.23
CA VAL H 62 -15.98 -11.52 36.41
C VAL H 62 -16.75 -10.33 37.01
N PRO H 63 -17.81 -9.86 36.32
CA PRO H 63 -18.63 -8.76 36.81
C PRO H 63 -19.38 -9.13 38.10
N THR H 64 -19.45 -8.18 39.03
CA THR H 64 -20.10 -8.39 40.33
C THR H 64 -21.32 -7.46 40.47
N ALA H 65 -22.39 -7.98 41.06
CA ALA H 65 -23.63 -7.24 41.25
C ALA H 65 -23.62 -6.40 42.54
N GLY H 66 -24.64 -5.56 42.70
CA GLY H 66 -24.72 -4.66 43.84
C GLY H 66 -23.63 -3.62 43.83
N SER H 67 -23.35 -3.07 42.65
CA SER H 67 -22.24 -2.13 42.46
C SER H 67 -22.72 -0.81 41.90
N LEU H 68 -22.13 0.28 42.41
CA LEU H 68 -22.42 1.63 41.93
C LEU H 68 -21.11 2.36 41.63
N GLY H 69 -21.05 2.97 40.45
CA GLY H 69 -19.88 3.75 40.08
C GLY H 69 -20.23 5.09 39.48
N ARG H 70 -19.52 6.13 39.92
CA ARG H 70 -19.65 7.46 39.36
C ARG H 70 -18.26 8.07 39.19
N ALA H 71 -18.03 8.73 38.07
CA ALA H 71 -16.76 9.41 37.79
C ALA H 71 -17.01 10.70 37.03
N PHE H 72 -16.55 11.81 37.59
CA PHE H 72 -16.77 13.13 36.98
C PHE H 72 -15.45 13.86 36.73
N TYR H 73 -15.41 14.64 35.66
CA TYR H 73 -14.23 15.45 35.36
C TYR H 73 -13.94 16.41 36.51
N SER H 74 -12.65 16.64 36.75
CA SER H 74 -12.18 17.34 37.93
C SER H 74 -12.64 18.81 38.06
N THR H 75 -12.85 19.49 36.94
CA THR H 75 -13.38 20.87 36.96
C THR H 75 -14.90 20.91 36.85
N PRO H 76 -15.55 21.81 37.61
CA PRO H 76 -16.94 22.17 37.37
C PRO H 76 -17.09 22.90 36.03
N ILE H 77 -18.31 22.93 35.50
CA ILE H 77 -18.57 23.51 34.18
C ILE H 77 -19.83 24.38 34.18
N GLN H 78 -19.67 25.67 33.83
CA GLN H 78 -20.81 26.57 33.74
C GLN H 78 -21.54 26.42 32.40
N ILE H 79 -22.79 25.95 32.48
CA ILE H 79 -23.61 25.65 31.31
C ILE H 79 -24.57 26.79 30.96
N TRP H 80 -24.90 27.61 31.96
CA TRP H 80 -25.65 28.84 31.73
C TRP H 80 -25.36 29.87 32.83
N ASP H 81 -25.41 31.15 32.47
CA ASP H 81 -25.14 32.23 33.40
C ASP H 81 -26.40 33.04 33.65
N ASN H 82 -26.78 33.14 34.93
CA ASN H 82 -28.05 33.75 35.32
C ASN H 82 -28.13 35.25 35.01
N THR H 83 -27.12 36.00 35.44
CA THR H 83 -27.10 37.46 35.30
C THR H 83 -27.20 37.93 33.85
N THR H 84 -26.58 37.18 32.93
CA THR H 84 -26.56 37.54 31.52
C THR H 84 -27.61 36.79 30.72
N GLY H 85 -28.05 35.64 31.26
CA GLY H 85 -29.05 34.81 30.60
C GLY H 85 -28.50 34.17 29.34
N THR H 86 -27.34 33.54 29.48
CA THR H 86 -26.67 32.97 28.32
C THR H 86 -26.59 31.45 28.42
N VAL H 87 -27.14 30.79 27.40
CA VAL H 87 -27.16 29.33 27.33
C VAL H 87 -25.91 28.87 26.56
N ALA H 88 -25.29 27.79 27.05
CA ALA H 88 -24.07 27.28 26.44
C ALA H 88 -24.32 26.06 25.56
N SER H 89 -23.65 26.04 24.40
CA SER H 89 -23.62 24.87 23.55
C SER H 89 -22.47 23.97 24.00
N TRP H 90 -22.73 22.67 24.08
CA TRP H 90 -21.69 21.69 24.39
C TRP H 90 -21.88 20.36 23.67
N ALA H 91 -20.82 19.57 23.62
CA ALA H 91 -20.82 18.25 23.00
C ALA H 91 -19.84 17.33 23.70
N THR H 92 -20.23 16.07 23.86
CA THR H 92 -19.35 15.07 24.47
C THR H 92 -19.25 13.84 23.57
N SER H 93 -18.09 13.18 23.59
CA SER H 93 -17.92 11.95 22.84
C SER H 93 -17.04 10.96 23.59
N PHE H 94 -17.51 9.71 23.68
CA PHE H 94 -16.81 8.65 24.39
C PHE H 94 -17.10 7.28 23.78
N THR H 95 -16.15 6.35 23.91
CA THR H 95 -16.35 4.98 23.45
C THR H 95 -16.46 4.02 24.65
N PHE H 96 -17.67 3.53 24.90
CA PHE H 96 -17.89 2.60 26.00
C PHE H 96 -18.09 1.18 25.48
N ASN H 97 -17.92 0.21 26.38
CA ASN H 97 -18.13 -1.19 26.07
C ASN H 97 -18.84 -1.88 27.23
N LEU H 98 -19.87 -2.65 26.90
CA LEU H 98 -20.58 -3.46 27.89
C LEU H 98 -20.45 -4.95 27.54
N GLN H 99 -19.76 -5.70 28.39
CA GLN H 99 -19.63 -7.14 28.22
C GLN H 99 -20.31 -7.89 29.37
N ALA H 100 -21.44 -8.52 29.06
CA ALA H 100 -22.16 -9.36 29.99
C ALA H 100 -21.87 -10.82 29.63
N PRO H 101 -21.51 -11.64 30.63
CA PRO H 101 -21.23 -13.07 30.41
C PRO H 101 -22.47 -13.81 29.89
N ASN H 102 -23.64 -13.33 30.26
CA ASN H 102 -24.91 -13.85 29.77
C ASN H 102 -25.84 -12.70 29.35
N ALA H 103 -26.16 -12.65 28.05
CA ALA H 103 -27.02 -11.60 27.50
C ALA H 103 -28.49 -11.74 27.91
N ALA H 104 -28.87 -12.93 28.36
CA ALA H 104 -30.24 -13.21 28.79
C ALA H 104 -30.58 -12.59 30.15
N SER H 105 -29.55 -12.23 30.93
CA SER H 105 -29.75 -11.65 32.25
C SER H 105 -28.70 -10.58 32.63
N PRO H 106 -28.71 -9.42 31.93
CA PRO H 106 -27.83 -8.31 32.33
C PRO H 106 -28.60 -7.15 32.99
N ALA H 107 -27.88 -6.34 33.76
CA ALA H 107 -28.44 -5.15 34.43
C ALA H 107 -27.30 -4.28 34.95
N ASP H 108 -27.42 -2.94 34.86
CA ASP H 108 -28.58 -2.24 34.28
C ASP H 108 -28.16 -1.38 33.08
N GLY H 109 -27.06 -0.66 33.22
CA GLY H 109 -26.57 0.20 32.16
C GLY H 109 -25.64 1.30 32.67
N LEU H 110 -25.41 2.29 31.82
CA LEU H 110 -24.55 3.43 32.17
C LEU H 110 -25.06 4.69 31.50
N ALA H 111 -24.78 5.84 32.11
CA ALA H 111 -25.25 7.12 31.62
C ALA H 111 -24.17 8.21 31.70
N PHE H 112 -24.11 9.05 30.67
CA PHE H 112 -23.31 10.28 30.73
C PHE H 112 -24.13 11.30 31.51
N ALA H 113 -23.53 11.84 32.57
CA ALA H 113 -24.28 12.67 33.52
C ALA H 113 -23.73 14.07 33.73
N LEU H 114 -24.64 15.03 33.85
CA LEU H 114 -24.33 16.38 34.31
C LEU H 114 -25.04 16.56 35.66
N VAL H 115 -24.26 16.64 36.74
CA VAL H 115 -24.83 16.72 38.10
C VAL H 115 -24.38 18.00 38.84
N PRO H 116 -25.10 18.38 39.93
CA PRO H 116 -24.71 19.53 40.73
C PRO H 116 -23.28 19.40 41.28
N VAL H 117 -22.68 20.54 41.60
CA VAL H 117 -21.24 20.65 41.90
C VAL H 117 -20.70 19.57 42.84
N GLY H 118 -21.29 19.44 44.02
CA GLY H 118 -20.81 18.48 45.02
C GLY H 118 -21.71 17.28 45.19
N SER H 119 -22.34 16.85 44.09
CA SER H 119 -23.33 15.77 44.10
C SER H 119 -22.82 14.45 44.66
N GLN H 120 -23.71 13.68 45.26
CA GLN H 120 -23.41 12.36 45.82
C GLN H 120 -24.19 11.26 45.09
N PRO H 121 -23.74 9.99 45.18
CA PRO H 121 -24.44 8.88 44.56
C PRO H 121 -25.81 8.64 45.19
N LYS H 122 -26.77 8.25 44.36
CA LYS H 122 -28.14 8.00 44.83
C LYS H 122 -28.51 6.52 44.74
N ASP H 123 -29.71 6.23 44.21
CA ASP H 123 -30.28 4.87 44.24
C ASP H 123 -29.56 3.86 43.34
N LYS H 124 -29.07 2.79 43.96
CA LYS H 124 -28.32 1.75 43.25
C LYS H 124 -29.25 0.86 42.42
N GLY H 125 -28.77 0.42 41.27
CA GLY H 125 -29.51 -0.51 40.42
C GLY H 125 -30.14 0.15 39.21
N GLY H 126 -31.44 -0.11 39.02
CA GLY H 126 -32.20 0.41 37.88
C GLY H 126 -32.31 1.92 37.77
N PHE H 127 -31.95 2.62 38.85
CA PHE H 127 -31.97 4.08 38.88
C PHE H 127 -30.63 4.65 38.41
N LEU H 128 -29.65 3.76 38.24
CA LEU H 128 -28.31 4.08 37.74
C LEU H 128 -27.53 5.08 38.63
N GLY H 129 -27.89 5.12 39.90
CA GLY H 129 -27.22 5.98 40.88
C GLY H 129 -27.35 7.46 40.63
N LEU H 130 -28.50 7.87 40.06
CA LEU H 130 -28.72 9.25 39.65
C LEU H 130 -30.07 9.82 40.10
N PHE H 131 -31.04 8.93 40.34
CA PHE H 131 -32.42 9.36 40.60
C PHE H 131 -33.07 8.69 41.81
N ASP H 132 -34.19 9.24 42.25
CA ASP H 132 -34.92 8.75 43.42
C ASP H 132 -36.16 7.92 43.07
N SER H 133 -36.93 8.40 42.09
CA SER H 133 -38.21 7.77 41.73
C SER H 133 -38.61 8.03 40.28
N LYS H 134 -39.71 7.41 39.85
CA LYS H 134 -40.24 7.52 38.49
C LYS H 134 -40.90 8.87 38.21
N ASN H 135 -41.36 9.54 39.26
CA ASN H 135 -42.03 10.83 39.14
C ASN H 135 -41.07 12.00 38.95
N TYR H 136 -41.59 13.13 38.48
CA TYR H 136 -40.81 14.34 38.25
C TYR H 136 -40.41 15.02 39.57
N ALA H 137 -39.11 15.16 39.79
CA ALA H 137 -38.59 15.82 40.98
C ALA H 137 -37.51 16.83 40.60
N SER H 138 -37.81 18.11 40.83
CA SER H 138 -36.91 19.20 40.44
C SER H 138 -35.69 19.36 41.34
N SER H 139 -35.77 18.80 42.54
CA SER H 139 -34.73 18.97 43.57
C SER H 139 -33.42 18.24 43.27
N ASN H 140 -33.45 17.29 42.32
CA ASN H 140 -32.27 16.50 41.96
C ASN H 140 -31.32 17.21 40.99
N GLN H 141 -31.90 17.94 40.03
CA GLN H 141 -31.16 18.73 39.05
C GLN H 141 -30.14 17.89 38.27
N THR H 142 -30.63 16.98 37.42
CA THR H 142 -29.76 16.06 36.70
C THR H 142 -30.26 15.77 35.29
N VAL H 143 -29.49 16.19 34.29
CA VAL H 143 -29.71 15.74 32.91
C VAL H 143 -28.70 14.64 32.62
N ALA H 144 -29.19 13.52 32.09
CA ALA H 144 -28.33 12.39 31.77
C ALA H 144 -28.85 11.64 30.56
N VAL H 145 -27.96 11.36 29.61
CA VAL H 145 -28.26 10.47 28.50
C VAL H 145 -27.85 9.08 28.94
N GLU H 146 -28.80 8.15 28.91
CA GLU H 146 -28.60 6.79 29.42
C GLU H 146 -28.55 5.76 28.29
N PHE H 147 -27.86 4.66 28.57
CA PHE H 147 -27.82 3.53 27.66
C PHE H 147 -28.25 2.29 28.44
N ASP H 148 -29.45 1.81 28.08
CA ASP H 148 -30.20 0.88 28.93
C ASP H 148 -30.16 -0.57 28.45
N THR H 149 -29.71 -1.46 29.33
CA THR H 149 -29.64 -2.87 29.03
C THR H 149 -30.79 -3.63 29.70
N PHE H 150 -31.26 -3.11 30.84
CA PHE H 150 -32.27 -3.80 31.64
C PHE H 150 -33.67 -3.18 31.55
N TYR H 151 -34.62 -4.00 31.13
CA TYR H 151 -36.01 -3.58 30.96
C TYR H 151 -36.73 -3.49 32.31
N ASN H 152 -36.65 -2.32 32.93
CA ASN H 152 -37.37 -2.05 34.17
C ASN H 152 -38.80 -1.62 33.87
N GLY H 153 -39.66 -2.61 33.65
CA GLY H 153 -41.07 -2.39 33.25
C GLY H 153 -41.84 -1.37 34.07
N GLY H 154 -41.29 -1.01 35.23
CA GLY H 154 -41.87 0.02 36.08
C GLY H 154 -41.84 1.39 35.43
N TRP H 155 -40.98 1.52 34.41
CA TRP H 155 -40.84 2.76 33.64
C TRP H 155 -40.36 2.52 32.21
N ASP H 156 -39.39 1.62 32.05
CA ASP H 156 -38.68 1.39 30.78
C ASP H 156 -39.55 0.79 29.66
N PRO H 157 -39.21 1.12 28.39
CA PRO H 157 -39.81 0.44 27.22
C PRO H 157 -39.18 -0.94 27.01
N THR H 158 -39.82 -1.76 26.18
CA THR H 158 -39.50 -3.20 26.06
C THR H 158 -38.06 -3.57 25.70
N GLU H 159 -37.46 -2.83 24.77
CA GLU H 159 -36.13 -3.15 24.23
C GLU H 159 -35.02 -2.32 24.86
N ARG H 160 -33.77 -2.61 24.47
CA ARG H 160 -32.61 -1.83 24.90
C ARG H 160 -32.71 -0.45 24.26
N HIS H 161 -32.58 0.59 25.06
CA HIS H 161 -32.84 1.94 24.58
C HIS H 161 -31.80 3.00 24.97
N ILE H 162 -31.70 4.03 24.14
CA ILE H 162 -31.03 5.27 24.49
C ILE H 162 -32.13 6.19 25.02
N GLY H 163 -31.88 6.80 26.18
CA GLY H 163 -32.88 7.63 26.82
C GLY H 163 -32.34 8.95 27.34
N ILE H 164 -33.13 10.01 27.18
CA ILE H 164 -32.79 11.33 27.70
C ILE H 164 -33.55 11.54 29.01
N ASP H 165 -32.81 11.58 30.11
CA ASP H 165 -33.41 11.65 31.44
C ASP H 165 -33.38 13.07 32.00
N VAL H 166 -34.54 13.58 32.40
CA VAL H 166 -34.64 14.93 32.95
C VAL H 166 -35.30 14.90 34.33
N ASN H 167 -34.47 15.16 35.35
CA ASN H 167 -34.90 15.18 36.76
C ASN H 167 -35.56 13.89 37.28
N SER H 168 -35.68 12.89 36.41
CA SER H 168 -36.33 11.62 36.72
C SER H 168 -35.75 10.47 35.91
N ILE H 169 -35.96 9.25 36.39
CA ILE H 169 -35.51 8.05 35.69
C ILE H 169 -36.41 7.72 34.50
N LYS H 170 -37.67 8.16 34.55
CA LYS H 170 -38.60 7.99 33.44
C LYS H 170 -38.19 8.89 32.28
N SER H 171 -37.81 8.26 31.17
CA SER H 171 -37.30 8.98 30.00
C SER H 171 -38.41 9.82 29.35
N ILE H 172 -38.05 11.02 28.90
CA ILE H 172 -38.98 11.87 28.17
C ILE H 172 -39.00 11.52 26.68
N LYS H 173 -37.98 10.80 26.24
CA LYS H 173 -37.89 10.26 24.88
C LYS H 173 -36.93 9.07 24.85
N THR H 174 -37.18 8.12 23.95
CA THR H 174 -36.32 6.95 23.77
C THR H 174 -36.16 6.57 22.30
N THR H 175 -35.24 5.64 22.02
CA THR H 175 -35.14 4.98 20.71
C THR H 175 -34.64 3.53 20.85
N SER H 176 -34.96 2.71 19.85
CA SER H 176 -34.57 1.31 19.85
C SER H 176 -33.10 1.17 19.55
N TRP H 177 -32.35 0.64 20.52
CA TRP H 177 -30.91 0.46 20.40
C TRP H 177 -30.52 -1.02 20.38
N ASP H 178 -29.85 -1.44 19.31
CA ASP H 178 -29.27 -2.78 19.23
C ASP H 178 -28.02 -2.85 20.11
N PHE H 179 -28.18 -3.44 21.29
CA PHE H 179 -27.07 -3.65 22.21
C PHE H 179 -26.24 -4.82 21.68
N ALA H 180 -25.01 -4.53 21.27
CA ALA H 180 -24.10 -5.55 20.74
C ALA H 180 -23.12 -5.95 21.85
N ASN H 181 -23.44 -7.07 22.51
CA ASN H 181 -22.70 -7.51 23.69
C ASN H 181 -21.19 -7.62 23.48
N GLY H 182 -20.44 -6.80 24.20
CA GLY H 182 -18.97 -6.79 24.10
C GLY H 182 -18.41 -6.20 22.82
N GLU H 183 -19.15 -5.25 22.24
CA GLU H 183 -18.70 -4.53 21.05
C GLU H 183 -18.67 -3.03 21.33
N ASN H 184 -17.55 -2.39 21.03
CA ASN H 184 -17.35 -0.97 21.28
C ASN H 184 -18.51 -0.13 20.79
N ALA H 185 -18.86 0.89 21.58
CA ALA H 185 -19.90 1.82 21.21
C ALA H 185 -19.35 3.24 21.28
N GLU H 186 -19.21 3.87 20.11
CA GLU H 186 -18.82 5.28 20.02
C GLU H 186 -20.06 6.17 20.18
N VAL H 187 -19.98 7.13 21.11
CA VAL H 187 -21.13 7.98 21.45
C VAL H 187 -20.87 9.45 21.09
N LEU H 188 -21.94 10.13 20.67
CA LEU H 188 -21.91 11.58 20.50
C LEU H 188 -23.19 12.20 21.02
N ILE H 189 -23.04 13.17 21.93
CA ILE H 189 -24.17 13.88 22.53
C ILE H 189 -23.95 15.37 22.32
N THR H 190 -24.87 16.03 21.63
CA THR H 190 -24.68 17.44 21.25
C THR H 190 -25.81 18.37 21.67
N TYR H 191 -25.54 19.23 22.66
CA TYR H 191 -26.46 20.30 23.00
C TYR H 191 -26.17 21.55 22.18
N ASP H 192 -27.20 22.06 21.50
CA ASP H 192 -27.06 23.27 20.70
C ASP H 192 -27.92 24.38 21.29
N SER H 193 -27.25 25.37 21.90
CA SER H 193 -27.93 26.46 22.59
C SER H 193 -28.71 27.38 21.65
N SER H 194 -28.53 27.20 20.34
CA SER H 194 -29.26 27.98 19.34
C SER H 194 -30.51 27.25 18.84
N THR H 195 -30.73 26.03 19.35
CA THR H 195 -31.97 25.29 19.09
C THR H 195 -32.55 24.64 20.35
N ASN H 196 -31.88 24.85 21.49
CA ASN H 196 -32.20 24.17 22.76
C ASN H 196 -32.35 22.66 22.60
N LEU H 197 -31.87 22.16 21.45
CA LEU H 197 -31.99 20.76 21.08
C LEU H 197 -30.82 19.93 21.62
N LEU H 198 -31.14 18.75 22.15
CA LEU H 198 -30.13 17.80 22.54
C LEU H 198 -30.24 16.61 21.59
N VAL H 199 -29.10 16.17 21.09
CA VAL H 199 -29.06 15.04 20.15
C VAL H 199 -28.03 14.03 20.61
N ALA H 200 -28.50 12.82 20.93
CA ALA H 200 -27.61 11.75 21.36
C ALA H 200 -27.60 10.62 20.34
N SER H 201 -26.41 10.18 19.97
CA SER H 201 -26.23 9.13 18.96
C SER H 201 -25.23 8.07 19.42
N LEU H 202 -25.46 6.84 18.95
CA LEU H 202 -24.58 5.72 19.21
C LEU H 202 -24.28 4.98 17.91
N VAL H 203 -23.02 4.61 17.72
CA VAL H 203 -22.62 3.75 16.60
C VAL H 203 -21.86 2.51 17.08
N HIS H 204 -22.22 1.36 16.51
CA HIS H 204 -21.44 0.14 16.69
C HIS H 204 -20.63 -0.10 15.42
N PRO H 205 -19.35 0.30 15.42
CA PRO H 205 -18.47 0.26 14.24
C PRO H 205 -18.14 -1.15 13.79
N SER H 206 -18.07 -2.08 14.74
CA SER H 206 -17.80 -3.49 14.46
C SER H 206 -18.96 -4.13 13.69
N GLN H 207 -20.13 -3.50 13.74
CA GLN H 207 -21.33 -4.06 13.12
C GLN H 207 -22.07 -3.07 12.21
N LYS H 208 -21.50 -1.89 12.03
CA LYS H 208 -22.00 -0.87 11.10
C LYS H 208 -23.48 -0.52 11.31
N THR H 209 -23.86 -0.31 12.56
CA THR H 209 -25.22 0.08 12.91
C THR H 209 -25.24 1.36 13.73
N SER H 210 -26.23 2.21 13.49
CA SER H 210 -26.31 3.52 14.14
C SER H 210 -27.73 3.88 14.58
N PHE H 211 -27.82 4.61 15.68
CA PHE H 211 -29.08 4.95 16.34
C PHE H 211 -29.00 6.39 16.85
N ILE H 212 -30.15 7.06 16.95
CA ILE H 212 -30.18 8.49 17.28
C ILE H 212 -31.48 8.96 17.96
N VAL H 213 -31.33 9.84 18.97
CA VAL H 213 -32.45 10.46 19.66
C VAL H 213 -32.26 11.98 19.63
N SER H 214 -33.37 12.72 19.54
CA SER H 214 -33.35 14.18 19.61
C SER H 214 -34.56 14.75 20.35
N GLU H 215 -34.30 15.54 21.39
CA GLU H 215 -35.35 16.14 22.20
C GLU H 215 -34.96 17.53 22.69
N ARG H 216 -35.91 18.47 22.64
CA ARG H 216 -35.67 19.86 23.05
C ARG H 216 -35.74 19.97 24.57
N VAL H 217 -34.61 20.34 25.17
CA VAL H 217 -34.50 20.46 26.63
C VAL H 217 -33.94 21.83 27.02
N ASP H 218 -34.64 22.51 27.92
CA ASP H 218 -34.22 23.82 28.41
C ASP H 218 -33.42 23.69 29.70
N LEU H 219 -32.10 23.82 29.58
CA LEU H 219 -31.17 23.58 30.69
C LEU H 219 -31.49 24.41 31.94
N THR H 220 -31.88 25.67 31.72
CA THR H 220 -32.07 26.66 32.78
C THR H 220 -32.96 26.19 33.94
N SER H 221 -33.98 25.40 33.62
CA SER H 221 -34.89 24.86 34.62
C SER H 221 -34.30 23.62 35.29
N VAL H 222 -33.72 22.73 34.47
CA VAL H 222 -33.26 21.42 34.94
C VAL H 222 -31.94 21.47 35.71
N LEU H 223 -30.94 22.13 35.13
CA LEU H 223 -29.59 22.14 35.70
C LEU H 223 -29.24 23.49 36.35
N PRO H 224 -28.43 23.47 37.43
CA PRO H 224 -27.98 24.74 38.01
C PRO H 224 -26.99 25.46 37.08
N GLU H 225 -26.46 26.58 37.53
CA GLU H 225 -25.47 27.32 36.73
C GLU H 225 -24.19 26.50 36.52
N TRP H 226 -23.74 25.85 37.59
CA TRP H 226 -22.51 25.05 37.58
C TRP H 226 -22.78 23.57 37.78
N VAL H 227 -22.16 22.73 36.95
CA VAL H 227 -22.36 21.28 37.02
C VAL H 227 -21.05 20.48 36.86
N SER H 228 -21.02 19.30 37.46
CA SER H 228 -19.93 18.35 37.29
C SER H 228 -20.26 17.38 36.15
N VAL H 229 -19.38 17.30 35.17
CA VAL H 229 -19.60 16.51 33.96
C VAL H 229 -18.92 15.13 34.08
N GLY H 230 -19.70 14.06 33.94
CA GLY H 230 -19.15 12.71 33.95
C GLY H 230 -20.10 11.54 33.72
N PHE H 231 -19.80 10.42 34.38
CA PHE H 231 -20.49 9.14 34.15
C PHE H 231 -21.14 8.56 35.41
N SER H 232 -22.06 7.62 35.19
CA SER H 232 -22.68 6.86 36.26
C SER H 232 -23.13 5.50 35.73
N ALA H 233 -22.70 4.45 36.42
CA ALA H 233 -23.00 3.07 36.00
C ALA H 233 -23.33 2.17 37.18
N THR H 234 -24.23 1.22 36.95
CA THR H 234 -24.68 0.28 37.98
C THR H 234 -24.94 -1.12 37.44
N THR H 235 -24.90 -2.11 38.32
CA THR H 235 -25.31 -3.48 38.01
C THR H 235 -26.71 -3.78 38.60
N GLY H 236 -27.07 -5.05 38.73
CA GLY H 236 -28.44 -5.42 39.14
C GLY H 236 -28.62 -5.85 40.58
N LEU H 237 -29.89 -6.10 40.95
CA LEU H 237 -30.26 -6.60 42.28
C LEU H 237 -29.83 -8.06 42.46
N SER H 238 -30.30 -8.93 41.55
CA SER H 238 -30.00 -10.36 41.57
C SER H 238 -28.51 -10.63 41.28
N LYS H 239 -27.98 -11.67 41.92
CA LYS H 239 -26.57 -12.01 41.84
C LYS H 239 -26.12 -12.43 40.43
N GLY H 240 -27.01 -13.10 39.71
CA GLY H 240 -26.73 -13.55 38.34
C GLY H 240 -26.74 -12.43 37.30
N TYR H 241 -27.49 -11.36 37.58
CA TYR H 241 -27.68 -10.25 36.64
C TYR H 241 -26.52 -9.26 36.66
N VAL H 242 -25.46 -9.59 35.93
CA VAL H 242 -24.22 -8.80 35.92
C VAL H 242 -23.78 -8.35 34.53
N GLU H 243 -22.91 -7.33 34.49
CA GLU H 243 -22.29 -6.82 33.26
C GLU H 243 -21.15 -5.86 33.56
N THR H 244 -20.15 -5.81 32.68
CA THR H 244 -19.04 -4.86 32.82
C THR H 244 -19.39 -3.52 32.22
N ASN H 245 -19.12 -2.45 32.97
CA ASN H 245 -19.37 -1.08 32.53
C ASN H 245 -18.05 -0.33 32.44
N GLU H 246 -17.55 -0.20 31.22
CA GLU H 246 -16.24 0.40 30.97
C GLU H 246 -16.26 1.43 29.86
N VAL H 247 -15.56 2.54 30.08
CA VAL H 247 -15.36 3.59 29.09
C VAL H 247 -13.90 3.59 28.69
N LEU H 248 -13.64 3.68 27.39
CA LEU H 248 -12.28 3.54 26.85
C LEU H 248 -11.61 4.87 26.56
N SER H 249 -12.42 5.88 26.22
CA SER H 249 -11.93 7.21 25.87
C SER H 249 -13.01 8.23 26.21
N TRP H 250 -12.65 9.50 26.35
CA TRP H 250 -13.64 10.54 26.64
C TRP H 250 -13.22 11.92 26.14
N SER H 251 -14.13 12.59 25.46
CA SER H 251 -13.96 13.97 25.01
C SER H 251 -15.12 14.82 25.48
N PHE H 252 -14.80 16.06 25.87
CA PHE H 252 -15.82 17.04 26.20
C PHE H 252 -15.38 18.43 25.80
N ALA H 253 -16.32 19.20 25.25
CA ALA H 253 -16.11 20.60 24.92
C ALA H 253 -17.37 21.40 25.26
N SER H 254 -17.18 22.53 25.92
CA SER H 254 -18.28 23.45 26.24
C SER H 254 -17.88 24.88 25.93
N LYS H 255 -18.80 25.62 25.31
CA LYS H 255 -18.59 27.01 24.98
C LYS H 255 -19.70 27.86 25.57
N LEU H 256 -19.40 28.58 26.65
CA LEU H 256 -20.34 29.51 27.25
C LEU H 256 -20.08 30.92 26.73
N SER H 257 -20.91 31.35 25.77
CA SER H 257 -20.79 32.67 25.20
C SER H 257 -21.39 33.71 26.15
N ILE H 258 -20.54 34.63 26.61
CA ILE H 258 -20.97 35.69 27.53
C ILE H 258 -22.03 36.61 26.92
N ASN H 259 -22.10 36.63 25.59
CA ASN H 259 -23.10 37.41 24.87
C ASN H 259 -24.30 36.54 24.48
N LYS H 260 -25.50 37.03 24.77
CA LYS H 260 -26.73 36.36 24.38
C LYS H 260 -27.19 36.82 22.98
N GLU H 261 -26.29 36.68 22.00
CA GLU H 261 -26.55 37.09 20.62
C GLU H 261 -27.13 35.94 19.80
N ASN H 265 -21.91 25.11 18.24
CA ASN H 265 -20.55 24.62 18.29
C ASN H 265 -20.16 23.88 17.02
N LYS H 266 -18.87 23.89 16.68
CA LYS H 266 -18.38 23.20 15.51
C LYS H 266 -18.13 21.72 15.81
N LEU H 267 -19.18 20.92 15.69
CA LEU H 267 -19.09 19.48 15.94
C LEU H 267 -18.13 18.83 14.96
N ALA H 268 -17.95 19.46 13.81
CA ALA H 268 -17.05 18.96 12.79
C ALA H 268 -15.60 19.02 13.26
N ILE H 269 -15.25 20.14 13.88
CA ILE H 269 -13.87 20.36 14.31
C ILE H 269 -13.59 19.80 15.71
N PHE H 270 -14.62 19.27 16.35
CA PHE H 270 -14.48 18.74 17.71
C PHE H 270 -14.26 17.24 17.77
N ASN H 271 -14.98 16.51 16.93
CA ASN H 271 -14.97 15.04 16.98
C ASN H 271 -13.65 14.41 16.54
N LEU H 272 -12.96 15.07 15.61
CA LEU H 272 -11.64 14.61 15.19
C LEU H 272 -10.60 14.98 16.25
N GLU H 273 -10.32 16.28 16.35
CA GLU H 273 -9.40 16.77 17.36
C GLU H 273 -9.61 15.98 18.65
N GLY H 274 -10.83 15.50 18.85
CA GLY H 274 -11.18 14.72 20.02
C GLY H 274 -11.09 13.22 19.79
N LYS H 275 -12.24 12.57 19.69
CA LYS H 275 -12.29 11.11 19.48
C LYS H 275 -11.13 10.59 18.65
N ALA H 276 -11.01 11.07 17.42
CA ALA H 276 -9.99 10.60 16.50
C ALA H 276 -8.59 11.01 16.93
#